data_5HCD
#
_entry.id   5HCD
#
_cell.length_a   105.954
_cell.length_b   140.207
_cell.length_c   209.792
_cell.angle_alpha   90.00
_cell.angle_beta   90.00
_cell.angle_gamma   90.00
#
_symmetry.space_group_name_H-M   'P 21 21 21'
#
loop_
_entity.id
_entity.type
_entity.pdbx_description
1 polymer 'Complement C5'
2 polymer 'Complement C5'
3 polymer 'Complement inhibitor'
4 polymer 'Rhipicephalus microplus RaCI2'
5 branched 2-acetamido-2-deoxy-beta-D-glucopyranose-(1-4)-2-acetamido-2-deoxy-beta-D-glucopyranose
6 non-polymer CYSTEINE
#
loop_
_entity_poly.entity_id
_entity_poly.type
_entity_poly.pdbx_seq_one_letter_code
_entity_poly.pdbx_strand_id
1 'polypeptide(L)'
;QEQTYVISAPKIFRVGASENIVIQVYGYTEAFDATISIKSYPDKKFSYSSGHVHLSSENKFQNSAILTIQPKQLPGGQNP
VSYVYLEVVSKHFSKSKRMPITYDNGFLFIHTDKPVYTPDQSVKVRVYSLNDDLKPAKRETVLTFIDPEGSEVDMVEEID
HIGIISFPDFKIPSNPRYGMWTIKAKYKEDFSTTGTAYFEVKEYVLPHFSVSIEPEYNFIGYKNFKNFEITIKARYFYNK
VVTEADVYITFGIREDLKDDQKEMMQTAMQNTMLINGIAQVTFDSETAVKELSYYSLEDLNNKYLYIAVTVIESTGGFSE
EAEIPGIKYVLSPYKLNLVATPLFLKPGIPYPIKVQVKDSLDQLVGGVPVTLNAQTIDVNQETSDLDPSKSVTRVDDGVA
SFVLNLPSGVTVLEFNVKTDAPDLPEENQAREGYRAIAYSSLSQSYLYIDWTDNHKALLVGEHLNIIVTPKSPYIDKITH
YNYLILSKGKIIHFGTREKFSDASYQSINIPVTQNMVPSSRLLVYYIVTGEQTAELVSDSVWLNIEEKCGNQLQVHLSPD
ADAYSPGQTVSLNMATGMDSWVALAAVDSAVYGVQRGAKKPLERVFQFLEKSDLGCGAGGGLNNANVFHLAGLTFLTNAN
ADDSQENDEPCKEILR
;
B
2 'polypeptide(L)'
;LQKKIEEIAAKYKHSVVKKCCYDGACVNNDETCEQRAARISLGPRCIKAFTECCVVASQLRANISHKDMQLGRLHMKTLL
PVSKPEIRSYFPESWLWEVHLVPRRKQLQFALPDSLTTWEIQGVGISNTGICVADTVKAKVFKDVFLEMNIPYSVVRGEQ
IQLKGTVYNYRTSGMQFCVKMSAVEGICTSESPVIDHQGTKSSKCVRQKVEGSSSHLVTFTVLPLEIGLHNINFSLETWF
GKEILVKTLRVVPEGVKRESYSGVTLDPRGIYGTISRRKEFPYRIPLDLVPKTEIKRILSVKGLLVGEILSAVLSQEGIN
ILTHLPKGSAEAELMSVVPVFYVFHYLETGNHWNIFHSDPLIEKQKLKKKLKEGMLSIMSYRNADYSYSVWKGGSASTWL
TAFALRVLGQVNKYVEQNQNSICNSLLWLVENYQLDNGSFKENSQYQPIKLQGTLPVEARENSLYLTAFTVIGIRKAFDI
CPLVKIDTALIKADNFLLENTLPAQSTFTLAISAYALSLGDKTHPQFRSIVSALKREALVKGNPPIYRFWKDNLQHKDSS
VPNTGTARMVETTAYALLTSLNLKDINYVNPVIKWLSEEQRYGGGFYSTQDTINAIEGLTEYSLLVKQLRLSMDIDVSYK
HKGALHNYKMTDKNFLGRPVEVLLNDDLIVSTGFGSGLATVHVTTVVHKTSTSEEVCSFYLKIDTQDIEASHYRGYGNSD
YKRIVACASYKPSREESSSGSSHAVMDISLPTGISANEEDLKALVEGVDQLFTDYQIKDGHVILQLNSIPSSDFLCVRFR
IFELFEVGFLSPATFTVYEYHRPDKQCTMFYSTSNIKIQKVCEGAACKCVEADCGQMQEELDLTISAETRKQTACKPEIA
YAYKVSITSITVENVFVKYKATLLDIYKTGEAVAEKDSEITFIKKVTCTNAELVKGRQYLIMGKEALQIKYNFSFRYIYP
LDSLTWIEYWPRDTTCSSCQAFLANLDEFAEDIFLNGC
;
A
3 'polypeptide(L)'
;MASHHHHHHHHHHSGDSESDCTGSEPVDAFQAFSEGKEAYVLVRSTDPKARDCLKGEPAGEKQDNTLPVMMTFKQGTDWA
STDWTFTLDGAKVTATLGQLTQNREVVYDSQSHHCHVDKVEKEVPDYEMWMLDAGGLEVEVECCRQKLEELASGRNQMYP
HLKDC
;
C
4 'polypeptide(L)' GPMEEANTTPISVKDQCANVTCRRTVDNRGKRHIDGCPPGCLCVLKGPDSKDNLDGTCYLLATTPKSTTTSTEQSFNMEE D
#
loop_
_chem_comp.id
_chem_comp.type
_chem_comp.name
_chem_comp.formula
NAG D-saccharide, beta linking 2-acetamido-2-deoxy-beta-D-glucopyranose 'C8 H15 N O6'
#
# COMPACT_ATOMS: atom_id res chain seq x y z
N GLU A 2 5.52 -77.29 13.52
CA GLU A 2 5.44 -76.06 12.76
C GLU A 2 5.68 -74.81 13.59
N GLN A 3 6.69 -74.03 13.20
CA GLN A 3 7.02 -72.80 13.90
C GLN A 3 6.99 -71.63 12.93
N THR A 4 6.41 -70.52 13.37
CA THR A 4 6.16 -69.36 12.52
C THR A 4 6.61 -68.08 13.21
N TYR A 5 6.84 -67.01 12.42
CA TYR A 5 7.17 -65.68 12.95
C TYR A 5 6.48 -64.61 12.11
N VAL A 6 6.02 -63.54 12.77
CA VAL A 6 5.31 -62.44 12.15
C VAL A 6 5.93 -61.11 12.58
N ILE A 7 6.45 -60.34 11.63
CA ILE A 7 7.04 -59.03 11.87
C ILE A 7 6.10 -57.98 11.30
N SER A 8 5.59 -57.09 12.14
CA SER A 8 4.65 -56.06 11.72
C SER A 8 5.30 -54.68 11.81
N ALA A 9 5.25 -53.94 10.70
CA ALA A 9 5.79 -52.59 10.60
C ALA A 9 4.80 -51.72 9.84
N PRO A 10 4.91 -50.39 9.96
CA PRO A 10 4.09 -49.50 9.14
C PRO A 10 4.34 -49.76 7.66
N LYS A 11 3.32 -49.48 6.84
CA LYS A 11 3.47 -49.72 5.41
C LYS A 11 4.68 -49.00 4.85
N ILE A 12 4.96 -47.81 5.36
CA ILE A 12 6.04 -46.97 4.86
C ILE A 12 6.84 -46.47 6.06
N PHE A 13 8.15 -46.34 5.89
CA PHE A 13 8.96 -45.73 6.93
C PHE A 13 9.03 -44.24 6.72
N ARG A 14 8.97 -43.50 7.82
CA ARG A 14 8.93 -42.05 7.78
C ARG A 14 10.22 -41.52 8.39
N VAL A 15 11.01 -40.80 7.59
CA VAL A 15 12.30 -40.31 8.05
C VAL A 15 12.13 -39.50 9.32
N GLY A 16 12.93 -39.81 10.32
CA GLY A 16 12.88 -39.07 11.57
C GLY A 16 11.81 -39.56 12.53
N ALA A 17 10.91 -40.43 12.11
CA ALA A 17 9.88 -40.92 13.00
C ALA A 17 10.38 -42.11 13.80
N SER A 18 9.89 -42.21 15.03
CA SER A 18 10.13 -43.39 15.88
C SER A 18 9.15 -44.45 15.43
N GLU A 19 9.60 -45.35 14.57
CA GLU A 19 8.76 -46.39 14.00
C GLU A 19 8.84 -47.62 14.89
N ASN A 20 7.70 -48.07 15.39
CA ASN A 20 7.62 -49.22 16.27
C ASN A 20 7.41 -50.49 15.45
N ILE A 21 8.29 -51.47 15.65
CA ILE A 21 8.29 -52.72 14.91
C ILE A 21 7.95 -53.84 15.88
N VAL A 22 6.91 -54.61 15.58
CA VAL A 22 6.43 -55.68 16.44
C VAL A 22 6.92 -57.01 15.91
N ILE A 23 7.34 -57.90 16.79
CA ILE A 23 7.70 -59.26 16.43
C ILE A 23 6.90 -60.23 17.28
N GLN A 24 6.25 -61.18 16.64
CA GLN A 24 5.41 -62.19 17.30
C GLN A 24 5.72 -63.56 16.71
N VAL A 25 6.33 -64.44 17.51
CA VAL A 25 6.68 -65.77 17.06
C VAL A 25 5.79 -66.82 17.74
N TYR A 26 5.68 -67.99 17.09
CA TYR A 26 4.76 -69.05 17.51
C TYR A 26 5.37 -70.42 17.26
N GLY A 27 5.12 -71.36 18.18
CA GLY A 27 5.64 -72.70 18.10
C GLY A 27 6.93 -72.92 18.86
N TYR A 28 7.57 -71.86 19.31
CA TYR A 28 8.83 -71.95 20.02
C TYR A 28 8.56 -72.05 21.51
N THR A 29 9.23 -73.00 22.17
CA THR A 29 9.12 -73.18 23.60
C THR A 29 10.35 -72.71 24.37
N GLU A 30 11.51 -72.71 23.72
CA GLU A 30 12.74 -72.23 24.32
C GLU A 30 12.97 -70.78 23.93
N ALA A 31 13.41 -69.97 24.90
CA ALA A 31 13.63 -68.55 24.68
C ALA A 31 14.80 -68.30 23.74
N PHE A 32 14.75 -67.17 23.03
CA PHE A 32 15.83 -66.77 22.14
C PHE A 32 15.73 -65.27 21.84
N ASP A 33 16.84 -64.70 21.37
CA ASP A 33 16.91 -63.28 21.04
C ASP A 33 16.86 -63.06 19.53
N ALA A 34 16.35 -61.89 19.14
CA ALA A 34 16.22 -61.51 17.74
C ALA A 34 16.61 -60.05 17.55
N THR A 35 17.32 -59.76 16.47
CA THR A 35 17.77 -58.43 16.12
C THR A 35 16.92 -57.88 14.97
N ILE A 36 16.22 -56.76 15.23
CA ILE A 36 15.48 -56.02 14.20
C ILE A 36 16.35 -54.86 13.77
N SER A 37 16.39 -54.58 12.47
CA SER A 37 17.38 -53.65 11.97
C SER A 37 16.84 -52.94 10.74
N ILE A 38 17.15 -51.64 10.62
CA ILE A 38 16.92 -50.89 9.39
C ILE A 38 18.28 -50.52 8.81
N LYS A 39 18.59 -51.08 7.65
CA LYS A 39 19.87 -50.95 7.00
C LYS A 39 19.69 -50.32 5.62
N SER A 40 20.79 -50.07 4.93
CA SER A 40 20.78 -49.43 3.63
C SER A 40 20.45 -50.43 2.52
N TYR A 41 19.75 -49.96 1.49
CA TYR A 41 19.33 -50.80 0.36
C TYR A 41 20.20 -50.51 -0.85
N PRO A 42 20.67 -51.56 -1.54
CA PRO A 42 20.42 -52.95 -1.20
C PRO A 42 21.57 -53.66 -0.53
N ASP A 43 22.65 -52.93 -0.27
CA ASP A 43 23.88 -53.56 0.17
C ASP A 43 23.87 -53.93 1.65
N LYS A 44 23.06 -53.28 2.46
CA LYS A 44 23.03 -53.50 3.89
C LYS A 44 24.37 -53.18 4.54
N LYS A 45 25.18 -52.36 3.86
CA LYS A 45 26.47 -51.95 4.42
C LYS A 45 26.30 -51.04 5.63
N PHE A 46 25.35 -50.11 5.56
CA PHE A 46 25.10 -49.15 6.63
C PHE A 46 23.87 -49.52 7.44
N SER A 47 23.98 -49.38 8.76
CA SER A 47 22.88 -49.67 9.68
C SER A 47 22.27 -48.38 10.21
N TYR A 48 21.11 -48.03 9.68
CA TYR A 48 20.44 -46.83 10.15
C TYR A 48 20.03 -46.96 11.61
N SER A 49 19.55 -48.14 12.01
CA SER A 49 19.34 -48.42 13.44
C SER A 49 19.06 -49.90 13.60
N SER A 50 19.04 -50.35 14.85
CA SER A 50 18.80 -51.75 15.18
C SER A 50 18.50 -51.88 16.66
N GLY A 51 17.78 -52.95 17.01
CA GLY A 51 17.44 -53.23 18.39
C GLY A 51 17.34 -54.71 18.65
N HIS A 52 17.67 -55.12 19.87
CA HIS A 52 17.58 -56.51 20.30
C HIS A 52 16.31 -56.74 21.11
N VAL A 53 15.60 -57.81 20.82
CA VAL A 53 14.39 -58.17 21.55
C VAL A 53 14.52 -59.61 22.03
N HIS A 54 14.14 -59.86 23.28
CA HIS A 54 14.18 -61.18 23.88
C HIS A 54 12.79 -61.80 23.81
N LEU A 55 12.72 -63.07 23.46
CA LEU A 55 11.46 -63.79 23.33
C LEU A 55 11.46 -65.00 24.25
N SER A 56 10.49 -65.06 25.16
CA SER A 56 10.44 -66.11 26.16
C SER A 56 9.00 -66.38 26.59
N SER A 57 8.84 -67.38 27.46
CA SER A 57 7.52 -67.66 28.02
C SER A 57 7.08 -66.51 28.92
N GLU A 58 8.02 -65.93 29.67
CA GLU A 58 7.76 -64.69 30.40
C GLU A 58 7.27 -63.60 29.45
N ASN A 59 7.78 -63.61 28.22
CA ASN A 59 7.45 -62.63 27.18
C ASN A 59 6.27 -63.02 26.31
N LYS A 60 5.74 -64.22 26.48
CA LYS A 60 4.74 -64.80 25.58
C LYS A 60 5.22 -64.80 24.14
N PHE A 61 6.54 -64.77 23.97
CA PHE A 61 7.18 -64.79 22.66
C PHE A 61 6.68 -63.68 21.74
N GLN A 62 6.54 -62.48 22.30
CA GLN A 62 6.17 -61.29 21.56
C GLN A 62 6.95 -60.11 22.13
N ASN A 63 7.48 -59.26 21.25
CA ASN A 63 8.27 -58.13 21.71
C ASN A 63 8.19 -57.01 20.68
N SER A 64 8.73 -55.86 21.05
CA SER A 64 8.66 -54.65 20.23
C SER A 64 9.98 -53.92 20.26
N ALA A 65 10.32 -53.26 19.16
CA ALA A 65 11.55 -52.48 19.07
C ALA A 65 11.30 -51.24 18.23
N ILE A 66 11.73 -50.08 18.75
CA ILE A 66 11.52 -48.79 18.10
C ILE A 66 12.78 -48.39 17.37
N LEU A 67 12.70 -48.28 16.04
CA LEU A 67 13.82 -47.87 15.21
C LEU A 67 13.55 -46.48 14.66
N THR A 68 14.62 -45.80 14.26
CA THR A 68 14.55 -44.42 13.78
C THR A 68 15.56 -44.20 12.66
N ILE A 69 15.09 -43.76 11.51
CA ILE A 69 15.96 -43.36 10.42
C ILE A 69 16.35 -41.91 10.65
N GLN A 70 17.60 -41.68 11.05
CA GLN A 70 18.06 -40.32 11.31
C GLN A 70 18.18 -39.57 9.99
N PRO A 71 17.62 -38.37 9.90
CA PRO A 71 17.71 -37.61 8.63
C PRO A 71 19.12 -37.32 8.19
N LYS A 72 19.99 -36.99 9.13
CA LYS A 72 21.37 -36.69 8.80
C LYS A 72 22.13 -37.87 8.23
N GLN A 73 21.67 -39.08 8.44
CA GLN A 73 22.33 -40.27 7.93
C GLN A 73 21.99 -40.57 6.48
N LEU A 74 21.25 -39.71 5.85
CA LEU A 74 20.88 -39.91 4.46
C LEU A 74 21.55 -38.89 3.57
N PRO A 75 22.07 -39.31 2.41
CA PRO A 75 22.68 -38.37 1.47
C PRO A 75 21.68 -37.35 0.98
N GLY A 76 22.20 -36.28 0.37
CA GLY A 76 21.37 -35.19 -0.10
C GLY A 76 21.60 -34.84 -1.55
N GLY A 77 20.53 -34.42 -2.20
CA GLY A 77 20.61 -33.86 -3.54
C GLY A 77 20.26 -34.77 -4.70
N GLN A 78 21.28 -35.30 -5.36
CA GLN A 78 21.10 -35.86 -6.69
C GLN A 78 20.49 -37.26 -6.63
N ASN A 79 21.08 -38.13 -5.82
CA ASN A 79 20.64 -39.52 -5.74
C ASN A 79 20.17 -39.78 -4.31
N PRO A 80 19.02 -39.22 -3.94
CA PRO A 80 18.57 -39.36 -2.55
C PRO A 80 18.00 -40.75 -2.34
N VAL A 81 18.00 -41.18 -1.08
CA VAL A 81 17.53 -42.51 -0.76
C VAL A 81 16.03 -42.54 -0.90
N SER A 82 15.52 -43.59 -1.55
CA SER A 82 14.09 -43.84 -1.63
C SER A 82 13.66 -45.05 -0.85
N TYR A 83 14.56 -46.02 -0.64
CA TYR A 83 14.24 -47.27 0.02
C TYR A 83 15.28 -47.61 1.09
N VAL A 84 14.84 -48.37 2.09
CA VAL A 84 15.72 -48.96 3.09
C VAL A 84 15.35 -50.43 3.22
N TYR A 85 16.18 -51.19 3.93
CA TYR A 85 15.95 -52.61 4.17
C TYR A 85 15.52 -52.81 5.62
N LEU A 86 14.37 -53.44 5.83
CA LEU A 86 13.97 -53.95 7.14
C LEU A 86 14.44 -55.40 7.25
N GLU A 87 15.19 -55.72 8.30
CA GLU A 87 15.84 -57.01 8.45
C GLU A 87 15.60 -57.56 9.86
N VAL A 88 15.26 -58.83 9.96
CA VAL A 88 15.13 -59.53 11.23
C VAL A 88 16.04 -60.75 11.20
N VAL A 89 16.90 -60.90 12.21
CA VAL A 89 17.85 -62.00 12.29
C VAL A 89 17.75 -62.68 13.66
N SER A 90 17.77 -64.02 13.66
CA SER A 90 17.77 -64.79 14.89
C SER A 90 18.44 -66.14 14.66
N LYS A 91 18.51 -66.94 15.73
CA LYS A 91 19.05 -68.30 15.61
C LYS A 91 18.27 -69.12 14.60
N HIS A 92 16.98 -68.85 14.45
CA HIS A 92 16.07 -69.68 13.68
C HIS A 92 15.85 -69.17 12.25
N PHE A 93 15.80 -67.84 12.06
CA PHE A 93 15.39 -67.28 10.78
C PHE A 93 16.11 -65.95 10.54
N SER A 94 16.14 -65.54 9.26
CA SER A 94 16.68 -64.24 8.86
C SER A 94 15.93 -63.82 7.61
N LYS A 95 15.13 -62.76 7.71
CA LYS A 95 14.28 -62.30 6.63
C LYS A 95 14.37 -60.79 6.49
N SER A 96 14.41 -60.29 5.25
CA SER A 96 14.48 -58.86 5.00
C SER A 96 13.45 -58.46 3.95
N LYS A 97 13.22 -57.16 3.83
CA LYS A 97 12.21 -56.60 2.92
C LYS A 97 12.55 -55.18 2.57
N ARG A 98 12.24 -54.80 1.34
CA ARG A 98 12.47 -53.44 0.86
C ARG A 98 11.32 -52.55 1.28
N MET A 99 11.62 -51.49 2.03
CA MET A 99 10.63 -50.56 2.55
C MET A 99 10.85 -49.19 1.95
N PRO A 100 9.83 -48.58 1.34
CA PRO A 100 9.97 -47.19 0.88
C PRO A 100 9.96 -46.22 2.05
N ILE A 101 10.63 -45.08 1.85
CA ILE A 101 10.64 -44.01 2.85
C ILE A 101 10.07 -42.74 2.25
N THR A 102 9.48 -41.92 3.11
CA THR A 102 9.05 -40.58 2.76
C THR A 102 9.76 -39.60 3.65
N TYR A 103 10.03 -38.41 3.11
CA TYR A 103 10.65 -37.34 3.88
C TYR A 103 9.61 -36.39 4.45
N ASP A 104 8.35 -36.79 4.49
CA ASP A 104 7.27 -36.01 5.05
C ASP A 104 7.15 -36.41 6.51
N ASN A 105 7.47 -35.49 7.41
CA ASN A 105 7.44 -35.74 8.85
C ASN A 105 6.87 -34.51 9.52
N GLY A 106 5.77 -34.67 10.24
CA GLY A 106 5.21 -33.59 11.01
C GLY A 106 4.09 -32.84 10.32
N PHE A 107 3.72 -31.72 10.93
CA PHE A 107 2.64 -30.87 10.48
C PHE A 107 2.97 -29.41 10.71
N LEU A 108 2.65 -28.57 9.73
CA LEU A 108 2.89 -27.12 9.77
C LEU A 108 1.58 -26.44 9.49
N PHE A 109 0.94 -25.91 10.52
CA PHE A 109 -0.32 -25.20 10.39
C PHE A 109 -0.02 -23.70 10.35
N ILE A 110 -0.32 -23.07 9.23
CA ILE A 110 -0.13 -21.63 9.06
C ILE A 110 -1.41 -20.93 9.49
N HIS A 111 -1.30 -20.05 10.47
CA HIS A 111 -2.43 -19.32 11.02
C HIS A 111 -2.22 -17.83 10.80
N THR A 112 -3.04 -17.24 9.93
CA THR A 112 -3.12 -15.80 9.79
C THR A 112 -4.33 -15.28 10.53
N ASP A 113 -4.23 -14.05 11.03
CA ASP A 113 -5.29 -13.54 11.90
C ASP A 113 -6.61 -13.41 11.16
N LYS A 114 -6.57 -12.95 9.92
CA LYS A 114 -7.78 -12.78 9.12
C LYS A 114 -7.57 -13.47 7.78
N PRO A 115 -8.65 -13.81 7.08
CA PRO A 115 -8.51 -14.36 5.72
C PRO A 115 -8.59 -13.35 4.60
N VAL A 116 -8.98 -12.12 4.89
CA VAL A 116 -9.12 -11.05 3.89
C VAL A 116 -8.49 -9.80 4.45
N TYR A 117 -7.69 -9.11 3.63
CA TYR A 117 -7.02 -7.90 4.06
C TYR A 117 -7.24 -6.81 3.02
N THR A 118 -7.23 -5.57 3.50
CA THR A 118 -7.28 -4.36 2.70
C THR A 118 -5.94 -3.63 2.76
N PRO A 119 -5.66 -2.74 1.81
CA PRO A 119 -4.34 -2.10 1.77
C PRO A 119 -3.97 -1.41 3.07
N ASP A 120 -2.66 -1.34 3.32
CA ASP A 120 -2.04 -0.75 4.50
C ASP A 120 -2.26 -1.56 5.77
N GLN A 121 -3.02 -2.65 5.73
CA GLN A 121 -3.18 -3.51 6.89
C GLN A 121 -1.96 -4.39 7.10
N SER A 122 -1.85 -4.95 8.30
CA SER A 122 -0.75 -5.84 8.64
C SER A 122 -1.28 -7.23 8.92
N VAL A 123 -0.73 -8.23 8.25
CA VAL A 123 -1.11 -9.62 8.43
C VAL A 123 -0.33 -10.21 9.59
N LYS A 124 -1.02 -10.58 10.65
CA LYS A 124 -0.42 -11.33 11.73
C LYS A 124 -0.38 -12.81 11.39
N VAL A 125 0.79 -13.46 11.51
CA VAL A 125 0.95 -14.84 11.05
C VAL A 125 1.84 -15.61 12.02
N ARG A 126 1.39 -16.78 12.44
CA ARG A 126 2.24 -17.72 13.17
C ARG A 126 2.01 -19.12 12.64
N VAL A 127 2.92 -20.03 12.98
CA VAL A 127 2.91 -21.40 12.49
C VAL A 127 2.95 -22.33 13.70
N TYR A 128 2.03 -23.28 13.76
CA TYR A 128 2.09 -24.36 14.73
C TYR A 128 2.81 -25.55 14.11
N SER A 129 3.89 -26.01 14.73
CA SER A 129 4.75 -27.01 14.12
C SER A 129 4.85 -28.22 15.02
N LEU A 130 4.35 -29.36 14.56
CA LEU A 130 4.44 -30.60 15.31
C LEU A 130 5.25 -31.62 14.51
N ASN A 131 5.93 -32.53 15.21
CA ASN A 131 6.62 -33.63 14.54
C ASN A 131 5.67 -34.79 14.29
N ASP A 132 6.19 -35.93 13.83
CA ASP A 132 5.33 -37.05 13.49
C ASP A 132 4.59 -37.58 14.70
N ASP A 133 5.16 -37.44 15.89
CA ASP A 133 4.55 -37.86 17.14
C ASP A 133 3.67 -36.79 17.76
N LEU A 134 3.28 -35.76 17.00
CA LEU A 134 2.39 -34.69 17.49
C LEU A 134 2.95 -33.97 18.71
N LYS A 135 4.22 -33.62 18.64
CA LYS A 135 4.91 -32.87 19.68
C LYS A 135 5.62 -31.69 19.06
N PRO A 136 5.88 -30.64 19.83
CA PRO A 136 6.57 -29.48 19.28
C PRO A 136 7.80 -29.87 18.49
N ALA A 137 7.81 -29.55 17.19
CA ALA A 137 8.89 -30.03 16.33
C ALA A 137 10.22 -29.37 16.67
N LYS A 138 10.21 -28.10 17.04
CA LYS A 138 11.42 -27.35 17.35
C LYS A 138 12.40 -27.37 16.18
N ARG A 139 11.87 -27.34 14.97
CA ARG A 139 12.68 -27.26 13.77
C ARG A 139 12.53 -25.87 13.19
N GLU A 140 13.62 -25.31 12.68
CA GLU A 140 13.52 -24.00 12.09
C GLU A 140 12.72 -24.08 10.81
N THR A 141 11.88 -23.07 10.59
CA THR A 141 10.84 -23.08 9.57
C THR A 141 10.99 -21.89 8.65
N VAL A 142 10.70 -22.09 7.37
CA VAL A 142 10.80 -21.08 6.32
C VAL A 142 9.42 -20.80 5.78
N LEU A 143 9.02 -19.54 5.80
CA LEU A 143 7.77 -19.06 5.23
C LEU A 143 8.05 -18.33 3.93
N THR A 144 7.24 -18.60 2.92
CA THR A 144 7.31 -17.96 1.62
C THR A 144 5.97 -17.33 1.33
N PHE A 145 5.98 -16.14 0.74
CA PHE A 145 4.76 -15.43 0.38
C PHE A 145 4.70 -15.36 -1.13
N ILE A 146 3.62 -15.85 -1.71
CA ILE A 146 3.40 -15.81 -3.15
C ILE A 146 2.21 -14.92 -3.45
N ASP A 147 2.40 -13.96 -4.35
CA ASP A 147 1.36 -12.99 -4.68
C ASP A 147 0.46 -13.59 -5.74
N PRO A 148 -0.67 -12.95 -6.06
CA PRO A 148 -1.58 -13.52 -7.04
C PRO A 148 -0.98 -13.82 -8.40
N GLU A 149 0.21 -13.34 -8.71
CA GLU A 149 0.82 -13.61 -9.99
C GLU A 149 1.85 -14.73 -9.93
N GLY A 150 1.97 -15.42 -8.79
CA GLY A 150 2.86 -16.55 -8.67
C GLY A 150 4.28 -16.21 -8.32
N SER A 151 4.56 -14.99 -7.89
CA SER A 151 5.90 -14.55 -7.55
C SER A 151 6.20 -14.75 -6.07
N GLU A 152 7.33 -15.34 -5.79
CA GLU A 152 7.80 -15.41 -4.43
C GLU A 152 8.34 -14.05 -4.05
N VAL A 153 7.62 -13.31 -3.21
CA VAL A 153 7.93 -11.92 -2.94
C VAL A 153 8.58 -11.69 -1.58
N ASP A 154 8.53 -12.64 -0.68
CA ASP A 154 9.18 -12.49 0.62
C ASP A 154 9.39 -13.89 1.17
N MET A 155 10.49 -14.09 1.87
CA MET A 155 10.78 -15.34 2.54
C MET A 155 11.41 -15.03 3.87
N VAL A 156 11.01 -15.71 4.92
CA VAL A 156 11.56 -15.45 6.25
C VAL A 156 11.58 -16.75 7.05
N GLU A 157 12.70 -17.02 7.68
CA GLU A 157 12.85 -18.21 8.50
C GLU A 157 13.00 -17.84 9.96
N GLU A 158 12.55 -18.74 10.83
CA GLU A 158 12.59 -18.49 12.26
C GLU A 158 12.82 -19.83 12.94
N ILE A 159 13.61 -19.82 14.02
CA ILE A 159 13.79 -21.05 14.79
C ILE A 159 12.59 -21.24 15.71
N ASP A 160 12.36 -22.49 16.10
CA ASP A 160 11.22 -22.88 16.91
C ASP A 160 11.69 -23.40 18.25
N HIS A 161 11.18 -22.81 19.31
CA HIS A 161 11.53 -23.19 20.67
C HIS A 161 10.46 -24.01 21.36
N ILE A 162 9.20 -23.65 21.18
CA ILE A 162 8.11 -24.22 21.96
C ILE A 162 7.07 -24.92 21.08
N GLY A 163 7.26 -24.96 19.77
CA GLY A 163 6.23 -25.48 18.91
C GLY A 163 5.30 -24.46 18.32
N ILE A 164 5.36 -23.22 18.80
CA ILE A 164 4.65 -22.09 18.24
C ILE A 164 5.70 -21.15 17.67
N ILE A 165 5.61 -20.85 16.39
CA ILE A 165 6.60 -20.02 15.71
C ILE A 165 5.93 -18.72 15.31
N SER A 166 6.35 -17.63 15.94
CA SER A 166 5.83 -16.30 15.64
C SER A 166 6.72 -15.62 14.60
N PHE A 167 6.13 -15.16 13.53
CA PHE A 167 6.84 -14.48 12.47
C PHE A 167 6.55 -12.98 12.48
N PRO A 168 7.44 -12.16 11.94
CA PRO A 168 7.12 -10.74 11.85
C PRO A 168 5.94 -10.55 10.94
N ASP A 169 5.16 -9.51 11.21
CA ASP A 169 3.94 -9.25 10.45
C ASP A 169 4.26 -8.87 9.01
N PHE A 170 3.42 -9.32 8.10
CA PHE A 170 3.59 -9.00 6.69
C PHE A 170 2.71 -7.80 6.41
N LYS A 171 3.32 -6.69 6.04
CA LYS A 171 2.61 -5.44 5.78
C LYS A 171 2.05 -5.45 4.38
N ILE A 172 0.75 -5.28 4.23
CA ILE A 172 0.20 -5.20 2.87
C ILE A 172 0.52 -3.84 2.28
N PRO A 173 1.07 -3.78 1.07
CA PRO A 173 1.44 -2.49 0.50
C PRO A 173 0.26 -1.55 0.33
N SER A 174 0.58 -0.26 0.21
CA SER A 174 -0.47 0.73 0.03
C SER A 174 -1.24 0.49 -1.27
N ASN A 175 -0.54 0.11 -2.35
CA ASN A 175 -1.13 -0.27 -3.63
C ASN A 175 -0.64 -1.67 -4.01
N PRO A 176 -1.27 -2.72 -3.49
CA PRO A 176 -0.71 -4.07 -3.66
C PRO A 176 -1.22 -4.78 -4.91
N ARG A 177 -0.69 -5.98 -5.19
CA ARG A 177 -1.30 -6.83 -6.20
C ARG A 177 -2.51 -7.49 -5.54
N TYR A 178 -3.70 -7.19 -6.05
CA TYR A 178 -4.93 -7.70 -5.47
C TYR A 178 -5.22 -9.11 -5.97
N GLY A 179 -5.86 -9.90 -5.11
CA GLY A 179 -6.18 -11.27 -5.43
C GLY A 179 -5.83 -12.28 -4.34
N MET A 180 -5.58 -13.54 -4.71
CA MET A 180 -5.39 -14.63 -3.76
C MET A 180 -3.91 -14.82 -3.51
N TRP A 181 -3.47 -14.55 -2.29
CA TRP A 181 -2.11 -14.77 -1.86
C TRP A 181 -1.98 -16.13 -1.19
N THR A 182 -0.81 -16.75 -1.36
CA THR A 182 -0.50 -18.06 -0.79
C THR A 182 0.69 -17.95 0.16
N ILE A 183 0.57 -18.55 1.34
CA ILE A 183 1.70 -18.69 2.26
C ILE A 183 2.12 -20.15 2.28
N LYS A 184 3.41 -20.41 2.11
CA LYS A 184 3.94 -21.77 2.10
C LYS A 184 4.94 -21.91 3.22
N ALA A 185 4.69 -22.84 4.15
CA ALA A 185 5.63 -23.18 5.21
C ALA A 185 6.42 -24.42 4.85
N LYS A 186 7.66 -24.47 5.31
CA LYS A 186 8.48 -25.61 4.94
C LYS A 186 9.57 -25.67 6.01
N TYR A 187 10.22 -26.80 6.14
CA TYR A 187 11.36 -26.91 7.03
C TYR A 187 12.65 -26.62 6.30
N LYS A 188 13.59 -25.97 6.98
CA LYS A 188 14.82 -25.60 6.30
C LYS A 188 15.70 -26.82 6.04
N GLU A 189 15.60 -27.84 6.88
CA GLU A 189 16.47 -29.00 6.77
C GLU A 189 15.66 -30.28 6.80
N ASP A 190 16.27 -31.32 6.24
CA ASP A 190 15.99 -32.72 6.54
C ASP A 190 14.68 -33.24 5.95
N PHE A 191 13.61 -32.45 5.97
CA PHE A 191 12.28 -32.97 5.67
C PHE A 191 11.63 -32.23 4.51
N SER A 192 10.61 -32.87 3.96
CA SER A 192 9.84 -32.33 2.84
C SER A 192 8.45 -31.86 3.24
N THR A 193 8.16 -31.80 4.54
CA THR A 193 6.88 -31.34 5.02
C THR A 193 6.58 -29.94 4.53
N THR A 194 5.33 -29.69 4.13
CA THR A 194 4.92 -28.36 3.69
C THR A 194 3.62 -27.99 4.35
N GLY A 195 3.42 -26.71 4.56
CA GLY A 195 2.15 -26.18 5.02
C GLY A 195 1.70 -25.14 4.03
N THR A 196 0.40 -24.88 3.94
CA THR A 196 -0.09 -23.91 2.97
C THR A 196 -1.30 -23.20 3.52
N ALA A 197 -1.34 -21.89 3.36
CA ALA A 197 -2.50 -21.09 3.73
C ALA A 197 -2.76 -20.09 2.63
N TYR A 198 -3.95 -19.51 2.64
CA TYR A 198 -4.33 -18.53 1.64
C TYR A 198 -4.91 -17.31 2.35
N PHE A 199 -4.74 -16.14 1.76
CA PHE A 199 -5.44 -14.94 2.22
C PHE A 199 -5.61 -14.01 1.04
N GLU A 200 -6.76 -13.37 0.95
CA GLU A 200 -7.07 -12.48 -0.16
C GLU A 200 -6.75 -11.03 0.19
N VAL A 201 -6.26 -10.30 -0.80
CA VAL A 201 -6.10 -8.86 -0.71
C VAL A 201 -7.07 -8.22 -1.69
N LYS A 202 -8.05 -7.50 -1.17
CA LYS A 202 -9.09 -6.89 -1.97
C LYS A 202 -9.05 -5.38 -1.85
N GLU A 203 -9.45 -4.69 -2.91
CA GLU A 203 -9.45 -3.24 -2.90
C GLU A 203 -10.71 -2.74 -2.22
N TYR A 204 -10.55 -1.85 -1.26
CA TYR A 204 -11.71 -1.30 -0.58
C TYR A 204 -12.38 -0.28 -1.47
N VAL A 205 -13.70 -0.36 -1.58
CA VAL A 205 -14.50 0.62 -2.30
C VAL A 205 -15.63 1.05 -1.40
N LEU A 206 -15.81 2.35 -1.26
CA LEU A 206 -16.83 2.90 -0.40
C LEU A 206 -18.22 2.58 -0.95
N PRO A 207 -19.07 1.90 -0.20
CA PRO A 207 -20.42 1.59 -0.68
C PRO A 207 -21.41 2.71 -0.41
N HIS A 208 -22.35 2.86 -1.33
CA HIS A 208 -23.38 3.88 -1.16
C HIS A 208 -24.49 3.40 -0.22
N PHE A 209 -24.93 2.15 -0.34
CA PHE A 209 -25.93 1.60 0.56
C PHE A 209 -25.69 0.09 0.65
N SER A 210 -26.47 -0.59 1.50
CA SER A 210 -26.30 -2.02 1.71
C SER A 210 -27.39 -2.81 1.00
N VAL A 211 -26.99 -3.85 0.28
CA VAL A 211 -27.89 -4.72 -0.47
C VAL A 211 -27.74 -6.14 0.04
N SER A 212 -28.87 -6.76 0.38
CA SER A 212 -28.94 -8.12 0.89
C SER A 212 -29.88 -8.95 0.02
N ILE A 213 -29.51 -10.20 -0.24
CA ILE A 213 -30.33 -11.15 -0.96
C ILE A 213 -30.66 -12.31 -0.04
N GLU A 214 -31.94 -12.67 0.04
CA GLU A 214 -32.40 -13.76 0.89
C GLU A 214 -33.18 -14.74 0.04
N PRO A 215 -32.62 -15.89 -0.29
CA PRO A 215 -33.39 -16.89 -1.03
C PRO A 215 -34.35 -17.61 -0.11
N GLU A 216 -35.33 -18.26 -0.73
CA GLU A 216 -36.33 -18.99 0.03
C GLU A 216 -35.70 -20.15 0.80
N TYR A 217 -34.80 -20.89 0.16
CA TYR A 217 -34.09 -21.97 0.82
C TYR A 217 -32.65 -21.97 0.34
N ASN A 218 -31.80 -22.68 1.08
CA ASN A 218 -30.41 -22.85 0.68
C ASN A 218 -30.22 -23.92 -0.39
N PHE A 219 -31.25 -24.71 -0.68
CA PHE A 219 -31.18 -25.72 -1.73
C PHE A 219 -32.48 -25.68 -2.51
N ILE A 220 -32.44 -26.18 -3.73
CA ILE A 220 -33.60 -26.20 -4.60
C ILE A 220 -33.96 -27.65 -4.86
N GLY A 221 -35.09 -28.08 -4.30
CA GLY A 221 -35.57 -29.44 -4.48
C GLY A 221 -36.63 -29.51 -5.55
N TYR A 222 -37.30 -30.66 -5.60
CA TYR A 222 -38.33 -30.84 -6.62
C TYR A 222 -39.54 -29.95 -6.38
N LYS A 223 -39.78 -29.54 -5.12
CA LYS A 223 -40.94 -28.73 -4.80
C LYS A 223 -40.74 -27.30 -5.27
N ASN A 224 -39.52 -26.79 -5.25
CA ASN A 224 -39.24 -25.44 -5.67
C ASN A 224 -38.60 -25.38 -7.05
N PHE A 225 -38.71 -26.45 -7.83
CA PHE A 225 -38.15 -26.44 -9.17
C PHE A 225 -38.99 -25.62 -10.14
N LYS A 226 -40.25 -25.36 -9.81
CA LYS A 226 -41.08 -24.51 -10.63
C LYS A 226 -41.16 -23.08 -10.12
N ASN A 227 -40.94 -22.86 -8.82
CA ASN A 227 -41.01 -21.52 -8.25
C ASN A 227 -40.04 -21.44 -7.08
N PHE A 228 -39.19 -20.42 -7.10
CA PHE A 228 -38.21 -20.21 -6.05
C PHE A 228 -38.25 -18.73 -5.65
N GLU A 229 -38.71 -18.44 -4.44
CA GLU A 229 -38.87 -17.07 -3.99
C GLU A 229 -37.53 -16.45 -3.60
N ILE A 230 -37.33 -15.19 -3.98
CA ILE A 230 -36.10 -14.46 -3.71
C ILE A 230 -36.47 -13.06 -3.22
N THR A 231 -35.98 -12.68 -2.04
CA THR A 231 -36.27 -11.39 -1.43
C THR A 231 -35.01 -10.54 -1.38
N ILE A 232 -35.06 -9.38 -2.03
CA ILE A 232 -33.92 -8.48 -2.13
C ILE A 232 -34.21 -7.24 -1.30
N LYS A 233 -33.44 -7.03 -0.25
CA LYS A 233 -33.61 -5.85 0.60
C LYS A 233 -32.42 -4.92 0.45
N ALA A 234 -32.62 -3.65 0.80
CA ALA A 234 -31.58 -2.65 0.68
C ALA A 234 -31.88 -1.47 1.58
N ARG A 235 -30.86 -1.00 2.30
CA ARG A 235 -31.05 0.11 3.23
C ARG A 235 -29.79 0.98 3.28
N TYR A 236 -29.97 2.27 3.55
CA TYR A 236 -28.86 3.18 3.69
C TYR A 236 -28.11 2.90 4.98
N PHE A 237 -26.82 3.24 4.98
CA PHE A 237 -25.98 2.95 6.13
C PHE A 237 -26.26 3.86 7.30
N TYR A 238 -27.14 4.85 7.16
CA TYR A 238 -27.68 5.56 8.30
C TYR A 238 -28.99 4.98 8.79
N ASN A 239 -29.17 3.67 8.64
CA ASN A 239 -30.25 2.91 9.27
C ASN A 239 -31.64 3.32 8.77
N LYS A 240 -31.76 3.62 7.49
CA LYS A 240 -33.02 3.94 6.84
C LYS A 240 -33.18 3.07 5.61
N VAL A 241 -34.41 2.67 5.34
CA VAL A 241 -34.66 1.81 4.19
C VAL A 241 -34.60 2.64 2.92
N VAL A 242 -34.04 2.07 1.85
CA VAL A 242 -34.06 2.73 0.56
C VAL A 242 -35.51 2.78 0.08
N THR A 243 -35.98 3.98 -0.27
CA THR A 243 -37.39 4.14 -0.59
C THR A 243 -37.73 3.57 -1.95
N GLU A 244 -37.07 4.04 -2.99
CA GLU A 244 -37.33 3.58 -4.34
C GLU A 244 -36.02 3.27 -5.04
N ALA A 245 -35.99 2.17 -5.79
CA ALA A 245 -34.81 1.82 -6.56
C ALA A 245 -35.22 0.88 -7.68
N ASP A 246 -34.29 0.66 -8.60
CA ASP A 246 -34.48 -0.23 -9.74
C ASP A 246 -33.66 -1.49 -9.50
N VAL A 247 -34.32 -2.65 -9.53
CA VAL A 247 -33.68 -3.92 -9.24
C VAL A 247 -33.57 -4.74 -10.53
N TYR A 248 -32.35 -5.17 -10.85
CA TYR A 248 -32.09 -6.03 -12.00
C TYR A 248 -31.43 -7.32 -11.53
N ILE A 249 -31.99 -8.46 -11.93
CA ILE A 249 -31.55 -9.76 -11.47
C ILE A 249 -31.21 -10.62 -12.67
N THR A 250 -29.99 -11.15 -12.70
CA THR A 250 -29.55 -12.07 -13.71
C THR A 250 -29.25 -13.41 -13.05
N PHE A 251 -29.55 -14.49 -13.76
CA PHE A 251 -29.39 -15.84 -13.24
C PHE A 251 -28.41 -16.64 -14.09
N GLY A 252 -27.67 -17.54 -13.43
CA GLY A 252 -26.72 -18.38 -14.14
C GLY A 252 -26.63 -19.77 -13.52
N ILE A 253 -26.05 -20.69 -14.29
CA ILE A 253 -25.77 -22.05 -13.84
C ILE A 253 -24.27 -22.19 -13.65
N ARG A 254 -23.87 -22.80 -12.53
CA ARG A 254 -22.47 -22.86 -12.14
C ARG A 254 -22.08 -24.30 -11.84
N GLU A 255 -20.89 -24.71 -12.30
CA GLU A 255 -20.43 -26.07 -12.07
C GLU A 255 -20.00 -26.30 -10.64
N ASP A 256 -19.04 -25.52 -10.16
CA ASP A 256 -18.58 -25.58 -8.79
C ASP A 256 -18.23 -24.18 -8.33
N LEU A 257 -18.23 -23.99 -7.02
CA LEU A 257 -18.00 -22.67 -6.46
C LEU A 257 -16.54 -22.25 -6.50
N LYS A 258 -15.60 -23.19 -6.62
CA LYS A 258 -14.19 -22.81 -6.69
C LYS A 258 -13.88 -22.09 -8.00
N ASP A 259 -14.38 -22.60 -9.12
CA ASP A 259 -14.15 -21.99 -10.42
C ASP A 259 -15.08 -20.81 -10.63
N ASP A 260 -14.53 -19.68 -11.04
CA ASP A 260 -15.32 -18.47 -11.27
C ASP A 260 -16.03 -18.49 -12.62
N GLN A 261 -16.15 -19.63 -13.27
CA GLN A 261 -16.84 -19.71 -14.54
C GLN A 261 -18.33 -19.96 -14.28
N LYS A 262 -19.17 -19.37 -15.14
CA LYS A 262 -20.61 -19.50 -15.00
C LYS A 262 -21.28 -19.30 -16.35
N GLU A 263 -22.43 -19.93 -16.54
CA GLU A 263 -23.21 -19.82 -17.78
C GLU A 263 -24.45 -19.00 -17.49
N MET A 264 -24.48 -17.80 -18.06
CA MET A 264 -25.59 -16.88 -17.81
C MET A 264 -26.84 -17.33 -18.57
N MET A 265 -27.97 -16.75 -18.18
CA MET A 265 -29.26 -17.01 -18.82
C MET A 265 -29.90 -15.66 -19.12
N GLN A 266 -29.71 -15.19 -20.32
CA GLN A 266 -30.25 -13.90 -20.68
C GLN A 266 -31.76 -13.92 -20.83
N THR A 267 -32.46 -15.02 -20.54
CA THR A 267 -33.90 -15.05 -20.63
C THR A 267 -34.57 -14.66 -19.32
N ALA A 268 -33.96 -14.98 -18.18
CA ALA A 268 -34.55 -14.67 -16.89
C ALA A 268 -33.98 -13.39 -16.28
N MET A 269 -33.66 -12.39 -17.09
CA MET A 269 -33.15 -11.13 -16.57
C MET A 269 -34.26 -10.25 -16.06
N GLN A 270 -35.15 -10.78 -15.23
CA GLN A 270 -36.31 -10.01 -14.83
C GLN A 270 -35.92 -8.83 -13.96
N ASN A 271 -36.68 -7.74 -14.12
CA ASN A 271 -36.44 -6.47 -13.44
C ASN A 271 -37.67 -6.07 -12.65
N THR A 272 -37.46 -5.57 -11.44
CA THR A 272 -38.55 -5.15 -10.56
C THR A 272 -38.15 -3.86 -9.85
N MET A 273 -39.05 -3.38 -8.99
CA MET A 273 -38.85 -2.12 -8.29
C MET A 273 -38.67 -2.36 -6.81
N LEU A 274 -37.62 -1.78 -6.24
CA LEU A 274 -37.39 -1.79 -4.80
C LEU A 274 -38.21 -0.69 -4.16
N ILE A 275 -39.19 -1.06 -3.35
CA ILE A 275 -40.10 -0.10 -2.75
C ILE A 275 -40.04 -0.24 -1.23
N ASN A 276 -39.72 0.87 -0.56
CA ASN A 276 -39.71 0.94 0.89
C ASN A 276 -38.75 -0.08 1.50
N GLY A 277 -37.72 -0.45 0.75
CA GLY A 277 -36.65 -1.30 1.25
C GLY A 277 -36.68 -2.73 0.78
N ILE A 278 -37.81 -3.25 0.31
CA ILE A 278 -37.93 -4.66 0.00
C ILE A 278 -38.48 -4.85 -1.41
N ALA A 279 -37.90 -5.81 -2.13
CA ALA A 279 -38.43 -6.29 -3.40
C ALA A 279 -38.42 -7.81 -3.38
N GLN A 280 -39.25 -8.41 -4.23
CA GLN A 280 -39.36 -9.86 -4.29
C GLN A 280 -39.57 -10.32 -5.72
N VAL A 281 -38.97 -11.46 -6.07
CA VAL A 281 -39.18 -12.09 -7.36
C VAL A 281 -39.30 -13.59 -7.16
N THR A 282 -39.80 -14.28 -8.18
CA THR A 282 -39.87 -15.73 -8.19
C THR A 282 -39.17 -16.24 -9.44
N PHE A 283 -38.31 -17.25 -9.27
CA PHE A 283 -37.52 -17.81 -10.35
C PHE A 283 -38.09 -19.18 -10.72
N ASP A 284 -38.59 -19.30 -11.95
CA ASP A 284 -39.06 -20.58 -12.48
C ASP A 284 -37.85 -21.34 -13.00
N SER A 285 -37.34 -22.26 -12.19
CA SER A 285 -36.12 -22.95 -12.55
C SER A 285 -36.31 -23.73 -13.84
N GLU A 286 -37.38 -24.50 -13.93
CA GLU A 286 -37.60 -25.36 -15.10
C GLU A 286 -37.57 -24.56 -16.40
N THR A 287 -38.34 -23.48 -16.45
CA THR A 287 -38.46 -22.72 -17.68
C THR A 287 -37.14 -22.09 -18.07
N ALA A 288 -36.42 -21.52 -17.09
CA ALA A 288 -35.18 -20.82 -17.41
C ALA A 288 -34.08 -21.81 -17.79
N VAL A 289 -34.05 -22.99 -17.17
CA VAL A 289 -33.05 -23.99 -17.51
C VAL A 289 -33.46 -24.85 -18.70
N LYS A 290 -34.62 -24.60 -19.31
CA LYS A 290 -34.83 -25.11 -20.65
C LYS A 290 -33.87 -24.46 -21.64
N GLU A 291 -33.43 -23.25 -21.33
CA GLU A 291 -32.30 -22.67 -22.02
C GLU A 291 -31.03 -23.36 -21.55
N LEU A 292 -30.00 -23.33 -22.39
CA LEU A 292 -28.72 -23.99 -22.11
C LEU A 292 -28.91 -25.49 -21.93
N SER A 293 -29.80 -26.07 -22.72
CA SER A 293 -30.08 -27.50 -22.72
C SER A 293 -30.64 -27.89 -21.35
N TYR A 294 -30.09 -28.88 -20.66
CA TYR A 294 -30.53 -29.28 -19.32
C TYR A 294 -31.97 -29.77 -19.29
N TYR A 295 -32.94 -28.89 -19.52
CA TYR A 295 -34.34 -29.29 -19.66
C TYR A 295 -34.97 -29.87 -18.40
N SER A 296 -34.36 -30.89 -17.83
CA SER A 296 -34.99 -31.67 -16.76
C SER A 296 -34.32 -31.41 -15.42
N LEU A 297 -35.01 -31.84 -14.36
CA LEU A 297 -34.44 -31.75 -13.02
C LEU A 297 -33.51 -32.91 -12.74
N GLU A 298 -33.60 -33.99 -13.53
CA GLU A 298 -32.62 -35.05 -13.43
C GLU A 298 -31.22 -34.52 -13.67
N ASP A 299 -31.09 -33.55 -14.57
CA ASP A 299 -29.83 -32.84 -14.75
C ASP A 299 -29.70 -31.79 -13.66
N LEU A 300 -28.75 -30.89 -13.81
CA LEU A 300 -28.53 -29.82 -12.84
C LEU A 300 -28.20 -30.31 -11.45
N ASN A 301 -28.30 -31.61 -11.20
CA ASN A 301 -28.04 -32.13 -9.86
C ASN A 301 -26.60 -31.88 -9.45
N ASN A 302 -26.44 -31.38 -8.23
CA ASN A 302 -25.17 -30.94 -7.64
C ASN A 302 -24.59 -29.72 -8.33
N LYS A 303 -25.23 -29.18 -9.36
CA LYS A 303 -24.87 -27.90 -9.94
C LYS A 303 -25.49 -26.76 -9.14
N TYR A 304 -25.04 -25.54 -9.42
CA TYR A 304 -25.43 -24.39 -8.61
C TYR A 304 -26.14 -23.33 -9.44
N LEU A 305 -26.95 -22.53 -8.75
CA LEU A 305 -27.66 -21.38 -9.31
C LEU A 305 -27.02 -20.10 -8.82
N TYR A 306 -26.27 -19.43 -9.68
CA TYR A 306 -25.68 -18.13 -9.36
C TYR A 306 -26.69 -17.02 -9.57
N ILE A 307 -26.74 -16.09 -8.62
CA ILE A 307 -27.69 -14.98 -8.68
C ILE A 307 -26.94 -13.67 -8.60
N ALA A 308 -27.26 -12.75 -9.51
CA ALA A 308 -26.64 -11.43 -9.52
C ALA A 308 -27.73 -10.37 -9.49
N VAL A 309 -27.55 -9.37 -8.64
CA VAL A 309 -28.54 -8.32 -8.43
C VAL A 309 -27.84 -6.99 -8.47
N THR A 310 -28.38 -6.05 -9.24
CA THR A 310 -27.92 -4.67 -9.28
C THR A 310 -29.07 -3.79 -8.83
N VAL A 311 -28.80 -2.91 -7.89
CA VAL A 311 -29.80 -2.01 -7.33
C VAL A 311 -29.38 -0.58 -7.60
N ILE A 312 -30.24 0.18 -8.27
CA ILE A 312 -29.97 1.55 -8.66
C ILE A 312 -30.95 2.44 -7.89
N GLU A 313 -30.46 3.08 -6.84
CA GLU A 313 -31.28 3.98 -6.05
C GLU A 313 -31.70 5.17 -6.90
N SER A 314 -32.94 5.60 -6.73
CA SER A 314 -33.56 6.54 -7.66
C SER A 314 -33.27 8.01 -7.36
N THR A 315 -33.07 8.38 -6.10
CA THR A 315 -32.87 9.79 -5.80
C THR A 315 -31.54 10.28 -6.35
N GLY A 316 -30.44 9.73 -5.86
CA GLY A 316 -29.12 10.09 -6.29
C GLY A 316 -28.58 9.30 -7.46
N GLY A 317 -29.33 8.32 -7.96
CA GLY A 317 -28.87 7.57 -9.10
C GLY A 317 -27.76 6.59 -8.82
N PHE A 318 -27.36 6.44 -7.56
CA PHE A 318 -26.23 5.58 -7.23
C PHE A 318 -26.59 4.11 -7.34
N SER A 319 -25.60 3.29 -7.66
CA SER A 319 -25.78 1.87 -7.93
C SER A 319 -24.88 1.03 -7.04
N GLU A 320 -25.42 -0.09 -6.57
CA GLU A 320 -24.67 -1.03 -5.76
C GLU A 320 -25.07 -2.43 -6.16
N GLU A 321 -24.12 -3.36 -6.15
CA GLU A 321 -24.32 -4.72 -6.62
C GLU A 321 -24.26 -5.72 -5.47
N ALA A 322 -24.86 -6.88 -5.70
CA ALA A 322 -24.80 -7.97 -4.75
C ALA A 322 -24.96 -9.27 -5.50
N GLU A 323 -24.49 -10.37 -4.91
CA GLU A 323 -24.53 -11.67 -5.57
C GLU A 323 -24.64 -12.79 -4.55
N ILE A 324 -25.34 -13.85 -4.95
CA ILE A 324 -25.32 -15.14 -4.29
C ILE A 324 -24.47 -16.08 -5.14
N PRO A 325 -23.36 -16.61 -4.62
CA PRO A 325 -22.44 -17.38 -5.47
C PRO A 325 -23.07 -18.62 -6.08
N GLY A 326 -23.83 -19.37 -5.30
CA GLY A 326 -24.45 -20.57 -5.84
C GLY A 326 -25.39 -21.25 -4.86
N ILE A 327 -26.54 -21.66 -5.35
CA ILE A 327 -27.49 -22.47 -4.59
C ILE A 327 -27.53 -23.85 -5.23
N LYS A 328 -27.07 -24.86 -4.50
CA LYS A 328 -26.97 -26.20 -5.07
C LYS A 328 -28.36 -26.77 -5.36
N TYR A 329 -28.61 -27.17 -6.60
CA TYR A 329 -29.80 -27.94 -6.92
C TYR A 329 -29.69 -29.34 -6.33
N VAL A 330 -30.70 -29.76 -5.58
CA VAL A 330 -30.67 -31.03 -4.87
C VAL A 330 -31.78 -31.91 -5.43
N LEU A 331 -31.39 -33.09 -5.94
CA LEU A 331 -32.35 -34.01 -6.53
C LEU A 331 -33.02 -34.87 -5.47
N SER A 332 -32.31 -35.18 -4.39
CA SER A 332 -32.85 -36.00 -3.33
C SER A 332 -32.53 -35.33 -1.99
N PRO A 333 -33.51 -35.17 -1.12
CA PRO A 333 -33.24 -34.56 0.19
C PRO A 333 -32.28 -35.35 1.05
N TYR A 334 -31.93 -36.57 0.66
CA TYR A 334 -31.12 -37.45 1.47
C TYR A 334 -29.89 -37.93 0.71
N LYS A 335 -28.87 -38.28 1.47
CA LYS A 335 -27.65 -38.91 0.97
C LYS A 335 -27.34 -40.09 1.89
N LEU A 336 -26.94 -41.21 1.28
CA LEU A 336 -26.73 -42.46 2.00
C LEU A 336 -25.25 -42.78 2.09
N ASN A 337 -24.86 -43.40 3.20
CA ASN A 337 -23.48 -43.81 3.37
C ASN A 337 -23.41 -44.96 4.35
N LEU A 338 -22.51 -45.89 4.11
CA LEU A 338 -22.33 -47.00 5.01
C LEU A 338 -21.49 -46.59 6.21
N VAL A 339 -21.70 -47.28 7.32
CA VAL A 339 -20.98 -47.00 8.55
C VAL A 339 -20.54 -48.31 9.16
N ALA A 340 -19.24 -48.47 9.38
CA ALA A 340 -18.69 -49.62 10.07
C ALA A 340 -19.13 -50.92 9.41
N THR A 341 -19.07 -50.95 8.08
CA THR A 341 -19.39 -52.17 7.35
C THR A 341 -18.33 -52.40 6.29
N PRO A 342 -17.32 -53.22 6.59
CA PRO A 342 -16.34 -53.57 5.57
C PRO A 342 -17.01 -54.24 4.38
N LEU A 343 -16.55 -53.90 3.19
CA LEU A 343 -17.09 -54.49 1.97
C LEU A 343 -16.46 -55.84 1.65
N PHE A 344 -16.36 -56.71 2.64
CA PHE A 344 -15.76 -58.01 2.45
C PHE A 344 -16.62 -59.05 3.14
N LEU A 345 -16.81 -60.19 2.48
CA LEU A 345 -17.63 -61.27 3.00
C LEU A 345 -16.78 -62.35 3.65
N LYS A 346 -17.29 -62.89 4.75
CA LYS A 346 -16.69 -64.05 5.39
C LYS A 346 -17.67 -65.21 5.29
N PRO A 347 -17.37 -66.24 4.49
CA PRO A 347 -18.34 -67.33 4.26
C PRO A 347 -18.74 -68.02 5.56
N GLY A 348 -20.04 -68.06 5.83
CA GLY A 348 -20.55 -68.69 7.03
C GLY A 348 -20.91 -67.73 8.13
N ILE A 349 -20.48 -66.47 8.03
CA ILE A 349 -20.74 -65.45 9.03
C ILE A 349 -21.85 -64.54 8.50
N PRO A 350 -22.84 -64.20 9.29
CA PRO A 350 -23.82 -63.21 8.84
C PRO A 350 -23.13 -61.89 8.53
N TYR A 351 -23.48 -61.31 7.37
CA TYR A 351 -22.85 -60.11 6.87
C TYR A 351 -23.69 -58.91 7.27
N PRO A 352 -23.19 -57.99 8.08
CA PRO A 352 -23.98 -56.83 8.50
C PRO A 352 -23.79 -55.61 7.61
N ILE A 353 -24.89 -54.88 7.42
CA ILE A 353 -24.88 -53.65 6.64
C ILE A 353 -25.60 -52.58 7.45
N LYS A 354 -24.90 -51.49 7.74
CA LYS A 354 -25.46 -50.38 8.50
C LYS A 354 -25.50 -49.17 7.57
N VAL A 355 -26.68 -48.85 7.03
CA VAL A 355 -26.81 -47.66 6.20
C VAL A 355 -27.08 -46.44 7.08
N GLN A 356 -26.76 -45.27 6.54
CA GLN A 356 -26.84 -44.02 7.28
C GLN A 356 -27.40 -42.94 6.37
N VAL A 357 -28.36 -42.17 6.87
CA VAL A 357 -29.10 -41.18 6.09
C VAL A 357 -28.76 -39.79 6.59
N LYS A 358 -28.41 -38.89 5.67
CA LYS A 358 -28.12 -37.51 6.02
C LYS A 358 -28.89 -36.58 5.09
N ASP A 359 -29.08 -35.33 5.52
CA ASP A 359 -29.81 -34.35 4.71
C ASP A 359 -28.81 -33.55 3.89
N SER A 360 -29.28 -32.43 3.32
CA SER A 360 -28.41 -31.61 2.49
C SER A 360 -27.32 -30.93 3.30
N LEU A 361 -27.45 -30.89 4.62
CA LEU A 361 -26.43 -30.33 5.49
C LEU A 361 -25.56 -31.41 6.12
N ASP A 362 -25.62 -32.63 5.59
CA ASP A 362 -24.85 -33.76 6.11
C ASP A 362 -25.17 -34.01 7.58
N GLN A 363 -26.44 -33.91 7.93
CA GLN A 363 -26.90 -34.16 9.29
C GLN A 363 -27.71 -35.44 9.32
N LEU A 364 -27.49 -36.25 10.35
CA LEU A 364 -28.18 -37.53 10.47
C LEU A 364 -29.68 -37.35 10.57
N VAL A 365 -30.41 -37.81 9.56
CA VAL A 365 -31.86 -37.73 9.55
C VAL A 365 -32.43 -39.00 10.17
N GLY A 366 -33.40 -38.84 11.04
CA GLY A 366 -33.96 -39.97 11.76
C GLY A 366 -35.29 -40.40 11.19
N GLY A 367 -35.71 -41.61 11.55
CA GLY A 367 -36.99 -42.13 11.11
C GLY A 367 -37.13 -42.32 9.61
N VAL A 368 -36.03 -42.46 8.90
CA VAL A 368 -36.04 -42.58 7.44
C VAL A 368 -36.07 -44.07 7.09
N PRO A 369 -37.14 -44.58 6.48
CA PRO A 369 -37.14 -45.98 6.06
C PRO A 369 -36.16 -46.23 4.94
N VAL A 370 -35.49 -47.38 5.02
CA VAL A 370 -34.49 -47.80 4.04
C VAL A 370 -34.78 -49.22 3.59
N THR A 371 -34.79 -49.44 2.28
CA THR A 371 -35.00 -50.74 1.66
C THR A 371 -33.68 -51.25 1.11
N LEU A 372 -33.36 -52.51 1.40
CA LEU A 372 -32.12 -53.15 1.00
C LEU A 372 -32.39 -54.30 0.06
N ASN A 373 -31.80 -54.23 -1.14
CA ASN A 373 -31.81 -55.31 -2.11
C ASN A 373 -30.39 -55.83 -2.31
N ALA A 374 -30.28 -57.04 -2.86
CA ALA A 374 -28.98 -57.66 -3.01
C ALA A 374 -29.03 -58.79 -4.03
N GLN A 375 -27.98 -58.91 -4.84
CA GLN A 375 -27.74 -60.06 -5.69
C GLN A 375 -26.49 -60.78 -5.21
N THR A 376 -26.48 -62.10 -5.35
CA THR A 376 -25.37 -62.93 -4.89
C THR A 376 -24.83 -63.78 -6.03
N ILE A 377 -23.51 -63.93 -6.06
CA ILE A 377 -22.85 -64.80 -7.02
C ILE A 377 -21.96 -65.76 -6.25
N ASP A 378 -22.16 -67.06 -6.46
CA ASP A 378 -21.37 -68.06 -5.78
C ASP A 378 -20.26 -68.52 -6.71
N VAL A 379 -19.53 -69.56 -6.29
CA VAL A 379 -18.43 -70.07 -7.07
C VAL A 379 -18.88 -70.64 -8.40
N ASN A 380 -20.15 -71.06 -8.50
CA ASN A 380 -20.70 -71.61 -9.73
C ASN A 380 -21.24 -70.55 -10.67
N GLN A 381 -21.00 -69.27 -10.38
CA GLN A 381 -21.56 -68.16 -11.13
C GLN A 381 -23.08 -68.14 -11.14
N GLU A 382 -23.72 -68.90 -10.28
CA GLU A 382 -25.17 -68.96 -10.26
C GLU A 382 -25.70 -67.76 -9.47
N THR A 383 -26.27 -66.79 -10.18
CA THR A 383 -26.75 -65.57 -9.54
C THR A 383 -28.04 -65.86 -8.80
N SER A 384 -28.26 -65.13 -7.70
CA SER A 384 -29.48 -65.26 -6.93
C SER A 384 -29.93 -63.88 -6.46
N ASP A 385 -31.19 -63.56 -6.66
CA ASP A 385 -31.74 -62.29 -6.22
C ASP A 385 -32.39 -62.48 -4.86
N LEU A 386 -31.86 -61.81 -3.86
CA LEU A 386 -32.36 -61.99 -2.50
C LEU A 386 -33.71 -61.31 -2.31
N ASP A 387 -34.38 -61.71 -1.27
CA ASP A 387 -35.62 -61.07 -0.92
C ASP A 387 -35.32 -59.72 -0.29
N PRO A 388 -35.99 -58.65 -0.68
CA PRO A 388 -35.67 -57.34 -0.13
C PRO A 388 -36.00 -57.28 1.36
N SER A 389 -35.22 -56.50 2.08
CA SER A 389 -35.46 -56.26 3.50
C SER A 389 -35.68 -54.78 3.73
N LYS A 390 -36.23 -54.43 4.89
CA LYS A 390 -36.53 -53.03 5.17
C LYS A 390 -36.25 -52.72 6.63
N SER A 391 -35.53 -51.64 6.87
CA SER A 391 -35.32 -51.12 8.22
C SER A 391 -35.75 -49.66 8.28
N VAL A 392 -35.75 -49.11 9.48
CA VAL A 392 -36.03 -47.70 9.73
C VAL A 392 -34.83 -47.10 10.42
N THR A 393 -34.47 -45.88 10.02
CA THR A 393 -33.33 -45.21 10.62
C THR A 393 -33.53 -45.00 12.11
N ARG A 394 -32.62 -45.55 12.90
CA ARG A 394 -32.57 -45.22 14.32
C ARG A 394 -32.39 -43.72 14.47
N VAL A 395 -33.25 -43.10 15.28
CA VAL A 395 -33.16 -41.65 15.46
C VAL A 395 -32.23 -41.27 16.59
N ASP A 396 -31.66 -42.25 17.29
CA ASP A 396 -30.71 -41.95 18.35
C ASP A 396 -29.30 -41.79 17.81
N ASP A 397 -28.97 -42.54 16.76
CA ASP A 397 -27.64 -42.49 16.16
C ASP A 397 -27.68 -42.28 14.65
N GLY A 398 -28.85 -42.23 14.03
CA GLY A 398 -28.91 -42.05 12.59
C GLY A 398 -28.75 -43.33 11.81
N VAL A 399 -28.66 -44.44 12.50
CA VAL A 399 -28.28 -45.71 11.89
C VAL A 399 -29.54 -46.45 11.44
N ALA A 400 -29.42 -47.17 10.33
CA ALA A 400 -30.44 -48.11 9.88
C ALA A 400 -29.76 -49.45 9.67
N SER A 401 -29.98 -50.38 10.59
CA SER A 401 -29.19 -51.61 10.65
C SER A 401 -29.84 -52.75 9.87
N PHE A 402 -28.99 -53.59 9.30
CA PHE A 402 -29.36 -54.80 8.57
C PHE A 402 -28.38 -55.92 8.91
N VAL A 403 -28.89 -57.15 8.92
CA VAL A 403 -28.07 -58.35 9.07
C VAL A 403 -28.49 -59.30 7.97
N LEU A 404 -27.52 -59.91 7.29
CA LEU A 404 -27.80 -60.68 6.09
C LEU A 404 -27.21 -62.07 6.22
N ASN A 405 -28.03 -63.09 5.97
CA ASN A 405 -27.58 -64.47 6.01
C ASN A 405 -27.43 -64.96 4.57
N LEU A 406 -26.18 -65.23 4.17
CA LEU A 406 -25.85 -65.66 2.82
C LEU A 406 -25.34 -67.09 2.81
N PRO A 407 -25.52 -67.79 1.69
CA PRO A 407 -24.97 -69.14 1.56
C PRO A 407 -23.46 -69.14 1.71
N SER A 408 -22.93 -70.26 2.19
CA SER A 408 -21.50 -70.35 2.45
C SER A 408 -20.70 -70.28 1.16
N GLY A 409 -21.30 -70.68 0.04
CA GLY A 409 -20.59 -70.68 -1.23
C GLY A 409 -20.57 -69.36 -1.97
N VAL A 410 -21.18 -68.30 -1.42
CA VAL A 410 -21.25 -67.01 -2.12
C VAL A 410 -19.88 -66.35 -2.21
N THR A 411 -19.64 -65.66 -3.31
CA THR A 411 -18.39 -64.94 -3.52
C THR A 411 -18.54 -63.45 -3.69
N VAL A 412 -19.55 -62.99 -4.42
CA VAL A 412 -19.74 -61.56 -4.63
C VAL A 412 -21.15 -61.17 -4.21
N LEU A 413 -21.26 -60.04 -3.51
CA LEU A 413 -22.54 -59.49 -3.08
C LEU A 413 -22.71 -58.10 -3.65
N GLU A 414 -23.63 -57.94 -4.58
CA GLU A 414 -23.97 -56.66 -5.18
C GLU A 414 -25.24 -56.15 -4.51
N PHE A 415 -25.11 -55.29 -3.52
CA PHE A 415 -26.28 -54.84 -2.79
C PHE A 415 -26.52 -53.36 -3.01
N ASN A 416 -27.78 -52.99 -3.02
CA ASN A 416 -28.24 -51.64 -3.33
C ASN A 416 -29.21 -51.18 -2.25
N VAL A 417 -29.07 -49.93 -1.81
CA VAL A 417 -29.93 -49.40 -0.76
C VAL A 417 -30.67 -48.18 -1.28
N LYS A 418 -31.92 -48.03 -0.83
CA LYS A 418 -32.75 -46.91 -1.24
C LYS A 418 -33.54 -46.41 -0.03
N THR A 419 -33.93 -45.14 -0.09
CA THR A 419 -34.82 -44.55 0.90
C THR A 419 -36.26 -44.72 0.47
N ASP A 420 -37.13 -44.88 1.46
CA ASP A 420 -38.56 -45.08 1.20
C ASP A 420 -39.31 -44.03 2.02
N ALA A 421 -39.29 -42.78 1.53
CA ALA A 421 -39.98 -41.70 2.22
C ALA A 421 -41.42 -41.62 1.76
N PRO A 422 -42.36 -41.35 2.67
CA PRO A 422 -43.77 -41.32 2.27
C PRO A 422 -44.13 -40.18 1.34
N ASP A 423 -43.33 -39.12 1.26
CA ASP A 423 -43.69 -37.95 0.48
C ASP A 423 -42.76 -37.70 -0.70
N LEU A 424 -41.87 -38.61 -0.98
CA LEU A 424 -40.92 -38.41 -2.07
C LEU A 424 -41.26 -39.26 -3.27
N PRO A 425 -41.23 -38.71 -4.48
CA PRO A 425 -41.31 -39.53 -5.68
C PRO A 425 -40.11 -40.45 -5.82
N GLU A 426 -40.25 -41.43 -6.70
CA GLU A 426 -39.20 -42.44 -6.85
C GLU A 426 -37.91 -41.84 -7.36
N GLU A 427 -38.00 -40.75 -8.12
CA GLU A 427 -36.80 -40.11 -8.60
C GLU A 427 -36.08 -39.42 -7.44
N ASN A 428 -36.84 -38.77 -6.58
CA ASN A 428 -36.32 -38.00 -5.46
C ASN A 428 -35.90 -38.86 -4.28
N GLN A 429 -35.84 -40.17 -4.40
CA GLN A 429 -35.31 -41.02 -3.36
C GLN A 429 -33.79 -41.14 -3.49
N ALA A 430 -33.14 -41.49 -2.38
CA ALA A 430 -31.69 -41.65 -2.35
C ALA A 430 -31.31 -43.10 -2.63
N ARG A 431 -30.32 -43.30 -3.50
CA ARG A 431 -29.94 -44.64 -3.92
C ARG A 431 -28.43 -44.78 -3.97
N GLU A 432 -27.91 -45.87 -3.42
CA GLU A 432 -26.47 -46.11 -3.48
C GLU A 432 -26.21 -47.59 -3.69
N GLY A 433 -25.23 -47.91 -4.54
CA GLY A 433 -24.88 -49.28 -4.84
C GLY A 433 -23.52 -49.64 -4.25
N TYR A 434 -23.34 -50.91 -3.95
CA TYR A 434 -22.11 -51.37 -3.33
C TYR A 434 -21.84 -52.81 -3.74
N ARG A 435 -20.56 -53.17 -3.74
CA ARG A 435 -20.10 -54.51 -4.08
C ARG A 435 -19.13 -55.00 -3.02
N ALA A 436 -19.35 -56.20 -2.53
CA ALA A 436 -18.52 -56.79 -1.50
C ALA A 436 -18.00 -58.14 -1.98
N ILE A 437 -16.70 -58.34 -1.87
CA ILE A 437 -16.03 -59.55 -2.34
C ILE A 437 -15.66 -60.42 -1.15
N ALA A 438 -15.70 -61.73 -1.37
CA ALA A 438 -15.41 -62.69 -0.31
C ALA A 438 -13.92 -62.78 -0.05
N TYR A 439 -13.59 -62.92 1.23
CA TYR A 439 -12.22 -63.21 1.62
C TYR A 439 -11.78 -64.53 1.03
N SER A 440 -10.57 -64.58 0.49
CA SER A 440 -10.08 -65.78 -0.17
C SER A 440 -9.10 -66.52 0.72
N SER A 441 -9.34 -67.82 0.93
CA SER A 441 -8.44 -68.64 1.72
C SER A 441 -8.39 -70.04 1.13
N LEU A 442 -7.18 -70.57 1.00
CA LEU A 442 -7.01 -71.88 0.39
C LEU A 442 -7.40 -73.01 1.35
N SER A 443 -7.46 -72.74 2.65
CA SER A 443 -7.86 -73.71 3.66
C SER A 443 -9.28 -73.46 4.14
N GLN A 444 -10.03 -72.66 3.39
CA GLN A 444 -11.37 -72.26 3.78
C GLN A 444 -11.41 -71.69 5.17
N SER A 445 -10.39 -70.92 5.53
CA SER A 445 -10.23 -70.41 6.88
C SER A 445 -10.45 -68.89 6.91
N TYR A 446 -11.38 -68.45 7.74
CA TYR A 446 -11.81 -67.06 7.77
C TYR A 446 -11.92 -66.55 9.20
N LEU A 447 -11.79 -65.23 9.36
CA LEU A 447 -11.88 -64.58 10.66
C LEU A 447 -12.75 -63.34 10.55
N TYR A 448 -13.64 -63.16 11.52
CA TYR A 448 -14.56 -62.01 11.56
C TYR A 448 -14.62 -61.43 12.96
N ILE A 449 -14.29 -60.15 13.11
CA ILE A 449 -14.27 -59.49 14.40
C ILE A 449 -15.27 -58.34 14.46
N ASP A 450 -15.82 -58.08 15.66
CA ASP A 450 -16.79 -57.00 15.85
C ASP A 450 -17.16 -56.86 17.34
N TRP A 451 -17.24 -55.60 17.81
CA TRP A 451 -17.06 -55.29 19.24
C TRP A 451 -18.28 -54.91 20.07
N THR A 452 -19.30 -55.75 20.18
CA THR A 452 -20.64 -55.26 20.58
C THR A 452 -20.97 -54.20 19.51
N ASP A 453 -21.30 -52.96 19.87
CA ASP A 453 -21.58 -52.03 18.79
C ASP A 453 -21.09 -50.62 19.07
N ASN A 454 -20.99 -49.86 17.98
CA ASN A 454 -20.20 -48.65 17.82
C ASN A 454 -20.95 -47.38 18.20
N HIS A 455 -22.20 -47.50 18.64
CA HIS A 455 -22.95 -46.36 19.13
C HIS A 455 -23.23 -46.50 20.60
N LYS A 456 -22.75 -45.55 21.41
CA LYS A 456 -22.04 -44.37 20.91
C LYS A 456 -20.58 -44.61 20.56
N ALA A 457 -19.93 -43.55 20.06
CA ALA A 457 -18.54 -43.63 19.68
C ALA A 457 -17.69 -43.92 20.91
N LEU A 458 -16.48 -44.40 20.68
CA LEU A 458 -15.65 -44.86 21.77
C LEU A 458 -15.11 -43.66 22.52
N LEU A 459 -15.31 -43.66 23.83
CA LEU A 459 -14.86 -42.58 24.70
C LEU A 459 -13.57 -43.01 25.39
N VAL A 460 -12.56 -42.14 25.38
CA VAL A 460 -11.31 -42.50 26.04
C VAL A 460 -11.57 -42.71 27.51
N GLY A 461 -11.10 -43.85 28.03
CA GLY A 461 -11.35 -44.24 29.40
C GLY A 461 -12.32 -45.40 29.53
N GLU A 462 -13.18 -45.61 28.53
CA GLU A 462 -14.10 -46.73 28.57
C GLU A 462 -13.37 -48.01 28.21
N HIS A 463 -14.11 -49.02 27.77
CA HIS A 463 -13.49 -50.28 27.39
C HIS A 463 -14.19 -50.82 26.16
N LEU A 464 -13.40 -51.47 25.32
CA LEU A 464 -13.84 -51.99 24.04
C LEU A 464 -13.95 -53.50 24.14
N ASN A 465 -15.19 -54.00 24.17
CA ASN A 465 -15.49 -55.42 24.33
C ASN A 465 -15.69 -56.03 22.95
N ILE A 466 -14.61 -56.57 22.37
CA ILE A 466 -14.65 -57.08 21.01
C ILE A 466 -14.97 -58.57 21.00
N ILE A 467 -15.69 -59.00 19.96
CA ILE A 467 -16.10 -60.38 19.77
C ILE A 467 -15.32 -60.96 18.60
N VAL A 468 -14.64 -62.08 18.82
CA VAL A 468 -13.80 -62.68 17.78
C VAL A 468 -14.42 -63.99 17.30
N THR A 469 -15.00 -63.99 16.10
CA THR A 469 -15.65 -65.19 15.56
C THR A 469 -14.90 -65.73 14.34
N PRO A 470 -14.17 -66.83 14.45
CA PRO A 470 -13.56 -67.50 13.30
C PRO A 470 -14.43 -68.61 12.73
N LYS A 471 -14.33 -68.81 11.42
CA LYS A 471 -15.03 -69.90 10.74
C LYS A 471 -14.09 -70.66 9.82
N SER A 472 -13.94 -71.97 10.06
CA SER A 472 -12.91 -72.82 9.47
C SER A 472 -13.00 -74.26 9.96
N PRO A 473 -12.34 -75.17 9.27
CA PRO A 473 -11.85 -76.35 9.94
C PRO A 473 -10.63 -75.90 10.73
N TYR A 474 -9.98 -76.85 11.37
CA TYR A 474 -8.84 -76.58 12.24
C TYR A 474 -9.22 -75.62 13.36
N ILE A 475 -10.52 -75.51 13.65
CA ILE A 475 -10.95 -74.53 14.63
C ILE A 475 -10.41 -74.85 16.00
N ASP A 476 -10.66 -76.07 16.46
CA ASP A 476 -10.34 -76.47 17.83
C ASP A 476 -8.92 -76.93 17.95
N LYS A 477 -8.06 -76.49 17.04
CA LYS A 477 -6.63 -76.61 17.19
C LYS A 477 -5.93 -75.26 17.20
N ILE A 478 -6.68 -74.16 17.11
CA ILE A 478 -6.05 -72.85 17.23
C ILE A 478 -5.70 -72.57 18.68
N THR A 479 -4.45 -72.22 18.92
CA THR A 479 -3.97 -72.01 20.29
C THR A 479 -4.31 -70.61 20.78
N HIS A 480 -4.04 -69.59 19.98
CA HIS A 480 -4.19 -68.26 20.49
C HIS A 480 -4.73 -67.34 19.41
N TYR A 481 -5.09 -66.13 19.83
CA TYR A 481 -5.37 -65.00 18.95
C TYR A 481 -4.27 -63.96 19.09
N ASN A 482 -4.06 -63.18 18.03
CA ASN A 482 -3.02 -62.16 18.03
C ASN A 482 -3.62 -60.85 17.55
N TYR A 483 -3.12 -59.75 18.09
CA TYR A 483 -3.73 -58.48 17.79
C TYR A 483 -2.65 -57.42 17.69
N LEU A 484 -2.91 -56.44 16.84
CA LEU A 484 -2.11 -55.24 16.67
C LEU A 484 -3.06 -54.06 16.64
N ILE A 485 -2.78 -53.05 17.48
CA ILE A 485 -3.57 -51.84 17.55
C ILE A 485 -2.69 -50.72 17.02
N LEU A 486 -3.21 -50.02 16.01
CA LEU A 486 -2.51 -48.93 15.33
C LEU A 486 -3.30 -47.63 15.49
N SER A 487 -2.58 -46.52 15.55
CA SER A 487 -3.24 -45.22 15.61
C SER A 487 -2.31 -44.16 15.04
N LYS A 488 -2.83 -43.31 14.16
CA LYS A 488 -2.05 -42.23 13.57
C LYS A 488 -0.78 -42.76 12.92
N GLY A 489 -0.89 -43.92 12.28
CA GLY A 489 0.22 -44.47 11.55
C GLY A 489 1.29 -45.17 12.35
N LYS A 490 1.01 -45.51 13.62
CA LYS A 490 1.99 -46.18 14.45
C LYS A 490 1.34 -47.32 15.22
N ILE A 491 2.04 -48.45 15.31
CA ILE A 491 1.55 -49.59 16.07
C ILE A 491 1.66 -49.23 17.55
N ILE A 492 0.52 -48.98 18.20
CA ILE A 492 0.59 -48.62 19.62
C ILE A 492 0.50 -49.82 20.55
N HIS A 493 -0.18 -50.89 20.15
CA HIS A 493 -0.30 -52.03 21.04
C HIS A 493 -0.21 -53.32 20.24
N PHE A 494 -0.01 -54.42 20.96
CA PHE A 494 0.09 -55.74 20.36
C PHE A 494 0.02 -56.78 21.46
N GLY A 495 -0.47 -57.96 21.13
CA GLY A 495 -0.51 -59.01 22.14
C GLY A 495 -1.28 -60.22 21.69
N THR A 496 -1.60 -61.06 22.66
CA THR A 496 -2.16 -62.39 22.44
C THR A 496 -3.12 -62.74 23.56
N ARG A 497 -4.22 -63.40 23.20
CA ARG A 497 -5.21 -63.82 24.16
C ARG A 497 -5.43 -65.32 24.02
N GLU A 498 -5.69 -65.95 25.16
CA GLU A 498 -5.91 -67.39 25.22
C GLU A 498 -7.25 -67.74 24.59
N LYS A 499 -7.27 -68.78 23.76
CA LYS A 499 -8.49 -69.21 23.10
C LYS A 499 -9.22 -70.26 23.95
N PHE A 500 -10.47 -69.97 24.30
CA PHE A 500 -11.26 -70.89 25.09
C PHE A 500 -11.80 -71.99 24.21
N SER A 501 -11.52 -73.25 24.55
CA SER A 501 -12.03 -74.37 23.80
C SER A 501 -13.52 -74.59 24.02
N ASP A 502 -14.14 -73.83 24.94
CA ASP A 502 -15.54 -74.02 25.28
C ASP A 502 -16.38 -72.82 24.85
N ALA A 503 -16.32 -72.50 23.56
CA ALA A 503 -17.10 -71.46 22.89
C ALA A 503 -16.64 -71.42 21.44
N SER A 504 -17.42 -70.72 20.62
CA SER A 504 -17.03 -70.35 19.26
C SER A 504 -16.40 -68.97 19.20
N TYR A 505 -16.99 -68.01 19.89
CA TYR A 505 -16.46 -66.67 19.98
C TYR A 505 -15.96 -66.40 21.38
N GLN A 506 -15.09 -65.39 21.49
CA GLN A 506 -14.67 -64.94 22.81
C GLN A 506 -14.36 -63.46 22.76
N SER A 507 -14.72 -62.80 23.85
CA SER A 507 -14.59 -61.36 23.99
C SER A 507 -13.15 -61.04 24.37
N ILE A 508 -12.50 -60.22 23.55
CA ILE A 508 -11.21 -59.64 23.87
C ILE A 508 -11.48 -58.22 24.34
N ASN A 509 -10.99 -57.88 25.53
CA ASN A 509 -11.22 -56.57 26.10
C ASN A 509 -10.01 -55.71 25.77
N ILE A 510 -10.27 -54.49 25.29
CA ILE A 510 -9.26 -53.52 24.92
C ILE A 510 -9.52 -52.17 25.57
N PRO A 511 -8.70 -51.75 26.53
CA PRO A 511 -8.87 -50.42 27.12
C PRO A 511 -8.56 -49.34 26.10
N VAL A 512 -9.54 -48.47 25.85
CA VAL A 512 -9.34 -47.37 24.91
C VAL A 512 -8.59 -46.25 25.61
N THR A 513 -7.43 -45.89 25.09
CA THR A 513 -6.57 -44.91 25.73
C THR A 513 -6.47 -43.66 24.89
N GLN A 514 -5.82 -42.66 25.47
CA GLN A 514 -5.63 -41.40 24.77
C GLN A 514 -4.76 -41.58 23.54
N ASN A 515 -3.91 -42.62 23.54
CA ASN A 515 -3.11 -42.91 22.36
C ASN A 515 -3.97 -43.21 21.15
N MET A 516 -5.22 -43.56 21.35
CA MET A 516 -6.08 -44.01 20.27
C MET A 516 -6.92 -42.89 19.66
N VAL A 517 -6.90 -41.69 20.23
CA VAL A 517 -7.58 -40.53 19.69
C VAL A 517 -6.91 -40.06 18.39
N PRO A 518 -7.69 -39.69 17.38
CA PRO A 518 -9.13 -39.65 17.17
C PRO A 518 -9.65 -40.85 16.43
N SER A 519 -8.74 -41.72 16.02
CA SER A 519 -9.11 -42.91 15.30
C SER A 519 -8.03 -43.94 15.50
N SER A 520 -8.41 -45.21 15.37
CA SER A 520 -7.44 -46.28 15.49
C SER A 520 -7.90 -47.41 14.60
N ARG A 521 -7.03 -48.39 14.41
CA ARG A 521 -7.34 -49.58 13.63
C ARG A 521 -6.88 -50.80 14.40
N LEU A 522 -7.74 -51.83 14.39
CA LEU A 522 -7.46 -53.08 15.09
C LEU A 522 -7.35 -54.20 14.08
N LEU A 523 -6.27 -54.96 14.17
CA LEU A 523 -6.06 -56.13 13.34
C LEU A 523 -5.94 -57.33 14.25
N VAL A 524 -6.78 -58.33 14.02
CA VAL A 524 -6.76 -59.57 14.79
C VAL A 524 -6.51 -60.70 13.81
N TYR A 525 -5.65 -61.63 14.21
CA TYR A 525 -5.40 -62.74 13.32
C TYR A 525 -5.06 -63.98 14.13
N TYR A 526 -5.34 -65.13 13.53
CA TYR A 526 -4.91 -66.41 14.06
C TYR A 526 -4.18 -67.16 12.98
N ILE A 527 -3.41 -68.15 13.42
CA ILE A 527 -2.52 -68.90 12.55
C ILE A 527 -3.11 -70.28 12.39
N VAL A 528 -3.39 -70.65 11.14
CA VAL A 528 -3.76 -72.00 10.80
C VAL A 528 -2.49 -72.73 10.41
N THR A 529 -2.24 -73.87 11.06
CA THR A 529 -0.99 -74.59 10.94
C THR A 529 -1.27 -76.03 10.57
N GLY A 530 -0.21 -76.81 10.50
CA GLY A 530 -0.32 -78.21 10.10
C GLY A 530 0.68 -78.56 9.04
N GLU A 531 0.21 -79.19 7.97
CA GLU A 531 1.05 -79.49 6.83
C GLU A 531 0.88 -78.35 5.81
N GLN A 532 1.42 -78.56 4.61
CA GLN A 532 1.50 -77.54 3.57
C GLN A 532 2.32 -76.35 4.06
N THR A 533 1.65 -75.25 4.44
CA THR A 533 2.37 -74.08 4.92
C THR A 533 1.46 -73.29 5.85
N ALA A 534 2.04 -72.70 6.89
CA ALA A 534 1.26 -71.89 7.82
C ALA A 534 0.52 -70.81 7.06
N GLU A 535 -0.66 -70.47 7.56
CA GLU A 535 -1.55 -69.50 6.94
C GLU A 535 -1.99 -68.51 7.99
N LEU A 536 -1.98 -67.24 7.65
CA LEU A 536 -2.49 -66.22 8.54
C LEU A 536 -3.92 -65.86 8.15
N VAL A 537 -4.84 -65.97 9.08
CA VAL A 537 -6.23 -65.62 8.87
C VAL A 537 -6.52 -64.38 9.69
N SER A 538 -6.80 -63.25 9.03
CA SER A 538 -6.83 -61.95 9.66
C SER A 538 -8.09 -61.16 9.31
N ASP A 539 -8.39 -60.17 10.15
CA ASP A 539 -9.44 -59.20 9.92
C ASP A 539 -9.09 -57.93 10.66
N SER A 540 -9.67 -56.81 10.21
CA SER A 540 -9.36 -55.50 10.79
C SER A 540 -10.61 -54.63 10.83
N VAL A 541 -10.64 -53.69 11.77
CA VAL A 541 -11.76 -52.78 11.96
C VAL A 541 -11.23 -51.39 12.25
N TRP A 542 -12.02 -50.38 11.89
CA TRP A 542 -11.69 -48.98 12.11
C TRP A 542 -12.50 -48.48 13.29
N LEU A 543 -11.81 -47.92 14.29
CA LEU A 543 -12.38 -47.43 15.54
C LEU A 543 -12.39 -45.90 15.54
N ASN A 544 -13.58 -45.31 15.47
CA ASN A 544 -13.76 -43.87 15.60
C ASN A 544 -13.89 -43.47 17.06
N ILE A 545 -12.99 -42.63 17.52
CA ILE A 545 -12.91 -42.26 18.92
C ILE A 545 -13.09 -40.75 19.08
N GLU A 546 -13.68 -40.37 20.20
CA GLU A 546 -13.98 -38.97 20.47
C GLU A 546 -12.72 -38.11 20.34
N GLU A 547 -12.88 -36.92 19.76
CA GLU A 547 -11.76 -36.01 19.58
C GLU A 547 -11.52 -35.28 20.89
N LYS A 548 -10.58 -35.77 21.68
CA LYS A 548 -10.32 -35.27 23.01
C LYS A 548 -8.87 -34.83 23.07
N CYS A 549 -8.64 -33.60 23.51
CA CYS A 549 -7.29 -33.09 23.61
C CYS A 549 -6.51 -33.81 24.69
N GLY A 550 -5.22 -34.00 24.44
CA GLY A 550 -4.36 -34.52 25.49
C GLY A 550 -4.16 -33.52 26.61
N ASN A 551 -4.09 -32.23 26.27
CA ASN A 551 -3.97 -31.14 27.23
C ASN A 551 -5.08 -30.16 26.90
N GLN A 552 -6.22 -30.33 27.55
CA GLN A 552 -7.43 -29.63 27.14
C GLN A 552 -7.35 -28.16 27.50
N LEU A 553 -7.71 -27.31 26.54
CA LEU A 553 -7.71 -25.86 26.71
C LEU A 553 -9.12 -25.31 26.78
N GLN A 554 -9.34 -24.32 27.66
CA GLN A 554 -10.65 -23.71 27.79
C GLN A 554 -10.47 -22.25 28.14
N VAL A 555 -11.12 -21.35 27.39
CA VAL A 555 -11.04 -19.91 27.62
C VAL A 555 -12.43 -19.39 27.92
N HIS A 556 -12.51 -18.45 28.86
CA HIS A 556 -13.79 -17.86 29.26
C HIS A 556 -13.62 -16.37 29.45
N LEU A 557 -14.73 -15.65 29.36
CA LEU A 557 -14.74 -14.20 29.53
C LEU A 557 -15.54 -13.85 30.77
N SER A 558 -14.89 -13.16 31.70
CA SER A 558 -15.58 -12.62 32.87
C SER A 558 -15.55 -11.12 32.72
N PRO A 559 -16.73 -10.49 32.81
CA PRO A 559 -18.01 -11.16 33.07
C PRO A 559 -18.62 -11.75 31.82
N ASP A 560 -19.46 -12.77 31.97
CA ASP A 560 -20.15 -13.37 30.85
C ASP A 560 -21.40 -12.56 30.55
N ALA A 561 -21.52 -12.06 29.32
CA ALA A 561 -22.67 -11.26 28.94
C ALA A 561 -22.95 -11.44 27.46
N ASP A 562 -24.21 -11.24 27.08
CA ASP A 562 -24.57 -11.35 25.67
C ASP A 562 -23.95 -10.24 24.84
N ALA A 563 -23.68 -9.08 25.46
CA ALA A 563 -23.08 -7.96 24.75
C ALA A 563 -22.30 -7.10 25.74
N TYR A 564 -21.26 -6.47 25.24
CA TYR A 564 -20.40 -5.60 26.02
C TYR A 564 -20.44 -4.19 25.46
N SER A 565 -19.93 -3.23 26.23
CA SER A 565 -19.84 -1.83 25.82
C SER A 565 -18.41 -1.49 25.43
N PRO A 566 -18.21 -0.51 24.55
CA PRO A 566 -16.86 -0.21 24.07
C PRO A 566 -15.95 0.26 25.19
N GLY A 567 -14.70 -0.14 25.11
CA GLY A 567 -13.70 0.24 26.08
C GLY A 567 -13.81 -0.45 27.43
N GLN A 568 -14.70 -1.42 27.56
CA GLN A 568 -14.91 -2.06 28.85
C GLN A 568 -13.73 -2.93 29.23
N THR A 569 -13.24 -2.77 30.45
CA THR A 569 -12.20 -3.63 30.98
C THR A 569 -12.78 -4.98 31.36
N VAL A 570 -12.24 -6.06 30.80
CA VAL A 570 -12.74 -7.42 30.97
C VAL A 570 -11.55 -8.36 31.19
N SER A 571 -11.83 -9.47 31.87
CA SER A 571 -10.81 -10.46 32.17
C SER A 571 -11.07 -11.74 31.39
N LEU A 572 -10.01 -12.30 30.82
CA LEU A 572 -10.05 -13.57 30.10
C LEU A 572 -9.35 -14.62 30.94
N ASN A 573 -10.05 -15.74 31.19
CA ASN A 573 -9.55 -16.83 32.02
C ASN A 573 -9.19 -18.02 31.14
N MET A 574 -7.94 -18.46 31.21
CA MET A 574 -7.45 -19.62 30.48
C MET A 574 -7.17 -20.76 31.45
N ALA A 575 -7.66 -21.96 31.12
CA ALA A 575 -7.48 -23.14 31.95
C ALA A 575 -7.08 -24.31 31.07
N THR A 576 -6.01 -25.00 31.45
CA THR A 576 -5.53 -26.16 30.72
C THR A 576 -5.34 -27.30 31.70
N GLY A 577 -5.40 -28.52 31.16
CA GLY A 577 -5.18 -29.68 32.01
C GLY A 577 -3.78 -29.74 32.56
N MET A 578 -2.78 -29.41 31.75
CA MET A 578 -1.39 -29.36 32.19
C MET A 578 -0.74 -28.09 31.66
N ASP A 579 0.44 -27.80 32.18
CA ASP A 579 1.20 -26.64 31.73
C ASP A 579 1.29 -26.65 30.22
N SER A 580 0.76 -25.60 29.59
CA SER A 580 0.66 -25.59 28.15
C SER A 580 0.88 -24.18 27.63
N TRP A 581 1.49 -24.08 26.45
CA TRP A 581 1.51 -22.81 25.76
C TRP A 581 0.15 -22.58 25.13
N VAL A 582 -0.22 -21.31 25.01
CA VAL A 582 -1.53 -20.95 24.46
C VAL A 582 -1.34 -19.74 23.56
N ALA A 583 -1.72 -19.88 22.29
CA ALA A 583 -1.69 -18.80 21.33
C ALA A 583 -3.10 -18.23 21.21
N LEU A 584 -3.24 -16.94 21.45
CA LEU A 584 -4.53 -16.28 21.45
C LEU A 584 -4.69 -15.43 20.19
N ALA A 585 -5.94 -15.19 19.83
CA ALA A 585 -6.27 -14.31 18.72
C ALA A 585 -7.64 -13.70 18.97
N ALA A 586 -7.83 -12.47 18.49
CA ALA A 586 -9.12 -11.77 18.60
C ALA A 586 -9.46 -11.14 17.26
N VAL A 587 -10.45 -11.68 16.55
CA VAL A 587 -10.73 -11.29 15.18
C VAL A 587 -12.17 -10.85 15.04
N ASP A 588 -12.41 -9.81 14.23
CA ASP A 588 -13.77 -9.40 13.88
C ASP A 588 -14.46 -10.53 13.11
N SER A 589 -15.46 -11.14 13.72
CA SER A 589 -16.10 -12.31 13.11
C SER A 589 -16.69 -12.03 11.75
N ALA A 590 -16.99 -10.78 11.43
CA ALA A 590 -17.57 -10.51 10.13
C ALA A 590 -16.66 -10.93 8.98
N VAL A 591 -15.36 -11.13 9.24
CA VAL A 591 -14.48 -11.58 8.17
C VAL A 591 -14.82 -12.97 7.70
N TYR A 592 -15.52 -13.75 8.51
CA TYR A 592 -15.76 -15.12 8.10
C TYR A 592 -17.07 -15.24 7.34
N GLY A 593 -17.94 -14.25 7.42
CA GLY A 593 -19.19 -14.26 6.70
C GLY A 593 -20.13 -15.36 7.11
N LEU A 602 -12.19 -21.38 11.02
CA LEU A 602 -12.17 -21.98 9.69
C LEU A 602 -11.46 -23.33 9.64
N GLU A 603 -10.37 -23.47 10.39
CA GLU A 603 -9.55 -24.66 10.29
C GLU A 603 -9.98 -25.70 11.30
N ARG A 604 -9.83 -26.97 10.90
CA ARG A 604 -10.08 -28.11 11.77
C ARG A 604 -8.87 -29.03 11.70
N VAL A 605 -8.22 -29.22 12.83
CA VAL A 605 -6.93 -29.91 12.86
C VAL A 605 -7.09 -31.42 12.99
N PHE A 606 -8.11 -31.89 13.70
CA PHE A 606 -8.22 -33.33 13.96
C PHE A 606 -8.40 -34.13 12.69
N GLN A 607 -9.01 -33.52 11.65
CA GLN A 607 -9.20 -34.24 10.40
C GLN A 607 -7.94 -34.22 9.54
N PHE A 608 -7.26 -33.09 9.46
CA PHE A 608 -5.99 -33.04 8.74
C PHE A 608 -4.90 -33.82 9.44
N LEU A 609 -5.11 -34.17 10.69
CA LEU A 609 -4.09 -34.89 11.45
C LEU A 609 -4.10 -36.37 11.13
N GLU A 610 -5.27 -36.96 10.87
CA GLU A 610 -5.29 -38.38 10.54
C GLU A 610 -5.11 -38.62 9.05
N LYS A 611 -4.30 -37.82 8.38
CA LYS A 611 -3.79 -38.23 7.08
C LYS A 611 -2.60 -39.14 7.25
N SER A 612 -2.04 -39.19 8.44
CA SER A 612 -0.90 -40.04 8.73
C SER A 612 -1.32 -41.48 8.93
N ASP A 613 -2.61 -41.74 9.04
CA ASP A 613 -3.15 -43.09 9.04
C ASP A 613 -3.01 -43.67 7.65
N LEU A 614 -2.14 -44.66 7.51
CA LEU A 614 -1.87 -45.29 6.23
C LEU A 614 -2.93 -46.31 5.84
N GLY A 615 -3.90 -46.52 6.67
CA GLY A 615 -5.00 -47.41 6.36
C GLY A 615 -6.12 -46.75 5.59
N CYS A 616 -6.99 -47.60 5.05
CA CYS A 616 -8.13 -47.18 4.25
C CYS A 616 -9.34 -48.04 4.58
N GLY A 617 -10.51 -47.48 4.31
CA GLY A 617 -11.74 -48.22 4.45
C GLY A 617 -12.10 -48.52 5.89
N ALA A 618 -13.15 -49.29 6.05
CA ALA A 618 -13.66 -49.64 7.37
C ALA A 618 -13.02 -50.90 7.92
N GLY A 619 -12.10 -51.50 7.19
CA GLY A 619 -11.42 -52.70 7.60
C GLY A 619 -11.67 -53.86 6.65
N GLY A 620 -11.05 -54.97 6.96
CA GLY A 620 -11.18 -56.15 6.14
C GLY A 620 -10.13 -56.25 5.06
N GLY A 621 -10.42 -57.11 4.08
CA GLY A 621 -9.53 -57.31 2.96
C GLY A 621 -9.84 -58.54 2.13
N LEU A 622 -9.32 -58.58 0.90
CA LEU A 622 -9.52 -59.74 0.03
C LEU A 622 -8.84 -60.99 0.55
N ASN A 623 -7.71 -60.83 1.22
CA ASN A 623 -7.03 -61.96 1.85
C ASN A 623 -6.19 -61.40 2.99
N ASN A 624 -5.33 -62.23 3.57
CA ASN A 624 -4.52 -61.77 4.69
C ASN A 624 -3.65 -60.59 4.31
N ALA A 625 -2.92 -60.72 3.21
CA ALA A 625 -2.03 -59.64 2.82
C ALA A 625 -2.81 -58.35 2.58
N ASN A 626 -3.99 -58.44 1.96
CA ASN A 626 -4.78 -57.24 1.78
C ASN A 626 -5.32 -56.72 3.10
N VAL A 627 -5.63 -57.60 4.05
CA VAL A 627 -6.07 -57.11 5.35
C VAL A 627 -4.97 -56.28 5.99
N PHE A 628 -3.74 -56.78 5.95
CA PHE A 628 -2.63 -56.01 6.50
C PHE A 628 -2.42 -54.72 5.72
N HIS A 629 -2.53 -54.78 4.39
CA HIS A 629 -2.30 -53.60 3.58
C HIS A 629 -3.32 -52.50 3.84
N LEU A 630 -4.60 -52.84 3.83
CA LEU A 630 -5.61 -51.81 4.06
C LEU A 630 -5.56 -51.26 5.47
N ALA A 631 -4.88 -51.92 6.38
CA ALA A 631 -4.68 -51.38 7.71
C ALA A 631 -3.41 -50.55 7.81
N GLY A 632 -2.67 -50.43 6.71
CA GLY A 632 -1.46 -49.66 6.71
C GLY A 632 -0.25 -50.35 7.28
N LEU A 633 -0.07 -51.64 6.98
CA LEU A 633 0.96 -52.46 7.57
C LEU A 633 1.67 -53.27 6.50
N THR A 634 2.99 -53.40 6.63
CA THR A 634 3.73 -54.47 5.97
C THR A 634 4.15 -55.48 7.02
N PHE A 635 4.33 -56.72 6.59
CA PHE A 635 4.65 -57.81 7.49
C PHE A 635 5.66 -58.74 6.85
N LEU A 636 6.45 -59.41 7.70
CA LEU A 636 7.42 -60.43 7.31
C LEU A 636 7.03 -61.74 7.96
N THR A 637 6.86 -62.79 7.15
CA THR A 637 6.37 -64.05 7.67
C THR A 637 6.98 -65.18 6.86
N ASN A 638 7.23 -66.31 7.54
CA ASN A 638 7.49 -67.53 6.81
C ASN A 638 6.21 -68.21 6.35
N ALA A 639 5.06 -67.77 6.82
CA ALA A 639 3.78 -68.25 6.34
C ALA A 639 3.50 -67.66 4.96
N ASN A 640 2.36 -68.08 4.39
CA ASN A 640 2.00 -67.58 3.07
C ASN A 640 1.82 -66.08 3.11
N ALA A 641 2.49 -65.40 2.18
CA ALA A 641 2.49 -63.95 2.08
C ALA A 641 2.08 -63.48 0.68
N ASP A 642 1.27 -64.26 -0.02
CA ASP A 642 0.83 -63.88 -1.36
C ASP A 642 0.01 -62.61 -1.35
N ASP A 643 0.57 -61.54 -1.89
CA ASP A 643 -0.08 -60.25 -1.96
C ASP A 643 -0.38 -59.91 -3.41
N SER A 644 -1.05 -58.78 -3.61
CA SER A 644 -1.36 -58.31 -4.94
C SER A 644 -0.10 -57.79 -5.60
N GLN A 645 -0.27 -57.24 -6.80
CA GLN A 645 0.86 -56.81 -7.60
C GLN A 645 1.23 -55.38 -7.29
N GLU A 646 2.53 -55.10 -7.26
CA GLU A 646 3.05 -53.74 -7.07
C GLU A 646 2.51 -53.11 -5.80
N ASN A 647 2.24 -53.91 -4.77
CA ASN A 647 1.61 -53.40 -3.56
C ASN A 647 2.72 -52.93 -2.62
N ASP A 648 3.25 -51.76 -2.94
CA ASP A 648 4.33 -51.13 -2.19
C ASP A 648 3.93 -49.77 -1.64
N GLU A 649 3.20 -48.99 -2.41
CA GLU A 649 2.68 -47.73 -1.91
C GLU A 649 1.49 -47.98 -1.00
N PRO A 650 1.21 -47.07 -0.08
CA PRO A 650 0.03 -47.21 0.77
C PRO A 650 -1.25 -47.17 -0.03
N CYS A 651 -2.30 -47.76 0.54
CA CYS A 651 -3.60 -47.71 -0.11
C CYS A 651 -4.07 -46.28 -0.26
N LYS A 652 -4.97 -46.07 -1.20
CA LYS A 652 -5.59 -44.77 -1.38
C LYS A 652 -7.07 -44.94 -1.11
N GLU A 653 -7.60 -44.10 -0.22
CA GLU A 653 -9.01 -44.16 0.11
C GLU A 653 -9.84 -43.94 -1.14
N ILE A 654 -10.80 -44.85 -1.39
CA ILE A 654 -11.54 -44.80 -2.64
C ILE A 654 -12.69 -43.82 -2.49
N LEU A 655 -12.98 -43.11 -3.57
CA LEU A 655 -14.08 -42.14 -3.63
C LEU A 655 -15.11 -42.63 -4.63
N ARG A 656 -16.33 -42.12 -4.49
CA ARG A 656 -17.45 -42.62 -5.29
C ARG A 656 -18.17 -41.46 -5.98
N LEU B 1 -33.63 -4.94 -30.27
CA LEU B 1 -32.69 -4.26 -29.38
C LEU B 1 -31.85 -5.25 -28.59
N GLN B 2 -32.49 -6.31 -28.10
CA GLN B 2 -31.75 -7.35 -27.41
C GLN B 2 -30.85 -8.12 -28.37
N LYS B 3 -31.39 -8.52 -29.51
CA LYS B 3 -30.60 -9.23 -30.52
C LYS B 3 -29.48 -8.36 -31.08
N LYS B 4 -29.76 -7.07 -31.28
CA LYS B 4 -28.72 -6.15 -31.75
C LYS B 4 -27.55 -6.07 -30.80
N ILE B 5 -27.71 -6.53 -29.55
CA ILE B 5 -26.62 -6.52 -28.60
C ILE B 5 -26.11 -7.94 -28.34
N GLU B 6 -26.97 -8.93 -28.47
CA GLU B 6 -26.56 -10.32 -28.38
C GLU B 6 -25.53 -10.63 -29.46
N GLU B 7 -25.73 -10.05 -30.64
CA GLU B 7 -24.74 -10.21 -31.71
C GLU B 7 -23.41 -9.58 -31.32
N ILE B 8 -23.45 -8.40 -30.69
CA ILE B 8 -22.21 -7.72 -30.30
C ILE B 8 -21.44 -8.56 -29.28
N ALA B 9 -22.11 -8.93 -28.18
CA ALA B 9 -21.43 -9.70 -27.16
C ALA B 9 -20.96 -11.02 -27.72
N ALA B 10 -21.83 -11.70 -28.48
CA ALA B 10 -21.43 -12.98 -29.06
C ALA B 10 -20.25 -12.80 -30.02
N LYS B 11 -20.19 -11.67 -30.70
CA LYS B 11 -19.06 -11.45 -31.60
C LYS B 11 -17.77 -11.33 -30.83
N TYR B 12 -17.83 -10.72 -29.65
CA TYR B 12 -16.60 -10.46 -28.92
C TYR B 12 -16.58 -11.22 -27.60
N LYS B 13 -17.38 -12.28 -27.50
CA LYS B 13 -17.43 -13.09 -26.29
C LYS B 13 -16.07 -13.70 -26.04
N HIS B 14 -15.50 -14.34 -27.06
CA HIS B 14 -14.18 -14.93 -26.89
C HIS B 14 -13.12 -14.22 -27.72
N SER B 15 -13.33 -12.97 -28.09
CA SER B 15 -12.27 -12.35 -28.86
C SER B 15 -11.14 -12.09 -27.89
N VAL B 16 -9.91 -12.19 -28.38
CA VAL B 16 -8.75 -11.86 -27.54
C VAL B 16 -8.81 -10.41 -27.12
N VAL B 17 -9.14 -9.53 -28.07
CA VAL B 17 -9.30 -8.11 -27.82
C VAL B 17 -10.80 -7.89 -27.72
N LYS B 18 -11.28 -7.95 -26.50
CA LYS B 18 -12.69 -7.87 -26.18
C LYS B 18 -13.08 -6.61 -25.44
N LYS B 19 -12.21 -6.14 -24.54
CA LYS B 19 -12.49 -4.94 -23.77
C LYS B 19 -12.53 -3.72 -24.68
N CYS B 20 -11.69 -3.69 -25.73
CA CYS B 20 -11.70 -2.52 -26.59
C CYS B 20 -13.10 -2.31 -27.14
N CYS B 21 -13.79 -3.40 -27.44
CA CYS B 21 -15.19 -3.27 -27.81
C CYS B 21 -16.01 -2.78 -26.63
N TYR B 22 -15.73 -3.29 -25.43
CA TYR B 22 -16.51 -2.90 -24.25
C TYR B 22 -16.45 -1.42 -23.94
N ASP B 23 -15.27 -0.92 -23.57
CA ASP B 23 -15.15 0.49 -23.24
C ASP B 23 -15.27 1.37 -24.48
N GLY B 24 -15.34 0.79 -25.66
CA GLY B 24 -15.77 1.55 -26.82
C GLY B 24 -17.25 1.90 -26.71
N ALA B 25 -18.04 0.95 -26.22
CA ALA B 25 -19.49 1.16 -26.08
C ALA B 25 -19.85 2.02 -24.89
N CYS B 26 -18.88 2.48 -24.10
CA CYS B 26 -19.18 3.31 -22.95
C CYS B 26 -19.57 4.72 -23.37
N VAL B 27 -20.36 5.37 -22.52
CA VAL B 27 -20.92 6.67 -22.88
C VAL B 27 -19.85 7.75 -22.80
N ASN B 28 -19.79 8.59 -23.82
CA ASN B 28 -18.90 9.74 -23.85
C ASN B 28 -19.59 10.79 -24.73
N ASN B 29 -20.34 11.67 -24.09
CA ASN B 29 -21.11 12.68 -24.79
C ASN B 29 -20.27 13.87 -25.21
N ASP B 30 -18.96 13.83 -24.93
CA ASP B 30 -18.09 14.96 -25.22
C ASP B 30 -17.14 14.71 -26.38
N GLU B 31 -16.94 13.45 -26.79
CA GLU B 31 -16.02 13.17 -27.88
C GLU B 31 -16.64 12.14 -28.82
N THR B 32 -16.38 12.31 -30.11
CA THR B 32 -16.85 11.35 -31.09
C THR B 32 -16.05 10.06 -30.98
N CYS B 33 -16.52 9.04 -31.68
CA CYS B 33 -15.83 7.76 -31.65
C CYS B 33 -14.43 7.87 -32.23
N GLU B 34 -14.27 8.61 -33.32
CA GLU B 34 -12.93 8.69 -33.92
C GLU B 34 -11.99 9.49 -33.02
N GLN B 35 -12.51 10.47 -32.28
CA GLN B 35 -11.64 11.21 -31.38
C GLN B 35 -11.18 10.35 -30.23
N ARG B 36 -12.05 9.48 -29.73
CA ARG B 36 -11.66 8.58 -28.67
C ARG B 36 -10.68 7.53 -29.17
N ALA B 37 -10.95 6.94 -30.32
CA ALA B 37 -10.02 5.95 -30.85
C ALA B 37 -8.69 6.56 -31.23
N ALA B 38 -8.62 7.87 -31.43
CA ALA B 38 -7.34 8.49 -31.74
C ALA B 38 -6.32 8.35 -30.63
N ARG B 39 -6.76 8.09 -29.40
CA ARG B 39 -5.86 7.90 -28.26
C ARG B 39 -5.49 6.45 -28.02
N ILE B 40 -6.10 5.53 -28.76
CA ILE B 40 -5.88 4.11 -28.54
C ILE B 40 -4.50 3.73 -29.03
N SER B 41 -3.77 2.99 -28.22
CA SER B 41 -2.41 2.58 -28.57
C SER B 41 -2.22 1.07 -28.63
N LEU B 42 -2.98 0.31 -27.85
CA LEU B 42 -2.90 -1.15 -27.74
C LEU B 42 -2.98 -1.89 -29.08
N GLY B 43 -2.92 -1.15 -30.17
CA GLY B 43 -2.79 -1.73 -31.48
C GLY B 43 -3.96 -1.55 -32.44
N PRO B 44 -3.75 -2.00 -33.69
CA PRO B 44 -4.75 -1.73 -34.76
C PRO B 44 -6.07 -2.45 -34.66
N ARG B 45 -6.05 -3.66 -34.16
CA ARG B 45 -7.28 -4.44 -34.02
C ARG B 45 -8.22 -3.85 -33.00
N CYS B 46 -7.64 -3.39 -31.89
CA CYS B 46 -8.37 -2.74 -30.83
C CYS B 46 -9.02 -1.45 -31.33
N ILE B 47 -8.38 -0.72 -32.25
CA ILE B 47 -9.01 0.51 -32.72
C ILE B 47 -10.27 0.20 -33.51
N LYS B 48 -10.26 -0.86 -34.32
CA LYS B 48 -11.43 -1.18 -35.14
C LYS B 48 -12.55 -1.78 -34.31
N ALA B 49 -12.22 -2.65 -33.35
CA ALA B 49 -13.26 -3.16 -32.46
C ALA B 49 -13.88 -2.02 -31.66
N PHE B 50 -13.03 -1.18 -31.07
CA PHE B 50 -13.50 -0.02 -30.33
C PHE B 50 -14.39 0.86 -31.20
N THR B 51 -13.96 1.16 -32.42
CA THR B 51 -14.73 2.06 -33.27
C THR B 51 -16.08 1.45 -33.62
N GLU B 52 -16.11 0.16 -33.96
CA GLU B 52 -17.37 -0.49 -34.28
C GLU B 52 -18.33 -0.40 -33.11
N CYS B 53 -17.92 -0.93 -31.95
CA CYS B 53 -18.82 -0.96 -30.82
C CYS B 53 -19.19 0.43 -30.35
N CYS B 54 -18.33 1.41 -30.55
CA CYS B 54 -18.65 2.79 -30.19
C CYS B 54 -19.76 3.34 -31.09
N VAL B 55 -19.62 3.13 -32.41
CA VAL B 55 -20.60 3.67 -33.34
C VAL B 55 -21.95 2.99 -33.15
N VAL B 56 -21.95 1.66 -33.03
CA VAL B 56 -23.19 0.94 -32.87
C VAL B 56 -23.87 1.31 -31.56
N ALA B 57 -23.09 1.42 -30.49
CA ALA B 57 -23.68 1.81 -29.21
C ALA B 57 -24.27 3.21 -29.28
N SER B 58 -23.59 4.13 -29.99
CA SER B 58 -24.12 5.48 -30.09
C SER B 58 -25.39 5.53 -30.93
N GLN B 59 -25.49 4.68 -31.94
CA GLN B 59 -26.71 4.66 -32.74
C GLN B 59 -27.87 4.05 -31.94
N LEU B 60 -27.58 3.01 -31.15
CA LEU B 60 -28.66 2.40 -30.38
C LEU B 60 -29.13 3.32 -29.26
N ARG B 61 -28.24 4.12 -28.71
CA ARG B 61 -28.64 5.01 -27.63
C ARG B 61 -29.46 6.19 -28.09
N ALA B 62 -29.95 6.24 -29.32
CA ALA B 62 -30.77 7.36 -29.76
C ALA B 62 -32.21 7.12 -29.33
N ASN B 63 -32.77 8.07 -28.57
CA ASN B 63 -34.16 8.01 -28.10
C ASN B 63 -34.41 6.72 -27.33
N ILE B 64 -33.51 6.42 -26.40
CA ILE B 64 -33.62 5.21 -25.59
C ILE B 64 -34.51 5.48 -24.40
N SER B 65 -34.82 4.42 -23.65
CA SER B 65 -35.44 4.53 -22.35
C SER B 65 -34.43 4.12 -21.30
N HIS B 66 -34.66 4.58 -20.06
CA HIS B 66 -33.74 4.26 -18.98
C HIS B 66 -33.64 2.75 -18.78
N LYS B 67 -34.77 2.04 -18.93
CA LYS B 67 -34.73 0.59 -18.81
C LYS B 67 -33.94 -0.03 -19.95
N ASP B 68 -34.06 0.52 -21.16
CA ASP B 68 -33.30 -0.01 -22.28
C ASP B 68 -31.81 0.25 -22.10
N MET B 69 -31.44 1.46 -21.66
CA MET B 69 -30.03 1.74 -21.40
C MET B 69 -29.47 0.81 -20.33
N GLN B 70 -30.19 0.65 -19.23
CA GLN B 70 -29.69 -0.16 -18.14
C GLN B 70 -29.61 -1.64 -18.53
N LEU B 71 -30.58 -2.12 -19.30
CA LEU B 71 -30.52 -3.51 -19.76
C LEU B 71 -29.33 -3.71 -20.70
N GLY B 72 -29.06 -2.70 -21.53
CA GLY B 72 -27.88 -2.78 -22.38
C GLY B 72 -26.60 -2.81 -21.56
N ARG B 73 -26.53 -1.99 -20.51
CA ARG B 73 -25.41 -2.05 -19.61
C ARG B 73 -25.32 -3.40 -18.90
N LEU B 74 -26.44 -4.10 -18.77
CA LEU B 74 -26.40 -5.46 -18.24
C LEU B 74 -25.82 -6.46 -19.24
N HIS B 75 -26.27 -6.37 -20.50
CA HIS B 75 -25.74 -7.29 -21.52
C HIS B 75 -24.25 -7.10 -21.72
N MET B 76 -23.82 -5.85 -21.88
CA MET B 76 -22.40 -5.60 -22.14
C MET B 76 -21.59 -5.88 -20.90
N LYS B 77 -22.07 -5.41 -19.74
CA LYS B 77 -21.26 -5.37 -18.54
C LYS B 77 -20.99 -6.75 -17.96
N THR B 78 -21.62 -7.79 -18.49
CA THR B 78 -21.42 -9.13 -17.95
C THR B 78 -20.59 -10.03 -18.87
N LEU B 79 -20.89 -10.04 -20.16
CA LEU B 79 -20.24 -11.03 -21.02
C LEU B 79 -18.79 -10.66 -21.32
N LEU B 80 -18.48 -9.37 -21.42
CA LEU B 80 -17.15 -8.98 -21.87
C LEU B 80 -16.15 -8.86 -20.72
N PRO B 81 -16.45 -8.15 -19.61
CA PRO B 81 -15.43 -8.07 -18.57
C PRO B 81 -15.20 -9.41 -17.90
N VAL B 82 -14.21 -9.44 -17.02
CA VAL B 82 -13.89 -10.66 -16.29
C VAL B 82 -14.36 -10.46 -14.86
N SER B 83 -13.47 -10.02 -13.99
CA SER B 83 -13.81 -9.77 -12.59
C SER B 83 -12.68 -8.96 -11.97
N LYS B 84 -12.96 -8.42 -10.80
CA LYS B 84 -11.97 -7.59 -10.14
C LYS B 84 -12.14 -7.75 -8.63
N PRO B 85 -11.08 -8.13 -7.93
CA PRO B 85 -11.21 -8.36 -6.48
C PRO B 85 -11.35 -7.07 -5.72
N GLU B 86 -12.49 -6.90 -5.03
CA GLU B 86 -12.72 -5.70 -4.23
C GLU B 86 -13.72 -6.03 -3.13
N ILE B 87 -13.75 -5.17 -2.12
CA ILE B 87 -14.54 -5.41 -0.92
C ILE B 87 -15.21 -4.11 -0.49
N ARG B 88 -16.45 -4.22 -0.03
CA ARG B 88 -17.24 -3.08 0.40
C ARG B 88 -17.17 -2.82 1.91
N SER B 89 -16.64 -3.75 2.70
CA SER B 89 -16.58 -3.58 4.15
C SER B 89 -15.14 -3.54 4.64
N TYR B 90 -14.89 -2.77 5.69
CA TYR B 90 -13.57 -2.73 6.32
C TYR B 90 -13.60 -3.61 7.57
N PHE B 91 -12.49 -4.27 7.85
CA PHE B 91 -12.36 -5.12 9.02
C PHE B 91 -11.24 -4.57 9.88
N PRO B 92 -11.47 -4.26 11.14
CA PRO B 92 -10.42 -3.65 11.96
C PRO B 92 -9.28 -4.61 12.20
N GLU B 93 -8.16 -4.05 12.66
CA GLU B 93 -7.01 -4.88 12.94
C GLU B 93 -7.34 -5.82 14.08
N SER B 94 -6.84 -7.05 14.02
CA SER B 94 -7.02 -8.00 15.10
C SER B 94 -6.12 -7.65 16.27
N TRP B 95 -6.42 -8.26 17.42
CA TRP B 95 -5.64 -7.98 18.62
C TRP B 95 -5.52 -9.24 19.45
N LEU B 96 -4.93 -9.11 20.63
CA LEU B 96 -4.65 -10.22 21.53
C LEU B 96 -3.80 -11.29 20.86
N TRP B 97 -3.08 -10.92 19.80
CA TRP B 97 -2.25 -11.86 19.08
C TRP B 97 -0.97 -12.06 19.88
N GLU B 98 -1.06 -12.89 20.92
CA GLU B 98 0.05 -13.12 21.81
C GLU B 98 0.08 -14.59 22.22
N VAL B 99 1.22 -15.00 22.76
CA VAL B 99 1.43 -16.36 23.24
C VAL B 99 1.72 -16.29 24.73
N HIS B 100 1.12 -17.19 25.48
CA HIS B 100 1.26 -17.18 26.93
C HIS B 100 1.62 -18.56 27.43
N LEU B 101 2.49 -18.61 28.44
CA LEU B 101 2.72 -19.85 29.17
C LEU B 101 1.64 -19.95 30.22
N VAL B 102 0.77 -20.94 30.10
CA VAL B 102 -0.37 -21.09 30.99
C VAL B 102 -0.05 -22.25 31.93
N PRO B 103 0.29 -21.98 33.24
CA PRO B 103 0.48 -23.05 34.22
C PRO B 103 -0.86 -23.58 34.71
N ARG B 104 -1.54 -24.28 33.82
CA ARG B 104 -2.84 -24.89 34.05
C ARG B 104 -3.93 -23.86 34.27
N ARG B 105 -3.55 -22.63 34.61
CA ARG B 105 -4.53 -21.60 34.93
C ARG B 105 -3.84 -20.25 34.85
N LYS B 106 -4.41 -19.34 34.07
CA LYS B 106 -3.84 -18.00 33.98
C LYS B 106 -4.91 -17.06 33.50
N GLN B 107 -5.15 -16.01 34.26
CA GLN B 107 -6.10 -14.97 33.92
C GLN B 107 -5.35 -13.71 33.52
N LEU B 108 -5.87 -13.03 32.50
CA LEU B 108 -5.27 -11.79 32.06
C LEU B 108 -6.38 -10.80 31.72
N GLN B 109 -6.27 -9.58 32.22
CA GLN B 109 -7.30 -8.57 32.02
C GLN B 109 -6.81 -7.46 31.07
N PHE B 110 -7.76 -6.90 30.32
CA PHE B 110 -7.44 -5.87 29.34
C PHE B 110 -8.68 -5.01 29.12
N ALA B 111 -8.65 -4.20 28.06
CA ALA B 111 -9.77 -3.34 27.70
C ALA B 111 -10.17 -3.60 26.27
N LEU B 112 -11.47 -3.77 26.05
CA LEU B 112 -11.97 -4.02 24.71
C LEU B 112 -11.78 -2.79 23.83
N PRO B 113 -11.47 -2.97 22.56
CA PRO B 113 -11.24 -1.82 21.70
C PRO B 113 -12.51 -1.00 21.49
N ASP B 114 -12.31 0.25 21.08
CA ASP B 114 -13.42 1.15 20.84
C ASP B 114 -13.91 0.85 19.44
N SER B 115 -14.96 0.05 19.34
CA SER B 115 -15.49 -0.32 18.05
C SER B 115 -16.80 -1.02 18.28
N LEU B 116 -17.66 -0.99 17.26
CA LEU B 116 -18.89 -1.78 17.26
C LEU B 116 -18.62 -3.02 16.43
N THR B 117 -18.24 -4.09 17.11
CA THR B 117 -17.72 -5.25 16.42
C THR B 117 -18.07 -6.49 17.22
N THR B 118 -18.41 -7.56 16.54
CA THR B 118 -18.57 -8.86 17.20
C THR B 118 -17.22 -9.56 17.16
N TRP B 119 -16.47 -9.42 18.25
CA TRP B 119 -15.14 -10.00 18.35
C TRP B 119 -15.21 -11.50 18.66
N GLU B 120 -14.26 -12.23 18.10
CA GLU B 120 -14.16 -13.68 18.23
C GLU B 120 -12.79 -14.02 18.79
N ILE B 121 -12.76 -14.55 20.01
CA ILE B 121 -11.52 -14.88 20.68
C ILE B 121 -11.24 -16.37 20.52
N GLN B 122 -10.05 -16.70 20.00
CA GLN B 122 -9.66 -18.06 19.64
C GLN B 122 -8.36 -18.43 20.33
N GLY B 123 -8.34 -19.56 21.00
CA GLY B 123 -7.14 -20.04 21.69
C GLY B 123 -6.71 -21.37 21.09
N VAL B 124 -5.39 -21.55 20.98
CA VAL B 124 -4.79 -22.76 20.46
C VAL B 124 -3.68 -23.19 21.41
N GLY B 125 -3.87 -24.30 22.10
CA GLY B 125 -2.88 -24.77 23.05
C GLY B 125 -1.91 -25.76 22.42
N ILE B 126 -0.64 -25.60 22.79
CA ILE B 126 0.44 -26.46 22.33
C ILE B 126 1.16 -26.98 23.56
N SER B 127 1.31 -28.29 23.67
CA SER B 127 2.01 -28.89 24.78
C SER B 127 2.62 -30.19 24.31
N ASN B 128 3.32 -30.88 25.20
CA ASN B 128 3.91 -32.17 24.84
C ASN B 128 2.84 -33.20 24.52
N THR B 129 1.59 -32.92 24.83
CA THR B 129 0.47 -33.77 24.51
C THR B 129 -0.20 -33.41 23.20
N GLY B 130 0.31 -32.40 22.49
CA GLY B 130 -0.19 -32.09 21.17
C GLY B 130 -0.79 -30.70 21.08
N ILE B 131 -1.79 -30.57 20.21
CA ILE B 131 -2.48 -29.33 19.90
C ILE B 131 -3.93 -29.43 20.32
N CYS B 132 -4.46 -28.32 20.84
CA CYS B 132 -5.86 -28.27 21.28
C CYS B 132 -6.46 -26.95 20.82
N VAL B 133 -7.39 -27.00 19.87
CA VAL B 133 -8.11 -25.80 19.45
C VAL B 133 -9.28 -25.60 20.40
N ALA B 134 -9.20 -24.59 21.26
CA ALA B 134 -10.27 -24.32 22.21
C ALA B 134 -11.53 -23.86 21.49
N ASP B 135 -12.65 -23.91 22.21
CA ASP B 135 -13.91 -23.39 21.68
C ASP B 135 -13.81 -21.88 21.50
N THR B 136 -14.15 -21.41 20.32
CA THR B 136 -14.11 -19.98 20.04
C THR B 136 -15.19 -19.27 20.86
N VAL B 137 -14.80 -18.24 21.60
CA VAL B 137 -15.74 -17.49 22.45
C VAL B 137 -16.04 -16.13 21.84
N LYS B 138 -17.30 -15.74 21.85
CA LYS B 138 -17.73 -14.48 21.25
C LYS B 138 -17.83 -13.36 22.27
N ALA B 139 -17.58 -12.14 21.81
CA ALA B 139 -17.64 -10.95 22.65
C ALA B 139 -18.09 -9.80 21.76
N LYS B 140 -19.36 -9.45 21.84
CA LYS B 140 -19.96 -8.45 20.97
C LYS B 140 -19.92 -7.10 21.67
N VAL B 141 -19.06 -6.19 21.21
CA VAL B 141 -19.06 -4.82 21.71
C VAL B 141 -20.03 -4.00 20.86
N PHE B 142 -21.07 -3.48 21.50
CA PHE B 142 -22.23 -2.94 20.82
C PHE B 142 -22.79 -1.76 21.62
N LYS B 143 -23.25 -0.74 20.93
CA LYS B 143 -23.87 0.44 21.52
C LYS B 143 -25.20 0.67 20.83
N ASP B 144 -26.28 0.79 21.61
CA ASP B 144 -27.59 0.86 21.00
C ASP B 144 -28.02 2.26 20.57
N VAL B 145 -27.48 3.31 21.19
CA VAL B 145 -27.80 4.69 20.82
C VAL B 145 -26.52 5.51 20.81
N PHE B 146 -26.17 6.08 19.67
CA PHE B 146 -24.91 6.81 19.65
C PHE B 146 -24.95 7.84 18.54
N LEU B 147 -24.21 8.94 18.74
CA LEU B 147 -24.11 10.03 17.78
C LEU B 147 -22.80 9.98 17.04
N GLU B 148 -22.84 10.28 15.74
CA GLU B 148 -21.60 10.56 15.02
C GLU B 148 -21.78 11.81 14.17
N MET B 149 -20.68 12.56 14.01
CA MET B 149 -20.62 13.82 13.28
C MET B 149 -19.63 13.72 12.13
N ASN B 150 -19.98 14.32 11.01
CA ASN B 150 -19.12 14.34 9.82
C ASN B 150 -18.46 15.71 9.72
N ILE B 151 -17.20 15.78 10.11
CA ILE B 151 -16.45 17.02 10.08
C ILE B 151 -15.59 16.99 8.82
N PRO B 152 -15.64 18.01 7.98
CA PRO B 152 -14.83 18.02 6.76
C PRO B 152 -13.34 18.12 7.05
N TYR B 153 -12.55 17.80 6.03
CA TYR B 153 -11.10 17.85 6.20
C TYR B 153 -10.63 19.25 6.54
N SER B 154 -11.03 20.23 5.74
CA SER B 154 -10.66 21.61 5.99
C SER B 154 -11.85 22.50 5.67
N VAL B 155 -11.78 23.71 6.22
CA VAL B 155 -12.79 24.74 6.05
C VAL B 155 -12.06 26.06 5.94
N VAL B 156 -12.40 26.86 4.95
CA VAL B 156 -11.72 28.15 4.78
C VAL B 156 -12.29 29.16 5.76
N ARG B 157 -11.43 29.95 6.38
CA ARG B 157 -11.90 30.95 7.32
C ARG B 157 -12.93 31.87 6.67
N GLY B 158 -13.99 32.13 7.38
CA GLY B 158 -15.05 32.95 6.89
C GLY B 158 -16.21 32.19 6.28
N GLU B 159 -16.02 30.93 5.92
CA GLU B 159 -17.09 30.16 5.31
C GLU B 159 -18.08 29.73 6.37
N GLN B 160 -19.35 29.78 6.04
CA GLN B 160 -20.40 29.29 6.92
C GLN B 160 -20.68 27.84 6.58
N ILE B 161 -20.31 26.94 7.49
CA ILE B 161 -20.34 25.50 7.26
C ILE B 161 -21.52 24.91 7.98
N GLN B 162 -22.23 24.02 7.32
CA GLN B 162 -23.26 23.21 7.94
C GLN B 162 -22.65 21.86 8.28
N LEU B 163 -22.50 21.60 9.57
CA LEU B 163 -21.96 20.34 10.04
C LEU B 163 -23.09 19.36 10.23
N LYS B 164 -23.07 18.29 9.46
CA LYS B 164 -24.09 17.26 9.45
C LYS B 164 -23.67 16.09 10.34
N GLY B 165 -24.65 15.43 10.94
CA GLY B 165 -24.40 14.29 11.80
C GLY B 165 -25.65 13.44 11.86
N THR B 166 -25.53 12.32 12.57
CA THR B 166 -26.62 11.36 12.68
C THR B 166 -26.60 10.76 14.08
N VAL B 167 -27.77 10.64 14.70
CA VAL B 167 -27.91 9.84 15.91
C VAL B 167 -28.58 8.53 15.52
N TYR B 168 -27.97 7.43 15.93
CA TYR B 168 -28.43 6.11 15.60
C TYR B 168 -29.13 5.54 16.82
N ASN B 169 -30.30 4.95 16.59
CA ASN B 169 -31.07 4.29 17.63
C ASN B 169 -31.38 2.89 17.12
N TYR B 170 -30.64 1.90 17.61
CA TYR B 170 -30.82 0.51 17.23
C TYR B 170 -31.80 -0.23 18.15
N ARG B 171 -32.23 0.41 19.23
CA ARG B 171 -33.29 -0.16 20.06
C ARG B 171 -34.60 -0.19 19.30
N THR B 172 -35.44 -1.18 19.65
CA THR B 172 -36.71 -1.35 18.96
C THR B 172 -37.72 -0.28 19.33
N SER B 173 -37.47 0.49 20.37
CA SER B 173 -38.37 1.54 20.84
C SER B 173 -37.74 2.92 20.66
N GLY B 174 -38.53 3.87 20.16
CA GLY B 174 -38.06 5.23 20.01
C GLY B 174 -37.79 5.89 21.36
N MET B 175 -37.09 7.03 21.31
CA MET B 175 -36.67 7.69 22.54
C MET B 175 -36.37 9.16 22.28
N GLN B 176 -36.34 9.93 23.36
CA GLN B 176 -36.02 11.35 23.32
C GLN B 176 -34.52 11.57 23.48
N PHE B 177 -34.06 12.72 23.00
CA PHE B 177 -32.65 13.05 23.05
C PHE B 177 -32.47 14.53 22.73
N CYS B 178 -31.24 14.99 22.86
CA CYS B 178 -30.86 16.32 22.41
C CYS B 178 -29.35 16.39 22.30
N VAL B 179 -28.87 16.92 21.19
CA VAL B 179 -27.47 17.15 20.95
C VAL B 179 -27.18 18.63 21.10
N LYS B 180 -26.11 18.94 21.81
CA LYS B 180 -25.66 20.31 21.98
C LYS B 180 -24.20 20.42 21.56
N MET B 181 -23.80 21.62 21.15
CA MET B 181 -22.46 21.85 20.62
C MET B 181 -21.63 22.66 21.60
N SER B 182 -20.33 22.37 21.65
CA SER B 182 -19.42 23.05 22.55
C SER B 182 -18.85 24.28 21.85
N ALA B 183 -19.14 25.45 22.40
CA ALA B 183 -18.70 26.69 21.78
C ALA B 183 -17.23 26.96 22.09
N VAL B 184 -16.38 26.99 21.07
CA VAL B 184 -15.00 27.40 21.23
C VAL B 184 -14.90 28.85 20.77
N GLU B 185 -13.86 29.55 21.25
CA GLU B 185 -13.76 30.99 21.06
C GLU B 185 -13.72 31.39 19.59
N GLY B 186 -12.85 30.76 18.81
CA GLY B 186 -12.73 31.19 17.42
C GLY B 186 -13.92 30.84 16.54
N ILE B 187 -14.74 29.87 16.95
CA ILE B 187 -15.84 29.37 16.15
C ILE B 187 -17.10 30.16 16.50
N CYS B 188 -17.62 30.91 15.53
CA CYS B 188 -18.77 31.76 15.76
C CYS B 188 -20.04 31.00 15.42
N THR B 189 -20.96 30.90 16.40
CA THR B 189 -22.22 30.23 16.19
C THR B 189 -23.33 31.27 16.27
N SER B 190 -24.43 31.01 15.56
CA SER B 190 -25.52 31.98 15.48
C SER B 190 -26.22 32.17 16.83
N GLU B 191 -26.48 31.08 17.53
CA GLU B 191 -27.06 31.14 18.86
C GLU B 191 -25.98 31.51 19.87
N SER B 192 -26.32 31.50 21.15
CA SER B 192 -25.36 31.89 22.16
C SER B 192 -25.30 30.85 23.27
N PRO B 193 -24.12 30.67 23.86
CA PRO B 193 -23.98 29.65 24.92
C PRO B 193 -24.85 29.96 26.12
N VAL B 194 -25.41 28.92 26.71
CA VAL B 194 -26.25 29.06 27.89
C VAL B 194 -25.48 28.80 29.18
N ILE B 195 -24.78 27.66 29.27
CA ILE B 195 -24.01 27.26 30.46
C ILE B 195 -23.37 25.89 30.24
N LYS B 201 -20.60 26.50 29.07
CA LYS B 201 -21.05 27.29 27.94
C LYS B 201 -21.06 26.48 26.66
N SER B 202 -22.20 25.83 26.37
CA SER B 202 -22.27 24.94 25.20
C SER B 202 -23.73 24.80 24.77
N SER B 203 -24.18 25.71 23.89
CA SER B 203 -25.40 25.53 23.11
C SER B 203 -26.64 25.25 23.95
N LYS B 204 -27.68 24.71 23.31
CA LYS B 204 -28.96 24.48 23.97
C LYS B 204 -29.50 23.11 23.61
N CYS B 205 -30.27 22.55 24.54
CA CYS B 205 -30.83 21.20 24.39
C CYS B 205 -32.29 21.34 23.97
N VAL B 206 -32.55 21.09 22.70
CA VAL B 206 -33.89 21.05 22.14
C VAL B 206 -34.28 19.60 21.96
N ARG B 207 -35.27 19.15 22.73
CA ARG B 207 -35.61 17.73 22.81
C ARG B 207 -36.32 17.24 21.57
N GLN B 208 -35.75 16.25 20.90
CA GLN B 208 -36.33 15.57 19.75
C GLN B 208 -36.50 14.09 20.07
N LYS B 209 -37.13 13.35 19.15
CA LYS B 209 -37.39 11.92 19.32
C LYS B 209 -36.89 11.15 18.10
N VAL B 210 -36.10 10.11 18.35
CA VAL B 210 -35.72 9.15 17.32
C VAL B 210 -36.71 8.02 17.33
N GLU B 211 -37.15 7.60 16.14
CA GLU B 211 -38.01 6.45 16.06
C GLU B 211 -37.20 5.18 16.28
N GLY B 212 -37.89 4.12 16.70
CA GLY B 212 -37.19 2.88 16.98
C GLY B 212 -36.52 2.33 15.74
N SER B 213 -35.30 1.83 15.92
CA SER B 213 -34.54 1.19 14.86
C SER B 213 -34.43 2.10 13.64
N SER B 214 -33.89 3.29 13.86
CA SER B 214 -33.64 4.21 12.75
C SER B 214 -32.61 5.24 13.22
N SER B 215 -32.72 6.46 12.70
CA SER B 215 -31.74 7.49 12.98
C SER B 215 -32.44 8.82 12.89
N HIS B 216 -31.71 9.87 13.24
CA HIS B 216 -32.24 11.21 13.17
C HIS B 216 -31.10 12.14 12.78
N LEU B 217 -31.39 13.12 11.92
CA LEU B 217 -30.36 14.00 11.41
C LEU B 217 -30.00 15.07 12.42
N VAL B 218 -28.78 15.54 12.34
CA VAL B 218 -28.25 16.58 13.21
C VAL B 218 -27.52 17.58 12.31
N THR B 219 -27.71 18.87 12.56
CA THR B 219 -27.06 19.95 11.82
C THR B 219 -26.65 21.05 12.77
N PHE B 220 -25.47 21.59 12.57
CA PHE B 220 -24.98 22.72 13.34
C PHE B 220 -24.28 23.66 12.38
N THR B 221 -24.78 24.87 12.22
CA THR B 221 -24.13 25.87 11.38
C THR B 221 -23.12 26.65 12.18
N VAL B 222 -21.87 26.70 11.71
CA VAL B 222 -20.81 27.46 12.36
C VAL B 222 -20.06 28.29 11.32
N LEU B 223 -19.26 29.24 11.82
CA LEU B 223 -18.49 30.16 10.97
C LEU B 223 -17.15 30.42 11.65
N PRO B 224 -16.07 29.81 11.17
CA PRO B 224 -14.76 29.98 11.80
C PRO B 224 -14.19 31.37 11.55
N LEU B 225 -13.79 32.05 12.64
CA LEU B 225 -13.15 33.34 12.47
C LEU B 225 -11.63 33.27 12.56
N GLU B 226 -11.07 32.20 13.10
CA GLU B 226 -9.64 32.09 13.30
C GLU B 226 -9.12 30.84 12.61
N ILE B 227 -7.91 30.93 12.13
CA ILE B 227 -7.22 29.90 11.38
C ILE B 227 -6.56 28.92 12.34
N GLY B 228 -6.54 27.65 11.98
CA GLY B 228 -5.88 26.65 12.77
C GLY B 228 -6.81 25.51 13.13
N LEU B 229 -6.31 24.60 13.96
CA LEU B 229 -7.10 23.47 14.40
C LEU B 229 -7.81 23.85 15.69
N HIS B 230 -9.14 23.77 15.67
CA HIS B 230 -9.97 24.15 16.80
C HIS B 230 -10.80 22.96 17.27
N ASN B 231 -10.75 22.67 18.56
CA ASN B 231 -11.54 21.60 19.12
C ASN B 231 -13.00 22.00 19.27
N ILE B 232 -13.91 21.13 18.81
CA ILE B 232 -15.35 21.29 19.01
C ILE B 232 -15.88 19.98 19.56
N ASN B 233 -16.67 20.06 20.64
CA ASN B 233 -17.27 18.90 21.24
C ASN B 233 -18.76 18.86 20.90
N PHE B 234 -19.31 17.65 20.83
CA PHE B 234 -20.72 17.44 20.57
C PHE B 234 -21.26 16.51 21.64
N SER B 235 -22.27 16.95 22.36
CA SER B 235 -22.87 16.18 23.43
C SER B 235 -24.21 15.61 23.00
N LEU B 236 -24.36 14.30 23.18
CA LEU B 236 -25.63 13.62 22.97
C LEU B 236 -26.21 13.21 24.31
N GLU B 237 -27.37 13.75 24.63
CA GLU B 237 -28.00 13.49 25.91
C GLU B 237 -29.30 12.75 25.67
N THR B 238 -29.54 11.75 26.50
CA THR B 238 -30.73 10.93 26.46
C THR B 238 -31.10 10.58 27.88
N TRP B 239 -32.33 10.12 28.06
CA TRP B 239 -32.80 9.78 29.39
C TRP B 239 -32.05 8.61 29.99
N PHE B 240 -31.10 8.04 29.28
CA PHE B 240 -30.33 6.94 29.79
C PHE B 240 -28.85 7.26 29.89
N GLY B 241 -28.43 8.48 29.58
CA GLY B 241 -27.04 8.82 29.73
C GLY B 241 -26.66 10.02 28.89
N LYS B 242 -25.34 10.24 28.83
CA LYS B 242 -24.78 11.40 28.14
C LYS B 242 -23.43 11.01 27.57
N GLU B 243 -23.23 11.35 26.31
CA GLU B 243 -22.01 11.00 25.59
C GLU B 243 -21.41 12.26 25.01
N ILE B 244 -20.08 12.35 25.02
CA ILE B 244 -19.37 13.48 24.46
C ILE B 244 -18.49 12.97 23.35
N LEU B 245 -18.58 13.62 22.21
CA LEU B 245 -17.82 13.28 21.02
C LEU B 245 -16.88 14.45 20.79
N VAL B 246 -15.59 14.20 20.93
CA VAL B 246 -14.57 15.23 20.77
C VAL B 246 -14.15 15.28 19.31
N LYS B 247 -14.15 16.47 18.74
CA LYS B 247 -13.91 16.64 17.32
C LYS B 247 -12.97 17.81 17.10
N THR B 248 -12.45 17.93 15.88
CA THR B 248 -11.52 18.99 15.54
C THR B 248 -11.80 19.52 14.15
N LEU B 249 -11.96 20.83 14.06
CA LEU B 249 -12.20 21.54 12.82
C LEU B 249 -10.91 22.22 12.38
N ARG B 250 -10.47 21.93 11.16
CA ARG B 250 -9.24 22.49 10.60
C ARG B 250 -9.62 23.69 9.74
N VAL B 251 -9.23 24.87 10.17
CA VAL B 251 -9.55 26.11 9.47
C VAL B 251 -8.33 26.57 8.71
N VAL B 252 -8.49 26.76 7.40
CA VAL B 252 -7.42 27.04 6.45
C VAL B 252 -7.54 28.48 5.96
N PRO B 253 -6.44 29.18 5.71
CA PRO B 253 -6.54 30.54 5.18
C PRO B 253 -7.07 30.58 3.76
N GLU B 254 -7.46 31.77 3.33
CA GLU B 254 -7.87 32.00 1.96
C GLU B 254 -6.67 31.92 1.01
N GLY B 255 -6.95 32.00 -0.28
CA GLY B 255 -5.87 32.06 -1.25
C GLY B 255 -5.06 30.78 -1.42
N VAL B 256 -3.89 30.94 -2.06
CA VAL B 256 -3.01 29.83 -2.38
C VAL B 256 -1.90 29.75 -1.34
N LYS B 257 -1.50 28.53 -1.00
CA LYS B 257 -0.30 28.32 -0.21
C LYS B 257 0.90 28.43 -1.12
N ARG B 258 1.89 29.20 -0.70
CA ARG B 258 3.16 29.30 -1.43
C ARG B 258 4.31 29.13 -0.46
N GLU B 259 5.32 28.38 -0.89
CA GLU B 259 6.38 27.91 -0.02
C GLU B 259 7.72 28.26 -0.66
N SER B 260 8.52 29.09 0.01
CA SER B 260 9.87 29.42 -0.42
C SER B 260 10.89 28.87 0.56
N TYR B 261 12.13 28.67 0.10
CA TYR B 261 13.15 28.00 0.89
C TYR B 261 14.46 28.78 0.87
N SER B 262 15.16 28.79 2.01
CA SER B 262 16.46 29.43 2.13
C SER B 262 17.44 28.52 2.84
N GLY B 263 18.63 28.38 2.28
CA GLY B 263 19.61 27.45 2.80
C GLY B 263 20.96 28.07 3.10
N VAL B 264 21.57 27.62 4.19
CA VAL B 264 22.85 28.13 4.68
C VAL B 264 23.67 26.98 5.24
N THR B 265 24.96 26.94 4.92
CA THR B 265 25.87 25.92 5.41
C THR B 265 26.83 26.54 6.42
N LEU B 266 26.99 25.90 7.56
CA LEU B 266 27.85 26.39 8.64
C LEU B 266 29.15 25.59 8.66
N ASP B 267 30.24 26.27 8.31
CA ASP B 267 31.60 25.75 8.33
C ASP B 267 32.44 26.70 9.16
N PRO B 268 32.45 26.53 10.48
CA PRO B 268 33.08 27.53 11.34
C PRO B 268 34.59 27.64 11.18
N ARG B 269 35.26 26.56 10.78
CA ARG B 269 36.71 26.58 10.62
C ARG B 269 37.12 26.64 9.17
N GLY B 270 36.18 26.79 8.26
CA GLY B 270 36.51 26.90 6.86
C GLY B 270 37.30 25.73 6.31
N ILE B 271 36.82 24.52 6.60
CA ILE B 271 37.52 23.32 6.14
C ILE B 271 37.18 23.03 4.69
N TYR B 272 35.93 23.19 4.30
CA TYR B 272 35.50 22.91 2.94
C TYR B 272 35.37 24.17 2.10
N GLY B 273 35.75 25.32 2.62
CA GLY B 273 35.62 26.56 1.88
C GLY B 273 35.89 27.74 2.78
N THR B 274 35.26 28.87 2.46
CA THR B 274 35.40 30.04 3.32
C THR B 274 34.67 29.83 4.65
N ILE B 275 35.14 30.53 5.69
CA ILE B 275 34.50 30.42 6.99
C ILE B 275 33.08 30.94 6.90
N SER B 276 32.18 30.30 7.65
CA SER B 276 30.76 30.63 7.65
C SER B 276 30.26 30.42 9.07
N ARG B 277 30.19 31.49 9.85
CA ARG B 277 29.77 31.40 11.24
C ARG B 277 28.43 32.04 11.56
N ARG B 278 27.97 32.98 10.73
CA ARG B 278 26.75 33.71 10.99
C ARG B 278 25.93 33.78 9.71
N LYS B 279 24.62 33.90 9.87
CA LYS B 279 23.78 34.20 8.73
C LYS B 279 22.48 34.78 9.23
N GLU B 280 21.92 35.69 8.44
CA GLU B 280 20.75 36.46 8.79
C GLU B 280 19.68 36.14 7.77
N PHE B 281 18.59 35.54 8.24
CA PHE B 281 17.42 35.31 7.41
C PHE B 281 16.47 36.48 7.61
N PRO B 282 16.33 37.39 6.64
CA PRO B 282 15.51 38.57 6.86
C PRO B 282 14.02 38.26 6.80
N TYR B 283 13.25 39.05 7.56
CA TYR B 283 11.80 38.93 7.55
C TYR B 283 11.28 39.87 6.49
N ARG B 284 10.75 39.32 5.40
CA ARG B 284 10.23 40.14 4.32
C ARG B 284 8.82 39.71 4.03
N ILE B 285 7.90 40.67 4.03
CA ILE B 285 6.49 40.40 3.78
C ILE B 285 6.28 40.34 2.27
N PRO B 286 5.74 39.26 1.74
CA PRO B 286 5.48 39.16 0.31
C PRO B 286 4.41 40.14 -0.11
N LEU B 287 4.22 40.26 -1.42
CA LEU B 287 3.33 41.29 -1.95
C LEU B 287 1.86 41.01 -1.65
N ASP B 288 1.32 39.97 -2.26
CA ASP B 288 -0.12 39.69 -2.15
C ASP B 288 -0.49 38.81 -0.96
N LEU B 289 0.09 39.06 0.20
CA LEU B 289 -0.17 38.24 1.37
C LEU B 289 -1.61 38.41 1.82
N VAL B 290 -2.27 37.30 2.12
CA VAL B 290 -3.64 37.40 2.65
C VAL B 290 -3.61 38.16 3.95
N PRO B 291 -4.47 39.15 4.15
CA PRO B 291 -4.42 39.93 5.39
C PRO B 291 -4.82 39.13 6.62
N LYS B 292 -4.28 39.56 7.75
CA LYS B 292 -4.52 38.93 9.04
C LYS B 292 -4.20 37.45 8.97
N THR B 293 -3.12 37.10 8.28
CA THR B 293 -2.57 35.77 8.28
C THR B 293 -1.10 35.86 8.63
N GLU B 294 -0.63 34.94 9.44
CA GLU B 294 0.75 34.98 9.87
C GLU B 294 1.65 34.35 8.81
N ILE B 295 2.83 34.93 8.63
CA ILE B 295 3.85 34.33 7.79
C ILE B 295 4.52 33.24 8.60
N LYS B 296 4.33 32.01 8.21
CA LYS B 296 4.91 30.90 8.94
C LYS B 296 6.31 30.65 8.39
N ARG B 297 7.22 30.23 9.25
CA ARG B 297 8.53 29.78 8.77
C ARG B 297 9.18 28.88 9.79
N ILE B 298 9.68 27.73 9.31
CA ILE B 298 10.30 26.73 10.16
C ILE B 298 11.81 26.72 9.95
N LEU B 299 12.53 26.53 11.04
CA LEU B 299 13.98 26.49 11.08
C LEU B 299 14.47 25.09 11.43
N SER B 300 15.33 24.53 10.59
CA SER B 300 15.90 23.20 10.76
C SER B 300 17.42 23.27 10.72
N VAL B 301 18.07 22.88 11.80
CA VAL B 301 19.52 22.90 11.88
C VAL B 301 19.98 21.47 12.16
N LYS B 302 20.56 20.84 11.16
CA LYS B 302 21.00 19.47 11.28
C LYS B 302 22.51 19.39 11.24
N GLY B 303 23.03 18.25 11.64
CA GLY B 303 24.43 18.13 11.94
C GLY B 303 25.40 17.96 10.79
N LEU B 304 25.03 17.23 9.76
CA LEU B 304 25.96 16.93 8.68
C LEU B 304 25.32 17.33 7.36
N LEU B 305 26.07 17.12 6.28
CA LEU B 305 25.49 17.26 4.96
C LEU B 305 24.36 16.27 4.75
N VAL B 306 24.49 15.08 5.32
CA VAL B 306 23.46 14.05 5.23
C VAL B 306 22.49 14.14 6.39
N GLY B 307 22.62 15.16 7.23
CA GLY B 307 21.83 15.21 8.44
C GLY B 307 20.34 15.35 8.18
N GLU B 308 19.97 16.07 7.13
CA GLU B 308 18.55 16.27 6.83
C GLU B 308 17.87 14.96 6.43
N ILE B 309 18.53 14.16 5.60
CA ILE B 309 17.96 12.87 5.25
C ILE B 309 17.93 11.95 6.45
N LEU B 310 19.01 11.96 7.24
CA LEU B 310 19.03 11.18 8.47
C LEU B 310 17.83 11.48 9.34
N SER B 311 17.55 12.77 9.57
CA SER B 311 16.40 13.09 10.38
C SER B 311 15.10 12.68 9.71
N ALA B 312 15.03 12.76 8.39
CA ALA B 312 13.81 12.38 7.70
C ALA B 312 13.49 10.91 7.89
N VAL B 313 14.51 10.05 7.83
CA VAL B 313 14.27 8.62 7.92
C VAL B 313 14.13 8.17 9.38
N LEU B 314 15.02 8.64 10.24
CA LEU B 314 15.07 8.13 11.60
C LEU B 314 13.94 8.65 12.47
N SER B 315 13.37 9.79 12.14
CA SER B 315 12.18 10.32 12.82
C SER B 315 10.93 9.86 12.09
N GLN B 316 10.19 8.94 12.70
CA GLN B 316 9.10 8.24 12.01
C GLN B 316 7.78 8.98 12.12
N GLU B 317 7.80 10.32 12.19
CA GLU B 317 6.55 11.06 12.18
C GLU B 317 5.92 11.06 10.80
N GLY B 318 6.65 10.62 9.79
CA GLY B 318 6.11 10.43 8.45
C GLY B 318 6.98 9.42 7.71
N ILE B 319 7.65 9.85 6.64
CA ILE B 319 7.56 11.19 6.05
C ILE B 319 8.01 11.07 4.60
N ASN B 320 7.38 11.82 3.72
CA ASN B 320 7.76 11.86 2.32
C ASN B 320 8.52 13.16 2.11
N ILE B 321 9.68 13.06 1.46
CA ILE B 321 10.48 14.23 1.16
C ILE B 321 9.95 15.01 -0.02
N LEU B 322 8.94 14.49 -0.71
CA LEU B 322 8.33 15.13 -1.87
C LEU B 322 6.81 15.05 -1.77
N THR B 323 6.29 15.50 -0.63
CA THR B 323 4.85 15.42 -0.40
C THR B 323 4.08 16.21 -1.44
N HIS B 324 4.68 17.26 -1.99
CA HIS B 324 3.98 18.08 -2.98
C HIS B 324 3.75 17.35 -4.29
N LEU B 325 4.42 16.22 -4.51
CA LEU B 325 4.18 15.39 -5.69
C LEU B 325 3.28 14.23 -5.37
N PRO B 326 2.34 13.89 -6.24
CA PRO B 326 1.37 12.85 -5.93
C PRO B 326 1.94 11.46 -6.20
N LYS B 327 1.34 10.48 -5.51
CA LYS B 327 1.62 9.09 -5.78
C LYS B 327 0.89 8.63 -7.04
N GLY B 328 1.22 7.43 -7.50
CA GLY B 328 0.55 6.92 -8.68
C GLY B 328 1.46 6.25 -9.65
N SER B 329 2.59 6.90 -9.92
CA SER B 329 3.61 6.34 -10.77
C SER B 329 4.50 5.42 -9.96
N ALA B 330 5.08 4.43 -10.64
CA ALA B 330 6.02 3.56 -9.97
C ALA B 330 7.24 4.32 -9.50
N GLU B 331 7.59 5.39 -10.21
CA GLU B 331 8.68 6.25 -9.77
C GLU B 331 8.49 6.69 -8.33
N ALA B 332 7.26 6.97 -7.94
CA ALA B 332 7.03 7.38 -6.57
C ALA B 332 7.29 6.26 -5.59
N GLU B 333 6.89 5.05 -5.95
CA GLU B 333 7.14 3.93 -5.08
C GLU B 333 8.64 3.67 -4.91
N LEU B 334 9.43 3.90 -5.94
CA LEU B 334 10.87 3.74 -5.78
C LEU B 334 11.46 4.90 -4.97
N MET B 335 11.03 6.11 -5.27
CA MET B 335 11.50 7.24 -4.51
C MET B 335 11.18 7.07 -3.03
N SER B 336 10.15 6.30 -2.70
CA SER B 336 9.86 6.07 -1.29
C SER B 336 11.00 5.33 -0.62
N VAL B 337 11.73 4.52 -1.36
CA VAL B 337 12.82 3.79 -0.75
C VAL B 337 14.17 4.45 -0.94
N VAL B 338 14.26 5.50 -1.77
CA VAL B 338 15.52 6.25 -1.94
C VAL B 338 16.13 6.78 -0.64
N PRO B 339 15.42 7.56 0.18
CA PRO B 339 16.07 8.11 1.39
C PRO B 339 16.51 7.05 2.36
N VAL B 340 15.66 6.06 2.63
CA VAL B 340 16.05 4.97 3.53
C VAL B 340 17.29 4.26 3.00
N PHE B 341 17.38 4.08 1.69
CA PHE B 341 18.56 3.42 1.17
C PHE B 341 19.80 4.24 1.42
N TYR B 342 19.76 5.53 1.11
CA TYR B 342 20.99 6.30 1.24
C TYR B 342 21.37 6.46 2.71
N VAL B 343 20.39 6.52 3.62
CA VAL B 343 20.73 6.54 5.03
C VAL B 343 21.43 5.24 5.41
N PHE B 344 20.87 4.10 4.97
CA PHE B 344 21.53 2.83 5.25
C PHE B 344 22.93 2.79 4.66
N HIS B 345 23.09 3.30 3.46
CA HIS B 345 24.39 3.28 2.82
C HIS B 345 25.39 4.12 3.60
N TYR B 346 24.97 5.28 4.09
CA TYR B 346 25.85 6.07 4.92
C TYR B 346 26.22 5.32 6.20
N LEU B 347 25.20 4.83 6.92
CA LEU B 347 25.49 4.21 8.21
C LEU B 347 26.35 2.98 8.08
N GLU B 348 26.16 2.20 7.02
CA GLU B 348 26.91 0.96 6.94
C GLU B 348 28.29 1.19 6.36
N THR B 349 28.38 1.94 5.26
CA THR B 349 29.67 2.15 4.62
C THR B 349 30.61 2.92 5.53
N GLY B 350 30.13 3.97 6.16
CA GLY B 350 31.00 4.70 7.06
C GLY B 350 31.08 4.16 8.47
N ASN B 351 30.31 3.13 8.80
CA ASN B 351 30.24 2.55 10.14
C ASN B 351 29.97 3.65 11.18
N HIS B 352 28.77 4.19 11.10
CA HIS B 352 28.33 5.26 11.99
C HIS B 352 27.12 4.83 12.80
N TRP B 353 27.04 3.55 13.16
CA TRP B 353 25.90 3.05 13.92
C TRP B 353 25.90 3.49 15.37
N ASN B 354 27.00 4.04 15.87
CA ASN B 354 27.07 4.53 17.23
C ASN B 354 26.29 5.82 17.43
N ILE B 355 25.77 6.42 16.37
CA ILE B 355 24.95 7.61 16.55
C ILE B 355 23.74 7.30 17.40
N PHE B 356 23.23 6.09 17.32
CA PHE B 356 22.10 5.71 18.14
C PHE B 356 22.52 5.46 19.59
N HIS B 357 21.76 6.05 20.52
CA HIS B 357 22.02 5.85 21.94
C HIS B 357 21.55 4.48 22.39
N SER B 358 20.66 3.85 21.63
CA SER B 358 20.13 2.54 21.97
C SER B 358 20.93 1.47 21.24
N ASP B 359 20.34 0.31 21.06
CA ASP B 359 21.04 -0.78 20.41
C ASP B 359 21.14 -0.51 18.92
N PRO B 360 22.35 -0.40 18.35
CA PRO B 360 22.44 -0.15 16.92
C PRO B 360 21.97 -1.32 16.10
N LEU B 361 22.08 -2.54 16.61
CA LEU B 361 21.68 -3.70 15.83
C LEU B 361 20.18 -3.70 15.60
N ILE B 362 19.42 -3.25 16.59
CA ILE B 362 17.97 -3.14 16.42
C ILE B 362 17.62 -2.04 15.43
N GLU B 363 18.40 -0.96 15.40
CA GLU B 363 18.13 0.11 14.44
C GLU B 363 18.47 -0.33 13.02
N LYS B 364 19.58 -1.04 12.85
CA LYS B 364 19.90 -1.60 11.56
C LYS B 364 18.85 -2.62 11.13
N GLN B 365 18.32 -3.37 12.09
CA GLN B 365 17.21 -4.25 11.79
C GLN B 365 16.03 -3.46 11.25
N LYS B 366 15.61 -2.42 11.98
CA LYS B 366 14.47 -1.62 11.55
C LYS B 366 14.67 -1.03 10.16
N LEU B 367 15.86 -0.49 9.89
CA LEU B 367 16.06 0.12 8.57
C LEU B 367 16.06 -0.92 7.48
N LYS B 368 16.63 -2.10 7.76
CA LYS B 368 16.60 -3.18 6.80
C LYS B 368 15.18 -3.59 6.48
N LYS B 369 14.35 -3.67 7.52
CA LYS B 369 12.96 -4.06 7.34
C LYS B 369 12.21 -3.01 6.54
N LYS B 370 12.39 -1.73 6.89
CA LYS B 370 11.74 -0.66 6.13
C LYS B 370 12.23 -0.62 4.69
N LEU B 371 13.49 -1.00 4.46
CA LEU B 371 13.99 -1.05 3.09
C LEU B 371 13.29 -2.16 2.32
N LYS B 372 13.15 -3.32 2.94
CA LYS B 372 12.43 -4.42 2.30
C LYS B 372 10.97 -4.05 2.07
N GLU B 373 10.32 -3.47 3.08
CA GLU B 373 8.93 -3.07 3.00
C GLU B 373 8.73 -2.10 1.84
N GLY B 374 9.69 -1.19 1.67
CA GLY B 374 9.65 -0.28 0.55
C GLY B 374 9.83 -1.04 -0.73
N MET B 375 10.67 -2.08 -0.68
CA MET B 375 10.99 -2.90 -1.84
C MET B 375 9.79 -3.70 -2.32
N LEU B 376 8.84 -4.04 -1.45
CA LEU B 376 7.70 -4.76 -2.00
C LEU B 376 6.75 -3.86 -2.77
N SER B 377 6.83 -2.56 -2.51
CA SER B 377 5.87 -1.63 -3.07
C SER B 377 5.92 -1.62 -4.57
N ILE B 378 7.06 -1.97 -5.17
CA ILE B 378 7.22 -1.83 -6.60
C ILE B 378 6.80 -3.09 -7.31
N MET B 379 6.57 -4.16 -6.55
CA MET B 379 6.23 -5.44 -7.15
C MET B 379 4.96 -5.30 -7.96
N SER B 380 4.07 -4.43 -7.52
CA SER B 380 2.82 -4.21 -8.23
C SER B 380 3.03 -3.74 -9.65
N TYR B 381 4.08 -2.96 -9.88
CA TYR B 381 4.29 -2.40 -11.21
C TYR B 381 5.10 -3.31 -12.11
N ARG B 382 5.37 -4.53 -11.69
CA ARG B 382 6.13 -5.47 -12.50
C ARG B 382 5.23 -6.42 -13.27
N ASN B 383 5.52 -6.59 -14.55
CA ASN B 383 4.74 -7.46 -15.42
C ASN B 383 5.28 -8.89 -15.36
N ALA B 384 4.59 -9.79 -16.04
CA ALA B 384 4.98 -11.20 -15.98
C ALA B 384 6.36 -11.44 -16.57
N ASP B 385 6.74 -10.66 -17.58
CA ASP B 385 8.03 -10.79 -18.23
C ASP B 385 9.11 -9.99 -17.53
N TYR B 386 8.88 -9.59 -16.30
CA TYR B 386 9.85 -8.89 -15.47
C TYR B 386 10.19 -7.50 -15.97
N SER B 387 9.42 -6.97 -16.91
CA SER B 387 9.48 -5.57 -17.24
C SER B 387 8.66 -4.79 -16.23
N TYR B 388 8.78 -3.47 -16.26
CA TYR B 388 8.07 -2.59 -15.35
C TYR B 388 7.26 -1.56 -16.11
N SER B 389 6.11 -1.23 -15.56
CA SER B 389 5.21 -0.27 -16.16
C SER B 389 5.17 0.97 -15.29
N VAL B 390 5.11 2.14 -15.95
CA VAL B 390 5.01 3.38 -15.19
C VAL B 390 3.69 3.44 -14.44
N TRP B 391 2.62 3.05 -15.10
CA TRP B 391 1.29 3.06 -14.52
C TRP B 391 0.82 1.62 -14.36
N LYS B 392 0.24 1.33 -13.21
CA LYS B 392 -0.19 -0.02 -12.92
C LYS B 392 -1.15 -0.52 -13.98
N GLY B 393 -0.82 -1.66 -14.57
CA GLY B 393 -1.58 -2.19 -15.66
C GLY B 393 -1.26 -1.63 -17.02
N GLY B 394 -0.51 -0.53 -17.10
CA GLY B 394 -0.15 0.01 -18.39
C GLY B 394 0.99 -0.72 -19.04
N SER B 395 1.40 -0.21 -20.20
CA SER B 395 2.45 -0.87 -20.97
C SER B 395 3.79 -0.72 -20.28
N ALA B 396 4.66 -1.70 -20.50
CA ALA B 396 5.97 -1.68 -19.90
C ALA B 396 6.81 -0.56 -20.49
N SER B 397 7.63 0.07 -19.64
CA SER B 397 8.45 1.20 -20.04
C SER B 397 9.92 0.86 -19.91
N THR B 398 10.67 1.12 -20.98
CA THR B 398 12.12 1.04 -20.91
C THR B 398 12.67 2.00 -19.86
N TRP B 399 12.16 3.22 -19.83
CA TRP B 399 12.65 4.19 -18.88
C TRP B 399 12.47 3.71 -17.45
N LEU B 400 11.24 3.36 -17.08
CA LEU B 400 11.01 2.98 -15.70
C LEU B 400 11.68 1.66 -15.35
N THR B 401 11.77 0.73 -16.30
CA THR B 401 12.51 -0.49 -16.02
C THR B 401 13.96 -0.20 -15.73
N ALA B 402 14.55 0.73 -16.47
CA ALA B 402 15.92 1.14 -16.17
C ALA B 402 16.02 1.74 -14.77
N PHE B 403 15.07 2.59 -14.39
CA PHE B 403 15.16 3.23 -13.08
C PHE B 403 15.00 2.22 -11.97
N ALA B 404 14.03 1.31 -12.10
CA ALA B 404 13.89 0.25 -11.12
C ALA B 404 15.15 -0.57 -11.02
N LEU B 405 15.80 -0.81 -12.17
CA LEU B 405 17.06 -1.55 -12.09
C LEU B 405 18.12 -0.75 -11.36
N ARG B 406 18.09 0.56 -11.45
CA ARG B 406 19.06 1.34 -10.68
C ARG B 406 18.80 1.24 -9.18
N VAL B 407 17.57 1.53 -8.76
CA VAL B 407 17.27 1.53 -7.33
C VAL B 407 17.45 0.14 -6.74
N LEU B 408 16.87 -0.86 -7.39
CA LEU B 408 17.06 -2.23 -6.94
C LEU B 408 18.52 -2.61 -6.94
N GLY B 409 19.26 -2.21 -7.99
CA GLY B 409 20.66 -2.59 -8.08
C GLY B 409 21.48 -1.99 -6.97
N GLN B 410 21.13 -0.78 -6.53
CA GLN B 410 21.84 -0.19 -5.42
C GLN B 410 21.44 -0.87 -4.11
N VAL B 411 20.15 -1.17 -3.95
CA VAL B 411 19.64 -1.77 -2.71
C VAL B 411 20.17 -3.18 -2.51
N ASN B 412 20.45 -3.91 -3.59
CA ASN B 412 20.88 -5.29 -3.47
C ASN B 412 22.09 -5.45 -2.57
N LYS B 413 22.85 -4.39 -2.38
CA LYS B 413 24.03 -4.46 -1.54
C LYS B 413 23.64 -4.74 -0.11
N TYR B 414 22.50 -4.22 0.33
CA TYR B 414 22.09 -4.38 1.72
C TYR B 414 20.91 -5.31 1.93
N VAL B 415 20.01 -5.44 0.96
CA VAL B 415 18.96 -6.43 0.98
C VAL B 415 19.04 -7.17 -0.35
N GLU B 416 19.54 -8.39 -0.33
CA GLU B 416 19.82 -9.13 -1.55
C GLU B 416 18.58 -9.28 -2.40
N GLN B 417 18.74 -9.08 -3.70
CA GLN B 417 17.63 -9.14 -4.63
C GLN B 417 17.61 -10.47 -5.37
N ASN B 418 16.44 -10.82 -5.91
CA ASN B 418 16.25 -12.04 -6.67
C ASN B 418 17.04 -11.98 -7.96
N GLN B 419 18.10 -12.79 -8.04
CA GLN B 419 18.98 -12.73 -9.20
C GLN B 419 18.24 -13.10 -10.49
N ASN B 420 17.35 -14.08 -10.43
CA ASN B 420 16.65 -14.51 -11.64
C ASN B 420 15.76 -13.39 -12.16
N SER B 421 15.12 -12.66 -11.24
CA SER B 421 14.29 -11.54 -11.63
C SER B 421 15.11 -10.42 -12.25
N ILE B 422 16.21 -10.06 -11.61
CA ILE B 422 17.07 -9.02 -12.17
C ILE B 422 17.58 -9.41 -13.56
N CYS B 423 17.99 -10.68 -13.72
CA CYS B 423 18.42 -11.17 -15.02
C CYS B 423 17.33 -11.02 -16.07
N ASN B 424 16.10 -11.44 -15.74
CA ASN B 424 15.04 -11.32 -16.72
C ASN B 424 14.75 -9.87 -17.08
N SER B 425 14.86 -8.94 -16.14
CA SER B 425 14.60 -7.54 -16.45
C SER B 425 15.68 -6.96 -17.35
N LEU B 426 16.94 -7.18 -16.99
CA LEU B 426 18.03 -6.71 -17.82
C LEU B 426 17.90 -7.27 -19.23
N LEU B 427 17.65 -8.57 -19.35
CA LEU B 427 17.51 -9.18 -20.66
C LEU B 427 16.31 -8.65 -21.41
N TRP B 428 15.22 -8.31 -20.71
CA TRP B 428 14.10 -7.68 -21.40
C TRP B 428 14.53 -6.36 -22.01
N LEU B 429 15.42 -5.64 -21.33
CA LEU B 429 15.96 -4.41 -21.91
C LEU B 429 16.83 -4.71 -23.14
N VAL B 430 17.88 -5.51 -22.97
CA VAL B 430 18.88 -5.62 -24.03
C VAL B 430 18.46 -6.49 -25.19
N GLU B 431 17.47 -7.34 -25.03
CA GLU B 431 17.08 -8.24 -26.10
C GLU B 431 16.04 -7.65 -27.03
N ASN B 432 15.32 -6.64 -26.59
CA ASN B 432 14.18 -6.13 -27.35
C ASN B 432 14.30 -4.67 -27.69
N TYR B 433 14.77 -3.83 -26.77
CA TYR B 433 14.69 -2.41 -26.97
C TYR B 433 16.05 -1.74 -27.05
N GLN B 434 17.06 -2.44 -27.58
CA GLN B 434 18.33 -1.82 -27.95
C GLN B 434 18.48 -1.94 -29.45
N LEU B 435 18.68 -0.81 -30.12
CA LEU B 435 18.80 -0.76 -31.57
C LEU B 435 20.22 -1.13 -32.00
N ASP B 436 20.42 -1.25 -33.31
CA ASP B 436 21.73 -1.66 -33.82
C ASP B 436 22.80 -0.62 -33.47
N ASN B 437 22.42 0.67 -33.49
CA ASN B 437 23.38 1.72 -33.21
C ASN B 437 23.77 1.83 -31.76
N GLY B 438 23.19 1.01 -30.89
CA GLY B 438 23.51 1.00 -29.49
C GLY B 438 22.54 1.74 -28.61
N SER B 439 21.70 2.60 -29.18
CA SER B 439 20.74 3.34 -28.39
C SER B 439 19.60 2.44 -27.92
N PHE B 440 18.84 2.94 -26.97
CA PHE B 440 17.64 2.27 -26.48
C PHE B 440 16.42 3.05 -26.90
N LYS B 441 15.33 2.34 -27.16
CA LYS B 441 14.09 3.00 -27.54
C LYS B 441 13.03 2.70 -26.50
N GLU B 442 12.06 3.59 -26.41
CA GLU B 442 11.00 3.46 -25.41
C GLU B 442 9.82 2.74 -26.03
N ASN B 443 9.25 1.81 -25.27
CA ASN B 443 8.09 1.07 -25.74
C ASN B 443 6.79 1.85 -25.50
N SER B 444 6.62 2.42 -24.32
CA SER B 444 5.37 3.07 -23.97
C SER B 444 5.34 4.51 -24.48
N GLN B 445 4.20 5.16 -24.30
CA GLN B 445 4.03 6.55 -24.63
C GLN B 445 4.38 7.48 -23.47
N TYR B 446 5.06 6.97 -22.47
CA TYR B 446 5.39 7.80 -21.33
C TYR B 446 6.51 8.76 -21.71
N GLN B 447 6.28 10.04 -21.52
CA GLN B 447 7.29 11.05 -21.82
C GLN B 447 7.75 11.65 -20.52
N PRO B 448 8.84 11.17 -19.94
CA PRO B 448 9.28 11.74 -18.65
C PRO B 448 9.83 13.15 -18.77
N ILE B 449 10.39 13.55 -19.91
CA ILE B 449 11.06 14.84 -20.02
C ILE B 449 10.75 15.48 -21.37
N LYS B 450 10.72 16.80 -21.38
CA LYS B 450 10.54 17.60 -22.59
C LYS B 450 11.87 18.24 -22.97
N LEU B 451 12.33 18.00 -24.19
CA LEU B 451 13.59 18.55 -24.63
C LEU B 451 13.37 19.54 -25.76
N GLN B 452 14.39 20.36 -26.01
CA GLN B 452 14.31 21.41 -27.00
C GLN B 452 14.61 20.88 -28.39
N GLY B 453 14.60 21.78 -29.37
CA GLY B 453 14.93 21.44 -30.73
C GLY B 453 13.72 21.11 -31.58
N THR B 454 13.97 21.04 -32.87
CA THR B 454 12.96 20.60 -33.80
C THR B 454 12.67 19.12 -33.59
N LEU B 455 11.62 18.64 -34.24
CA LEU B 455 11.23 17.23 -34.12
C LEU B 455 12.37 16.26 -34.37
N PRO B 456 13.20 16.43 -35.41
CA PRO B 456 14.39 15.56 -35.52
C PRO B 456 15.40 15.80 -34.41
N VAL B 457 15.67 17.06 -34.08
CA VAL B 457 16.66 17.36 -33.05
C VAL B 457 16.14 16.91 -31.69
N GLU B 458 14.85 17.11 -31.43
CA GLU B 458 14.25 16.59 -30.20
C GLU B 458 14.35 15.06 -30.17
N ALA B 459 14.25 14.42 -31.33
CA ALA B 459 14.39 12.97 -31.36
C ALA B 459 15.81 12.55 -30.99
N ARG B 460 16.81 13.21 -31.56
CA ARG B 460 18.19 12.89 -31.20
C ARG B 460 18.44 13.10 -29.71
N GLU B 461 17.98 14.23 -29.19
CA GLU B 461 18.19 14.51 -27.77
C GLU B 461 17.54 13.45 -26.89
N ASN B 462 16.27 13.13 -27.15
CA ASN B 462 15.60 12.16 -26.30
C ASN B 462 16.23 10.78 -26.41
N SER B 463 16.74 10.43 -27.59
CA SER B 463 17.41 9.14 -27.73
C SER B 463 18.69 9.10 -26.90
N LEU B 464 19.48 10.16 -26.96
CA LEU B 464 20.67 10.24 -26.13
C LEU B 464 20.33 10.12 -24.66
N TYR B 465 19.31 10.87 -24.22
CA TYR B 465 18.93 10.84 -22.81
C TYR B 465 18.53 9.44 -22.38
N LEU B 466 17.66 8.80 -23.16
CA LEU B 466 17.19 7.47 -22.76
C LEU B 466 18.34 6.47 -22.74
N THR B 467 19.27 6.54 -23.71
CA THR B 467 20.39 5.61 -23.71
C THR B 467 21.27 5.81 -22.47
N ALA B 468 21.56 7.05 -22.11
CA ALA B 468 22.37 7.25 -20.92
C ALA B 468 21.63 6.79 -19.67
N PHE B 469 20.34 7.05 -19.58
CA PHE B 469 19.56 6.64 -18.41
C PHE B 469 19.54 5.14 -18.25
N THR B 470 19.26 4.42 -19.34
CA THR B 470 19.28 2.98 -19.30
C THR B 470 20.65 2.44 -18.94
N VAL B 471 21.70 3.05 -19.50
CA VAL B 471 23.06 2.64 -19.16
C VAL B 471 23.31 2.78 -17.67
N ILE B 472 22.89 3.89 -17.07
CA ILE B 472 23.07 4.04 -15.62
C ILE B 472 22.39 2.89 -14.89
N GLY B 473 21.16 2.57 -15.28
CA GLY B 473 20.47 1.49 -14.59
C GLY B 473 21.19 0.16 -14.72
N ILE B 474 21.63 -0.15 -15.93
CA ILE B 474 22.28 -1.43 -16.15
C ILE B 474 23.60 -1.48 -15.40
N ARG B 475 24.35 -0.38 -15.35
CA ARG B 475 25.59 -0.38 -14.61
C ARG B 475 25.33 -0.58 -13.12
N LYS B 476 24.29 0.07 -12.61
CA LYS B 476 24.00 -0.02 -11.18
C LYS B 476 23.54 -1.40 -10.77
N ALA B 477 23.06 -2.21 -11.71
CA ALA B 477 22.52 -3.52 -11.35
C ALA B 477 23.29 -4.67 -12.00
N PHE B 478 24.46 -4.38 -12.57
CA PHE B 478 25.16 -5.39 -13.36
C PHE B 478 25.74 -6.49 -12.50
N ASP B 479 26.23 -6.16 -11.31
CA ASP B 479 26.89 -7.18 -10.52
C ASP B 479 25.96 -8.28 -10.06
N ILE B 480 24.65 -8.03 -10.01
CA ILE B 480 23.70 -9.07 -9.66
C ILE B 480 23.67 -10.16 -10.73
N CYS B 481 23.80 -9.79 -12.00
CA CYS B 481 23.66 -10.74 -13.12
C CYS B 481 24.70 -10.44 -14.20
N PRO B 482 25.98 -10.70 -13.92
CA PRO B 482 27.03 -10.32 -14.89
C PRO B 482 27.15 -11.16 -16.14
N LEU B 483 26.21 -11.00 -17.05
CA LEU B 483 26.17 -11.75 -18.30
C LEU B 483 27.00 -11.06 -19.39
N VAL B 484 27.65 -11.87 -20.22
CA VAL B 484 28.41 -11.30 -21.34
C VAL B 484 27.49 -10.57 -22.30
N LYS B 485 26.27 -11.05 -22.48
CA LYS B 485 25.37 -10.43 -23.44
C LYS B 485 25.08 -8.98 -23.07
N ILE B 486 24.75 -8.72 -21.81
CA ILE B 486 24.46 -7.35 -21.43
C ILE B 486 25.71 -6.50 -21.27
N ASP B 487 26.87 -7.10 -21.09
CA ASP B 487 28.10 -6.31 -21.15
C ASP B 487 28.36 -5.85 -22.57
N THR B 488 28.14 -6.73 -23.54
CA THR B 488 28.22 -6.31 -24.92
C THR B 488 27.24 -5.19 -25.20
N ALA B 489 26.00 -5.32 -24.70
CA ALA B 489 25.06 -4.23 -24.82
C ALA B 489 25.62 -2.94 -24.24
N LEU B 490 26.26 -3.02 -23.06
CA LEU B 490 26.84 -1.83 -22.47
C LEU B 490 27.92 -1.22 -23.36
N ILE B 491 28.69 -2.07 -24.04
CA ILE B 491 29.72 -1.53 -24.93
C ILE B 491 29.09 -0.79 -26.10
N LYS B 492 28.07 -1.40 -26.72
CA LYS B 492 27.46 -0.74 -27.86
C LYS B 492 26.83 0.59 -27.45
N ALA B 493 26.11 0.60 -26.32
CA ALA B 493 25.50 1.84 -25.84
C ALA B 493 26.56 2.88 -25.50
N ASP B 494 27.63 2.46 -24.82
CA ASP B 494 28.70 3.39 -24.50
C ASP B 494 29.28 3.98 -25.79
N ASN B 495 29.38 3.18 -26.84
CA ASN B 495 29.83 3.71 -28.12
C ASN B 495 28.87 4.75 -28.67
N PHE B 496 27.55 4.48 -28.59
CA PHE B 496 26.59 5.46 -29.08
C PHE B 496 26.76 6.78 -28.34
N LEU B 497 26.87 6.70 -27.01
CA LEU B 497 27.07 7.91 -26.22
C LEU B 497 28.35 8.63 -26.63
N LEU B 498 29.43 7.90 -26.85
CA LEU B 498 30.70 8.52 -27.18
C LEU B 498 30.61 9.25 -28.51
N GLU B 499 29.95 8.65 -29.51
CA GLU B 499 29.95 9.27 -30.81
C GLU B 499 28.90 10.37 -30.95
N ASN B 500 27.81 10.31 -30.20
CA ASN B 500 26.67 11.17 -30.45
C ASN B 500 26.44 12.26 -29.43
N THR B 501 27.24 12.32 -28.36
CA THR B 501 26.99 13.33 -27.34
C THR B 501 27.40 14.71 -27.83
N LEU B 502 28.60 14.82 -28.40
CA LEU B 502 29.05 16.08 -28.96
C LEU B 502 28.76 16.09 -30.46
N PRO B 503 28.31 17.23 -30.99
CA PRO B 503 28.08 18.48 -30.27
C PRO B 503 26.83 18.47 -29.42
N ALA B 504 26.94 19.03 -28.22
CA ALA B 504 25.85 18.95 -27.27
C ALA B 504 24.69 19.83 -27.70
N GLN B 505 23.49 19.46 -27.28
CA GLN B 505 22.31 20.26 -27.50
C GLN B 505 21.75 20.85 -26.22
N SER B 506 22.17 20.37 -25.06
CA SER B 506 21.73 20.89 -23.77
C SER B 506 22.71 20.44 -22.71
N THR B 507 22.87 21.27 -21.68
CA THR B 507 23.75 20.88 -20.60
C THR B 507 23.21 19.68 -19.86
N PHE B 508 21.90 19.48 -19.91
CA PHE B 508 21.28 18.38 -19.19
C PHE B 508 21.70 17.05 -19.79
N THR B 509 21.48 16.86 -21.09
CA THR B 509 21.87 15.61 -21.72
C THR B 509 23.38 15.43 -21.74
N LEU B 510 24.12 16.53 -21.84
CA LEU B 510 25.57 16.44 -21.74
C LEU B 510 25.98 15.90 -20.38
N ALA B 511 25.36 16.39 -19.33
CA ALA B 511 25.73 15.93 -18.00
C ALA B 511 25.37 14.47 -17.80
N ILE B 512 24.15 14.08 -18.17
CA ILE B 512 23.76 12.69 -17.92
C ILE B 512 24.59 11.73 -18.76
N SER B 513 24.93 12.13 -19.99
CA SER B 513 25.81 11.28 -20.78
C SER B 513 27.18 11.19 -20.13
N ALA B 514 27.66 12.31 -19.60
CA ALA B 514 28.95 12.28 -18.94
C ALA B 514 28.95 11.35 -17.74
N TYR B 515 27.85 11.34 -16.95
CA TYR B 515 27.82 10.47 -15.78
C TYR B 515 27.66 9.00 -16.16
N ALA B 516 26.85 8.72 -17.17
CA ALA B 516 26.73 7.35 -17.64
C ALA B 516 28.07 6.82 -18.10
N LEU B 517 28.80 7.62 -18.88
CA LEU B 517 30.12 7.18 -19.30
C LEU B 517 31.08 7.14 -18.14
N SER B 518 30.85 7.95 -17.12
CA SER B 518 31.73 7.88 -15.97
C SER B 518 31.60 6.56 -15.25
N LEU B 519 30.47 5.87 -15.45
CA LEU B 519 30.33 4.56 -14.82
C LEU B 519 31.08 3.45 -15.52
N GLY B 520 31.73 3.73 -16.65
CA GLY B 520 32.46 2.69 -17.34
C GLY B 520 33.94 2.97 -17.48
N ASP B 521 34.45 2.92 -18.70
CA ASP B 521 35.86 3.17 -18.98
C ASP B 521 36.09 4.67 -18.93
N LYS B 522 36.79 5.14 -17.92
CA LYS B 522 37.07 6.55 -17.72
C LYS B 522 38.30 7.05 -18.46
N THR B 523 38.91 6.22 -19.30
CA THR B 523 40.10 6.63 -20.03
C THR B 523 39.85 6.88 -21.51
N HIS B 524 38.64 6.67 -22.01
CA HIS B 524 38.39 6.91 -23.42
C HIS B 524 38.53 8.40 -23.72
N PRO B 525 39.21 8.75 -24.80
CA PRO B 525 39.44 10.18 -25.07
C PRO B 525 38.16 10.97 -25.26
N GLN B 526 37.18 10.41 -25.94
CA GLN B 526 35.94 11.14 -26.18
C GLN B 526 35.20 11.41 -24.86
N PHE B 527 35.29 10.51 -23.90
CA PHE B 527 34.72 10.79 -22.58
C PHE B 527 35.38 12.00 -21.95
N ARG B 528 36.71 12.06 -22.01
CA ARG B 528 37.42 13.22 -21.49
C ARG B 528 37.01 14.50 -22.21
N SER B 529 36.76 14.41 -23.52
CA SER B 529 36.27 15.58 -24.25
C SER B 529 34.92 16.02 -23.72
N ILE B 530 34.03 15.06 -23.45
CA ILE B 530 32.71 15.38 -22.93
C ILE B 530 32.81 15.99 -21.54
N VAL B 531 33.70 15.48 -20.70
CA VAL B 531 33.87 16.07 -19.38
C VAL B 531 34.39 17.49 -19.49
N SER B 532 35.30 17.74 -20.42
CA SER B 532 35.77 19.10 -20.61
C SER B 532 34.64 20.02 -21.02
N ALA B 533 33.83 19.59 -21.99
CA ALA B 533 32.72 20.41 -22.43
C ALA B 533 31.75 20.68 -21.30
N LEU B 534 31.55 19.70 -20.41
CA LEU B 534 30.67 19.94 -19.28
C LEU B 534 31.29 20.95 -18.31
N LYS B 535 32.60 20.85 -18.05
CA LYS B 535 33.24 21.86 -17.19
C LYS B 535 33.16 23.25 -17.78
N ARG B 536 33.16 23.36 -19.10
CA ARG B 536 33.14 24.67 -19.73
C ARG B 536 31.86 25.43 -19.43
N GLU B 537 30.77 24.72 -19.18
CA GLU B 537 29.48 25.33 -18.93
C GLU B 537 29.28 25.69 -17.47
N ALA B 538 30.27 25.49 -16.63
CA ALA B 538 30.07 25.69 -15.21
C ALA B 538 29.81 27.15 -14.89
N LEU B 539 28.86 27.37 -14.01
CA LEU B 539 28.62 28.68 -13.44
C LEU B 539 29.23 28.70 -12.03
N VAL B 540 29.71 29.85 -11.62
CA VAL B 540 30.31 30.02 -10.31
C VAL B 540 29.72 31.25 -9.66
N LYS B 541 29.52 31.19 -8.36
CA LYS B 541 29.21 32.37 -7.57
C LYS B 541 30.44 32.67 -6.75
N GLY B 542 31.03 33.84 -6.99
CA GLY B 542 32.23 34.28 -6.32
C GLY B 542 33.47 34.03 -7.15
N ASN B 543 34.53 34.77 -6.82
CA ASN B 543 35.85 34.53 -7.39
C ASN B 543 36.95 34.93 -6.43
N PRO B 544 37.62 33.96 -5.80
CA PRO B 544 37.49 32.51 -5.92
C PRO B 544 36.09 32.02 -5.59
N PRO B 545 35.61 31.02 -6.33
CA PRO B 545 34.19 30.67 -6.28
C PRO B 545 33.80 30.11 -4.92
N ILE B 546 32.73 30.67 -4.36
CA ILE B 546 32.10 30.05 -3.21
C ILE B 546 31.14 28.96 -3.63
N TYR B 547 30.47 29.15 -4.76
CA TYR B 547 29.54 28.15 -5.29
C TYR B 547 29.91 27.80 -6.71
N ARG B 548 29.58 26.57 -7.11
CA ARG B 548 29.71 26.12 -8.49
C ARG B 548 28.50 25.25 -8.82
N PHE B 549 27.81 25.57 -9.91
CA PHE B 549 26.60 24.86 -10.29
C PHE B 549 26.47 24.88 -11.80
N TRP B 550 25.42 24.27 -12.30
CA TRP B 550 25.21 24.17 -13.75
C TRP B 550 23.80 24.58 -14.09
N LYS B 551 23.66 25.28 -15.22
CA LYS B 551 22.38 25.63 -15.81
C LYS B 551 22.07 24.63 -16.91
N ASP B 552 20.80 24.24 -17.03
CA ASP B 552 20.50 23.14 -17.94
C ASP B 552 20.55 23.56 -19.40
N ASN B 553 20.48 24.85 -19.69
CA ASN B 553 20.63 25.31 -21.06
C ASN B 553 22.10 25.60 -21.38
N LEU B 554 22.48 25.35 -22.62
CA LEU B 554 23.83 25.64 -23.05
C LEU B 554 24.08 27.14 -23.12
N GLN B 555 25.33 27.53 -22.88
CA GLN B 555 25.68 28.95 -22.85
C GLN B 555 25.44 29.59 -24.20
N HIS B 556 25.85 28.93 -25.27
CA HIS B 556 25.68 29.57 -26.57
C HIS B 556 24.22 29.72 -26.97
N LYS B 557 23.30 29.09 -26.28
CA LYS B 557 21.87 29.28 -26.55
C LYS B 557 21.21 30.26 -25.59
N ASP B 558 21.71 30.39 -24.36
CA ASP B 558 21.07 31.26 -23.37
C ASP B 558 22.13 31.67 -22.37
N SER B 559 22.46 32.96 -22.35
CA SER B 559 23.53 33.47 -21.50
C SER B 559 23.03 34.00 -20.18
N SER B 560 21.72 34.01 -19.95
CA SER B 560 21.18 34.52 -18.70
C SER B 560 21.36 33.53 -17.58
N VAL B 561 21.56 34.05 -16.38
CA VAL B 561 21.83 33.23 -15.21
C VAL B 561 20.56 33.18 -14.35
N PRO B 562 20.06 32.00 -14.01
CA PRO B 562 18.85 31.93 -13.20
C PRO B 562 19.09 32.47 -11.81
N ASN B 563 18.03 33.04 -11.24
CA ASN B 563 18.08 33.61 -9.90
C ASN B 563 17.64 32.64 -8.82
N THR B 564 16.87 31.63 -9.18
CA THR B 564 16.50 30.56 -8.26
C THR B 564 16.68 29.22 -8.95
N GLY B 565 16.86 28.18 -8.15
CA GLY B 565 17.10 26.87 -8.69
C GLY B 565 15.82 26.23 -9.20
N THR B 566 15.99 25.29 -10.11
CA THR B 566 14.89 24.49 -10.62
C THR B 566 15.29 23.04 -10.54
N ALA B 567 14.39 22.14 -10.93
CA ALA B 567 14.73 20.72 -10.86
C ALA B 567 15.82 20.35 -11.86
N ARG B 568 15.76 20.88 -13.08
CA ARG B 568 16.79 20.58 -14.07
C ARG B 568 18.13 21.13 -13.65
N MET B 569 18.15 22.26 -12.95
CA MET B 569 19.41 22.81 -12.49
C MET B 569 20.05 21.87 -11.48
N VAL B 570 19.29 21.42 -10.49
CA VAL B 570 19.83 20.52 -9.48
C VAL B 570 20.18 19.17 -10.08
N GLU B 571 19.44 18.72 -11.10
CA GLU B 571 19.74 17.42 -11.66
C GLU B 571 20.99 17.46 -12.52
N THR B 572 21.14 18.50 -13.32
CA THR B 572 22.37 18.66 -14.09
C THR B 572 23.56 18.79 -13.15
N THR B 573 23.45 19.63 -12.15
CA THR B 573 24.54 19.76 -11.20
C THR B 573 24.85 18.44 -10.52
N ALA B 574 23.82 17.65 -10.21
CA ALA B 574 24.05 16.37 -9.56
C ALA B 574 24.79 15.39 -10.48
N TYR B 575 24.37 15.29 -11.73
CA TYR B 575 25.09 14.42 -12.65
C TYR B 575 26.55 14.86 -12.78
N ALA B 576 26.79 16.17 -12.91
CA ALA B 576 28.16 16.63 -13.01
C ALA B 576 28.95 16.32 -11.76
N LEU B 577 28.32 16.47 -10.59
CA LEU B 577 29.01 16.18 -9.34
C LEU B 577 29.38 14.72 -9.26
N LEU B 578 28.45 13.83 -9.62
CA LEU B 578 28.75 12.40 -9.56
C LEU B 578 29.83 12.03 -10.57
N THR B 579 29.81 12.65 -11.75
CA THR B 579 30.89 12.42 -12.70
C THR B 579 32.23 12.84 -12.12
N SER B 580 32.27 13.98 -11.44
CA SER B 580 33.54 14.40 -10.87
C SER B 580 33.97 13.48 -9.73
N LEU B 581 33.03 13.00 -8.93
CA LEU B 581 33.39 12.09 -7.86
C LEU B 581 33.93 10.78 -8.43
N ASN B 582 33.35 10.29 -9.52
CA ASN B 582 33.90 9.10 -10.17
C ASN B 582 35.28 9.36 -10.74
N LEU B 583 35.64 10.62 -10.99
CA LEU B 583 36.98 10.93 -11.46
C LEU B 583 37.89 11.30 -10.32
N LYS B 584 37.40 11.30 -9.09
CA LYS B 584 38.22 11.63 -7.94
C LYS B 584 38.78 13.04 -8.08
N ASP B 585 37.96 13.95 -8.57
CA ASP B 585 38.34 15.35 -8.81
C ASP B 585 37.92 16.15 -7.58
N ILE B 586 38.72 16.04 -6.51
CA ILE B 586 38.30 16.58 -5.23
C ILE B 586 38.42 18.09 -5.14
N ASN B 587 39.30 18.71 -5.94
CA ASN B 587 39.44 20.16 -5.89
C ASN B 587 38.24 20.87 -6.50
N TYR B 588 37.45 20.17 -7.30
CA TYR B 588 36.43 20.80 -8.12
C TYR B 588 35.05 20.74 -7.53
N VAL B 589 34.83 19.88 -6.52
CA VAL B 589 33.49 19.55 -6.08
C VAL B 589 33.03 20.35 -4.86
N ASN B 590 33.94 20.93 -4.10
CA ASN B 590 33.54 21.57 -2.85
C ASN B 590 32.50 22.67 -3.08
N PRO B 591 32.69 23.62 -3.99
CA PRO B 591 31.62 24.58 -4.23
C PRO B 591 30.36 23.95 -4.77
N VAL B 592 30.48 22.86 -5.52
CA VAL B 592 29.30 22.15 -5.97
C VAL B 592 28.56 21.54 -4.78
N ILE B 593 29.30 20.89 -3.88
CA ILE B 593 28.67 20.33 -2.69
C ILE B 593 28.00 21.42 -1.88
N LYS B 594 28.63 22.59 -1.77
CA LYS B 594 27.99 23.65 -1.00
C LYS B 594 26.71 24.09 -1.68
N TRP B 595 26.73 24.20 -3.01
CA TRP B 595 25.53 24.63 -3.71
C TRP B 595 24.40 23.62 -3.60
N LEU B 596 24.70 22.32 -3.78
CA LEU B 596 23.67 21.29 -3.63
C LEU B 596 23.16 21.22 -2.20
N SER B 597 24.05 21.39 -1.23
CA SER B 597 23.61 21.33 0.15
C SER B 597 22.65 22.47 0.46
N GLU B 598 22.97 23.68 0.03
CA GLU B 598 22.08 24.80 0.32
C GLU B 598 20.82 24.80 -0.53
N GLU B 599 20.84 24.17 -1.69
CA GLU B 599 19.63 24.04 -2.48
C GLU B 599 18.68 22.98 -1.92
N GLN B 600 19.14 22.17 -0.97
CA GLN B 600 18.31 21.16 -0.35
C GLN B 600 17.21 21.83 0.43
N ARG B 601 16.24 21.03 0.83
CA ARG B 601 15.02 21.51 1.43
C ARG B 601 14.80 20.82 2.76
N TYR B 602 14.15 21.51 3.68
CA TYR B 602 13.78 20.85 4.93
C TYR B 602 12.98 19.60 4.64
N GLY B 603 13.46 18.48 5.14
CA GLY B 603 12.93 17.19 4.79
C GLY B 603 13.90 16.33 4.04
N GLY B 604 14.87 16.93 3.36
CA GLY B 604 15.90 16.20 2.66
C GLY B 604 15.78 16.22 1.17
N GLY B 605 14.59 16.44 0.62
CA GLY B 605 14.39 16.37 -0.80
C GLY B 605 14.68 17.68 -1.53
N PHE B 606 14.44 17.64 -2.83
CA PHE B 606 14.69 18.81 -3.66
C PHE B 606 13.44 19.20 -4.43
N TYR B 607 13.55 19.44 -5.73
CA TYR B 607 12.42 19.98 -6.49
C TYR B 607 11.53 18.88 -7.04
N SER B 608 12.11 17.90 -7.73
CA SER B 608 11.34 16.79 -8.27
C SER B 608 12.00 15.47 -7.88
N THR B 609 11.78 14.42 -8.65
CA THR B 609 12.23 13.11 -8.23
C THR B 609 13.66 12.81 -8.65
N GLN B 610 13.97 12.96 -9.93
CA GLN B 610 15.30 12.59 -10.41
C GLN B 610 16.38 13.44 -9.78
N ASP B 611 16.18 14.76 -9.75
CA ASP B 611 17.16 15.62 -9.11
C ASP B 611 17.35 15.25 -7.66
N THR B 612 16.28 14.84 -7.00
CA THR B 612 16.41 14.44 -5.60
C THR B 612 17.31 13.22 -5.46
N ILE B 613 17.04 12.15 -6.20
CA ILE B 613 17.83 10.96 -5.98
C ILE B 613 19.29 11.20 -6.34
N ASN B 614 19.55 11.90 -7.44
CA ASN B 614 20.94 12.08 -7.81
C ASN B 614 21.66 13.03 -6.88
N ALA B 615 20.97 14.03 -6.35
CA ALA B 615 21.59 14.93 -5.39
C ALA B 615 21.84 14.25 -4.06
N ILE B 616 20.91 13.40 -3.61
CA ILE B 616 21.15 12.66 -2.38
C ILE B 616 22.36 11.75 -2.54
N GLU B 617 22.48 11.10 -3.69
CA GLU B 617 23.63 10.25 -3.93
C GLU B 617 24.91 11.07 -3.94
N GLY B 618 24.88 12.27 -4.51
CA GLY B 618 26.07 13.09 -4.53
C GLY B 618 26.49 13.52 -3.13
N LEU B 619 25.54 14.02 -2.36
CA LEU B 619 25.88 14.44 -1.00
C LEU B 619 26.35 13.27 -0.17
N THR B 620 25.70 12.12 -0.29
CA THR B 620 26.08 10.98 0.54
C THR B 620 27.43 10.44 0.16
N GLU B 621 27.66 10.25 -1.14
CA GLU B 621 28.93 9.72 -1.58
C GLU B 621 30.06 10.67 -1.22
N TYR B 622 29.84 11.97 -1.36
CA TYR B 622 30.83 12.92 -0.90
C TYR B 622 31.06 12.81 0.60
N SER B 623 30.00 12.64 1.38
CA SER B 623 30.20 12.56 2.82
C SER B 623 30.95 11.31 3.23
N LEU B 624 30.84 10.23 2.46
CA LEU B 624 31.59 9.01 2.75
C LEU B 624 33.00 9.05 2.21
N LEU B 625 33.27 9.91 1.25
CA LEU B 625 34.58 9.92 0.64
C LEU B 625 35.56 10.80 1.40
N VAL B 626 35.08 11.81 2.13
CA VAL B 626 35.93 12.75 2.85
C VAL B 626 35.96 12.38 4.32
N LYS B 627 36.98 12.87 5.02
CA LYS B 627 37.15 12.56 6.44
C LYS B 627 35.98 13.08 7.25
N GLN B 628 35.47 12.23 8.13
CA GLN B 628 34.40 12.58 9.05
C GLN B 628 34.98 13.41 10.19
N LEU B 629 34.59 14.68 10.25
CA LEU B 629 35.10 15.57 11.26
C LEU B 629 34.32 15.45 12.56
N ARG B 630 35.00 15.75 13.67
CA ARG B 630 34.31 15.80 14.94
C ARG B 630 33.33 16.96 14.91
N LEU B 631 32.20 16.78 15.58
CA LEU B 631 31.11 17.73 15.52
C LEU B 631 30.95 18.37 16.90
N SER B 632 31.12 19.69 16.97
CA SER B 632 30.98 20.39 18.24
C SER B 632 30.76 21.88 17.95
N MET B 633 29.51 22.34 18.07
CA MET B 633 29.19 23.74 17.86
C MET B 633 28.25 24.23 18.94
N ASP B 634 28.31 25.52 19.23
CA ASP B 634 27.33 26.19 20.07
C ASP B 634 26.48 27.06 19.15
N ILE B 635 25.35 26.54 18.71
CA ILE B 635 24.53 27.21 17.70
C ILE B 635 23.44 28.01 18.40
N ASP B 636 23.48 29.33 18.23
CA ASP B 636 22.53 30.25 18.84
C ASP B 636 21.67 30.85 17.75
N VAL B 637 20.36 30.68 17.87
CA VAL B 637 19.40 31.33 16.99
C VAL B 637 18.65 32.36 17.80
N SER B 638 18.63 33.59 17.29
CA SER B 638 18.06 34.70 18.02
C SER B 638 17.46 35.68 17.03
N TYR B 639 16.50 36.45 17.51
CA TYR B 639 15.98 37.51 16.68
C TYR B 639 16.89 38.72 16.81
N LYS B 640 16.88 39.56 15.78
CA LYS B 640 17.73 40.74 15.81
C LYS B 640 17.23 41.74 16.84
N HIS B 641 16.06 42.33 16.61
CA HIS B 641 15.51 43.28 17.58
C HIS B 641 14.43 42.60 18.41
N LYS B 642 14.78 41.48 19.02
CA LYS B 642 13.86 40.78 19.91
C LYS B 642 14.69 39.80 20.73
N GLY B 643 14.01 39.05 21.59
CA GLY B 643 14.73 38.14 22.46
C GLY B 643 15.42 37.03 21.70
N ALA B 644 16.34 36.38 22.39
CA ALA B 644 17.02 35.21 21.83
C ALA B 644 16.02 34.07 21.77
N LEU B 645 15.91 33.45 20.59
CA LEU B 645 14.99 32.33 20.43
C LEU B 645 15.46 31.19 21.32
N HIS B 646 16.57 30.54 20.95
CA HIS B 646 17.19 29.56 21.84
C HIS B 646 18.52 29.16 21.22
N ASN B 647 19.23 28.28 21.92
CA ASN B 647 20.52 27.83 21.46
C ASN B 647 20.74 26.41 21.95
N TYR B 648 21.47 25.65 21.15
CA TYR B 648 21.81 24.28 21.53
C TYR B 648 23.24 23.97 21.13
N LYS B 649 23.86 23.12 21.94
CA LYS B 649 25.19 22.61 21.70
C LYS B 649 25.07 21.35 20.87
N MET B 650 25.53 21.41 19.63
CA MET B 650 25.48 20.30 18.70
C MET B 650 26.73 19.46 18.79
N THR B 651 26.56 18.16 19.03
CA THR B 651 27.66 17.21 19.09
C THR B 651 27.27 15.98 18.30
N ASP B 652 28.18 15.01 18.20
CA ASP B 652 27.85 13.75 17.56
C ASP B 652 26.82 12.96 18.35
N LYS B 653 26.62 13.30 19.63
CA LYS B 653 25.59 12.62 20.41
C LYS B 653 24.21 12.94 19.85
N ASN B 654 23.85 14.21 19.81
CA ASN B 654 22.62 14.64 19.16
C ASN B 654 22.94 15.76 18.18
N PHE B 655 22.52 15.57 16.94
CA PHE B 655 22.65 16.60 15.92
C PHE B 655 21.50 16.59 14.92
N LEU B 656 20.51 15.72 15.10
CA LEU B 656 19.28 15.73 14.32
C LEU B 656 18.15 16.36 15.10
N GLY B 657 18.40 17.50 15.74
CA GLY B 657 17.41 18.07 16.64
C GLY B 657 16.14 18.42 15.91
N ARG B 658 15.04 18.43 16.66
CA ARG B 658 13.75 18.72 16.07
C ARG B 658 13.72 20.17 15.56
N PRO B 659 12.91 20.45 14.55
CA PRO B 659 12.80 21.84 14.08
C PRO B 659 12.17 22.77 15.10
N VAL B 660 12.12 24.05 14.79
CA VAL B 660 11.53 25.04 15.69
C VAL B 660 10.81 26.08 14.85
N GLU B 661 9.58 26.42 15.24
CA GLU B 661 8.77 27.40 14.52
C GLU B 661 9.18 28.81 14.93
N VAL B 662 9.34 29.69 13.95
CA VAL B 662 9.71 31.08 14.17
C VAL B 662 8.43 31.93 14.17
N LEU B 663 7.97 32.33 15.35
CA LEU B 663 6.71 33.05 15.43
C LEU B 663 6.85 34.56 15.27
N LEU B 664 7.83 35.17 15.93
CA LEU B 664 7.94 36.62 15.91
C LEU B 664 8.29 37.14 14.53
N ASN B 665 7.87 38.37 14.26
CA ASN B 665 7.99 39.01 12.95
C ASN B 665 9.30 39.76 12.79
N ASP B 666 10.38 39.25 13.35
CA ASP B 666 11.69 39.90 13.29
C ASP B 666 12.65 39.10 12.42
N ASP B 667 13.75 39.74 12.04
CA ASP B 667 14.77 39.06 11.27
C ASP B 667 15.50 38.03 12.13
N LEU B 668 15.74 36.85 11.56
CA LEU B 668 16.39 35.75 12.26
C LEU B 668 17.90 35.75 12.07
N ILE B 669 18.62 35.31 13.09
CA ILE B 669 20.08 35.28 13.08
C ILE B 669 20.54 33.96 13.67
N VAL B 670 21.22 33.17 12.85
CA VAL B 670 21.80 31.90 13.28
C VAL B 670 23.31 32.10 13.31
N SER B 671 23.92 31.86 14.47
CA SER B 671 25.33 32.12 14.63
C SER B 671 25.96 31.01 15.45
N THR B 672 27.27 30.87 15.30
CA THR B 672 28.02 29.89 16.07
C THR B 672 29.43 30.40 16.29
N GLY B 673 30.05 29.98 17.40
CA GLY B 673 31.41 30.37 17.71
C GLY B 673 32.44 29.54 17.00
N PHE B 674 33.58 29.37 17.64
CA PHE B 674 34.57 28.42 17.14
C PHE B 674 34.05 27.02 17.34
N GLY B 675 34.04 26.24 16.27
CA GLY B 675 33.44 24.92 16.32
C GLY B 675 34.18 23.92 15.45
N SER B 676 33.81 22.67 15.63
CA SER B 676 34.26 21.58 14.79
C SER B 676 33.03 20.95 14.16
N GLY B 677 33.07 20.75 12.85
CA GLY B 677 31.98 20.09 12.19
C GLY B 677 31.48 20.90 11.01
N LEU B 678 30.29 20.52 10.53
CA LEU B 678 29.71 21.13 9.33
C LEU B 678 28.20 20.96 9.41
N ALA B 679 27.50 22.02 9.80
CA ALA B 679 26.06 21.92 10.00
C ALA B 679 25.29 22.57 8.86
N THR B 680 24.01 22.24 8.75
CA THR B 680 23.14 22.81 7.73
C THR B 680 21.98 23.51 8.41
N VAL B 681 21.61 24.67 7.88
CA VAL B 681 20.57 25.51 8.42
C VAL B 681 19.61 25.81 7.28
N HIS B 682 18.39 25.28 7.36
CA HIS B 682 17.38 25.51 6.34
C HIS B 682 16.19 26.20 6.97
N VAL B 683 15.60 27.14 6.24
CA VAL B 683 14.40 27.84 6.66
C VAL B 683 13.37 27.72 5.56
N THR B 684 12.18 27.21 5.90
CA THR B 684 11.07 27.11 4.98
C THR B 684 10.04 28.17 5.35
N THR B 685 9.73 29.05 4.40
CA THR B 685 8.74 30.08 4.61
C THR B 685 7.47 29.64 3.91
N VAL B 686 6.36 29.63 4.65
CA VAL B 686 5.05 29.33 4.11
C VAL B 686 4.21 30.58 4.25
N VAL B 687 3.69 31.08 3.13
CA VAL B 687 2.78 32.21 3.12
C VAL B 687 1.55 31.84 2.33
N HIS B 688 0.52 32.66 2.44
CA HIS B 688 -0.70 32.48 1.66
C HIS B 688 -0.96 33.75 0.88
N LYS B 689 -1.12 33.62 -0.42
CA LYS B 689 -1.24 34.77 -1.30
C LYS B 689 -2.62 34.83 -1.93
N THR B 690 -3.04 36.04 -2.27
CA THR B 690 -4.35 36.28 -2.84
C THR B 690 -4.37 36.27 -4.37
N SER B 691 -3.21 36.24 -5.01
CA SER B 691 -3.14 36.37 -6.45
C SER B 691 -2.05 35.47 -7.02
N THR B 692 -2.14 35.26 -8.32
CA THR B 692 -1.17 34.47 -9.06
C THR B 692 -0.73 35.17 -10.34
N SER B 693 -1.06 36.46 -10.48
CA SER B 693 -0.85 37.16 -11.74
C SER B 693 0.64 37.36 -12.02
N GLU B 694 1.40 37.65 -10.98
CA GLU B 694 2.83 37.92 -11.15
C GLU B 694 3.65 36.64 -11.25
N GLU B 695 3.01 35.48 -11.46
CA GLU B 695 3.69 34.21 -11.64
C GLU B 695 3.68 33.80 -13.11
N VAL B 696 4.79 33.21 -13.56
CA VAL B 696 4.94 32.78 -14.93
C VAL B 696 4.09 31.55 -15.16
N CYS B 697 3.20 31.62 -16.15
CA CYS B 697 2.31 30.51 -16.46
C CYS B 697 2.81 29.76 -17.68
N SER B 698 3.17 28.49 -17.49
CA SER B 698 3.54 27.63 -18.61
C SER B 698 2.38 26.83 -19.17
N PHE B 699 1.16 27.14 -18.78
CA PHE B 699 -0.02 26.46 -19.28
C PHE B 699 -1.14 27.48 -19.41
N TYR B 700 -1.89 27.42 -20.49
CA TYR B 700 -3.16 28.11 -20.56
C TYR B 700 -4.17 27.26 -19.82
N LEU B 701 -4.87 27.86 -18.88
CA LEU B 701 -5.85 27.16 -18.07
C LEU B 701 -7.23 27.77 -18.26
N LYS B 702 -8.24 26.94 -18.20
CA LYS B 702 -9.60 27.47 -18.07
C LYS B 702 -10.44 26.43 -17.38
N ILE B 703 -11.33 26.85 -16.49
CA ILE B 703 -12.13 25.90 -15.72
C ILE B 703 -13.48 26.52 -15.44
N ASP B 704 -14.53 25.72 -15.61
CA ASP B 704 -15.89 26.18 -15.42
C ASP B 704 -16.70 25.06 -14.81
N THR B 705 -17.81 25.42 -14.20
CA THR B 705 -18.82 24.47 -13.75
C THR B 705 -20.05 24.67 -14.60
N GLN B 706 -20.68 23.58 -15.03
CA GLN B 706 -21.81 23.66 -15.93
C GLN B 706 -22.99 22.92 -15.34
N ASP B 707 -24.17 23.23 -15.85
CA ASP B 707 -25.34 22.41 -15.59
C ASP B 707 -25.46 21.41 -16.72
N ILE B 708 -25.80 20.18 -16.39
CA ILE B 708 -25.83 19.11 -17.37
C ILE B 708 -27.27 18.62 -17.52
N GLU B 709 -27.53 17.94 -18.63
CA GLU B 709 -28.86 17.46 -18.95
C GLU B 709 -29.06 16.03 -18.47
N LYS B 722 -24.61 19.69 -11.84
CA LYS B 722 -23.38 20.47 -11.96
C LYS B 722 -22.20 19.55 -12.30
N ARG B 723 -21.34 20.01 -13.21
CA ARG B 723 -20.19 19.26 -13.68
C ARG B 723 -19.00 20.19 -13.82
N ILE B 724 -17.82 19.74 -13.41
CA ILE B 724 -16.61 20.53 -13.55
C ILE B 724 -15.92 20.17 -14.85
N VAL B 725 -15.53 21.17 -15.61
CA VAL B 725 -14.75 21.02 -16.83
C VAL B 725 -13.48 21.84 -16.64
N ALA B 726 -12.35 21.18 -16.55
CA ALA B 726 -11.06 21.82 -16.31
C ALA B 726 -10.13 21.49 -17.47
N CYS B 727 -9.75 22.51 -18.21
CA CYS B 727 -8.92 22.37 -19.39
C CYS B 727 -7.55 23.03 -19.22
N ALA B 728 -6.53 22.38 -19.76
CA ALA B 728 -5.19 22.94 -19.78
C ALA B 728 -4.58 22.75 -21.16
N SER B 729 -3.61 23.59 -21.47
CA SER B 729 -2.82 23.49 -22.70
C SER B 729 -1.41 23.99 -22.44
N TYR B 730 -0.42 23.32 -23.04
CA TYR B 730 0.98 23.59 -22.76
C TYR B 730 1.50 24.77 -23.57
N LYS B 731 2.31 25.61 -22.92
CA LYS B 731 2.96 26.75 -23.54
C LYS B 731 4.41 26.40 -23.77
N PRO B 732 4.80 25.99 -24.97
CA PRO B 732 6.17 25.54 -25.17
C PRO B 732 7.18 26.65 -24.91
N SER B 733 8.28 26.27 -24.27
CA SER B 733 9.36 27.22 -24.02
C SER B 733 10.08 27.58 -25.31
N ARG B 734 11.16 28.34 -25.21
CA ARG B 734 11.90 28.72 -26.40
C ARG B 734 12.57 27.49 -27.00
N GLU B 735 12.43 27.35 -28.32
CA GLU B 735 12.99 26.26 -29.10
C GLU B 735 12.36 24.90 -28.78
N GLU B 736 11.25 24.86 -28.06
CA GLU B 736 10.56 23.60 -27.80
C GLU B 736 9.53 23.36 -28.90
N SER B 737 9.40 22.11 -29.31
CA SER B 737 8.48 21.74 -30.37
C SER B 737 7.04 21.79 -29.89
N SER B 738 6.12 21.65 -30.82
CA SER B 738 4.69 21.64 -30.52
C SER B 738 4.17 20.29 -30.10
N SER B 739 5.05 19.32 -29.81
CA SER B 739 4.59 17.97 -29.50
C SER B 739 3.85 17.88 -28.18
N GLY B 740 3.98 18.85 -27.30
CA GLY B 740 3.27 18.85 -26.03
C GLY B 740 4.21 18.66 -24.87
N SER B 741 3.62 18.70 -23.68
CA SER B 741 4.40 18.61 -22.46
C SER B 741 4.84 17.18 -22.19
N SER B 742 5.54 17.01 -21.08
CA SER B 742 5.94 15.70 -20.63
C SER B 742 4.93 15.24 -19.59
N HIS B 743 5.31 14.29 -18.74
CA HIS B 743 4.47 13.82 -17.65
C HIS B 743 3.94 14.98 -16.84
N ALA B 744 2.61 15.13 -16.82
CA ALA B 744 1.94 16.28 -16.24
C ALA B 744 0.99 15.86 -15.13
N VAL B 745 0.64 16.84 -14.30
CA VAL B 745 -0.25 16.67 -13.17
C VAL B 745 -1.27 17.79 -13.23
N MET B 746 -2.54 17.44 -13.14
CA MET B 746 -3.64 18.38 -13.00
C MET B 746 -4.25 18.18 -11.62
N ASP B 747 -3.97 19.12 -10.73
CA ASP B 747 -4.44 19.12 -9.35
C ASP B 747 -5.56 20.16 -9.22
N ILE B 748 -6.78 19.68 -8.96
CA ILE B 748 -7.95 20.54 -8.81
C ILE B 748 -8.40 20.49 -7.36
N SER B 749 -8.15 21.56 -6.63
CA SER B 749 -8.67 21.65 -5.27
C SER B 749 -10.18 21.79 -5.33
N LEU B 750 -10.84 21.07 -4.56
CA LEU B 750 -12.29 21.25 -4.56
C LEU B 750 -12.70 22.21 -3.46
N PRO B 751 -13.71 23.04 -3.69
CA PRO B 751 -14.17 23.96 -2.65
C PRO B 751 -14.75 23.19 -1.47
N THR B 752 -14.91 23.89 -0.36
CA THR B 752 -15.41 23.24 0.85
C THR B 752 -16.81 22.68 0.61
N GLY B 753 -17.00 21.42 0.98
CA GLY B 753 -18.31 20.80 0.84
C GLY B 753 -18.65 20.30 -0.54
N ILE B 754 -17.75 20.40 -1.49
CA ILE B 754 -17.99 19.92 -2.84
C ILE B 754 -17.35 18.54 -2.97
N SER B 755 -18.10 17.60 -3.50
CA SER B 755 -17.62 16.23 -3.64
C SER B 755 -17.63 15.86 -5.11
N ALA B 756 -16.59 15.14 -5.53
CA ALA B 756 -16.45 14.75 -6.93
C ALA B 756 -17.04 13.38 -7.20
N ASN B 757 -17.59 13.23 -8.39
CA ASN B 757 -18.11 11.94 -8.83
C ASN B 757 -16.95 11.08 -9.25
N GLU B 758 -16.63 10.07 -8.44
CA GLU B 758 -15.49 9.22 -8.73
C GLU B 758 -15.73 8.28 -9.91
N GLU B 759 -16.98 8.02 -10.27
CA GLU B 759 -17.23 7.16 -11.43
C GLU B 759 -16.77 7.82 -12.72
N ASP B 760 -17.05 9.11 -12.87
CA ASP B 760 -16.61 9.81 -14.07
C ASP B 760 -15.08 9.79 -14.20
N LEU B 761 -14.37 9.95 -13.08
CA LEU B 761 -12.92 9.91 -13.15
C LEU B 761 -12.43 8.52 -13.46
N LYS B 762 -13.03 7.50 -12.84
CA LYS B 762 -12.66 6.13 -13.19
C LYS B 762 -12.82 5.92 -14.68
N ALA B 763 -13.95 6.36 -15.23
CA ALA B 763 -14.20 6.15 -16.64
C ALA B 763 -13.20 6.88 -17.51
N LEU B 764 -12.49 7.87 -16.97
CA LEU B 764 -11.54 8.58 -17.80
C LEU B 764 -10.14 7.97 -17.81
N VAL B 765 -9.86 6.98 -16.96
CA VAL B 765 -8.51 6.42 -16.91
C VAL B 765 -8.52 4.93 -17.20
N GLU B 766 -9.60 4.22 -16.83
CA GLU B 766 -9.60 2.77 -16.85
C GLU B 766 -9.72 2.18 -18.25
N GLY B 767 -10.11 2.95 -19.25
CA GLY B 767 -10.37 2.39 -20.56
C GLY B 767 -9.19 2.52 -21.49
N VAL B 768 -9.30 1.83 -22.62
CA VAL B 768 -8.26 1.90 -23.63
C VAL B 768 -8.24 3.28 -24.26
N ASP B 769 -9.36 3.99 -24.27
CA ASP B 769 -9.40 5.36 -24.75
C ASP B 769 -9.14 6.37 -23.65
N GLN B 770 -8.32 6.01 -22.67
CA GLN B 770 -8.14 6.84 -21.49
C GLN B 770 -7.67 8.24 -21.89
N LEU B 771 -8.24 9.24 -21.22
CA LEU B 771 -7.74 10.59 -21.38
C LEU B 771 -6.66 10.89 -20.37
N PHE B 772 -6.77 10.33 -19.18
CA PHE B 772 -5.78 10.49 -18.13
C PHE B 772 -5.24 9.14 -17.73
N THR B 773 -4.06 9.15 -17.13
CA THR B 773 -3.32 7.93 -16.88
C THR B 773 -3.41 7.46 -15.44
N ASP B 774 -3.89 8.30 -14.53
CA ASP B 774 -4.07 7.96 -13.12
C ASP B 774 -4.89 9.06 -12.48
N TYR B 775 -5.68 8.69 -11.49
CA TYR B 775 -6.45 9.68 -10.75
C TYR B 775 -6.46 9.30 -9.28
N GLN B 776 -6.75 10.29 -8.45
CA GLN B 776 -6.92 10.07 -7.02
C GLN B 776 -7.64 11.25 -6.40
N ILE B 777 -8.26 11.01 -5.26
CA ILE B 777 -8.87 12.07 -4.48
C ILE B 777 -8.19 12.04 -3.12
N LYS B 778 -7.43 13.11 -2.82
CA LYS B 778 -6.67 13.22 -1.59
C LYS B 778 -6.89 14.59 -0.97
N ASP B 779 -7.40 14.63 0.25
CA ASP B 779 -7.51 15.87 1.02
C ASP B 779 -8.22 16.98 0.26
N GLY B 780 -9.35 16.66 -0.33
CA GLY B 780 -10.10 17.64 -1.06
C GLY B 780 -9.53 18.01 -2.40
N HIS B 781 -8.55 17.28 -2.88
CA HIS B 781 -7.96 17.53 -4.17
C HIS B 781 -8.26 16.37 -5.10
N VAL B 782 -8.61 16.67 -6.34
CA VAL B 782 -8.73 15.68 -7.40
C VAL B 782 -7.44 15.78 -8.19
N ILE B 783 -6.57 14.79 -8.05
CA ILE B 783 -5.25 14.83 -8.66
C ILE B 783 -5.24 13.83 -9.81
N LEU B 784 -5.10 14.33 -11.03
CA LEU B 784 -4.99 13.50 -12.22
C LEU B 784 -3.58 13.61 -12.76
N GLN B 785 -3.09 12.53 -13.35
CA GLN B 785 -1.79 12.53 -13.98
C GLN B 785 -1.93 12.14 -15.44
N LEU B 786 -0.91 12.47 -16.22
CA LEU B 786 -1.06 12.48 -17.65
C LEU B 786 0.30 12.26 -18.30
N ASN B 787 0.31 11.57 -19.44
CA ASN B 787 1.57 11.39 -20.14
C ASN B 787 2.02 12.70 -20.78
N SER B 788 1.08 13.50 -21.27
CA SER B 788 1.43 14.71 -21.99
C SER B 788 0.20 15.58 -22.13
N ILE B 789 0.38 16.87 -21.97
CA ILE B 789 -0.67 17.86 -22.23
C ILE B 789 -0.32 18.55 -23.55
N PRO B 790 -1.25 18.64 -24.50
CA PRO B 790 -0.92 19.17 -25.82
C PRO B 790 -0.64 20.66 -25.80
N SER B 791 0.11 21.11 -26.81
CA SER B 791 0.30 22.52 -27.09
C SER B 791 -0.69 23.02 -28.11
N SER B 792 -1.06 22.16 -29.06
CA SER B 792 -1.91 22.57 -30.16
C SER B 792 -3.32 22.89 -29.70
N ASP B 793 -3.83 22.14 -28.75
CA ASP B 793 -5.21 22.28 -28.34
C ASP B 793 -5.32 22.11 -26.83
N PHE B 794 -6.52 22.31 -26.34
CA PHE B 794 -6.82 22.14 -24.94
C PHE B 794 -7.12 20.68 -24.65
N LEU B 795 -6.83 20.25 -23.43
CA LEU B 795 -7.23 18.94 -22.95
C LEU B 795 -8.05 19.14 -21.69
N CYS B 796 -9.20 18.49 -21.61
CA CYS B 796 -10.16 18.80 -20.55
C CYS B 796 -10.55 17.55 -19.77
N VAL B 797 -10.48 17.65 -18.46
CA VAL B 797 -11.09 16.67 -17.60
C VAL B 797 -12.49 17.15 -17.26
N ARG B 798 -13.47 16.26 -17.35
CA ARG B 798 -14.85 16.59 -17.09
C ARG B 798 -15.40 15.58 -16.10
N PHE B 799 -15.84 16.04 -14.93
CA PHE B 799 -16.38 15.11 -13.96
C PHE B 799 -17.48 15.78 -13.14
N ARG B 800 -18.56 15.03 -12.88
CA ARG B 800 -19.68 15.60 -12.14
C ARG B 800 -19.32 15.82 -10.69
N ILE B 801 -20.01 16.80 -10.08
CA ILE B 801 -19.83 17.17 -8.68
C ILE B 801 -21.19 17.30 -8.02
N PHE B 802 -21.23 17.10 -6.72
CA PHE B 802 -22.46 17.31 -5.96
C PHE B 802 -22.10 17.97 -4.64
N GLU B 803 -23.10 18.59 -4.04
CA GLU B 803 -22.92 19.35 -2.80
C GLU B 803 -23.09 18.40 -1.63
N LEU B 804 -22.03 18.22 -0.86
CA LEU B 804 -22.07 17.33 0.29
C LEU B 804 -22.79 18.00 1.46
N PHE B 805 -22.35 19.19 1.86
CA PHE B 805 -23.05 19.97 2.88
C PHE B 805 -23.10 21.43 2.46
N GLU B 806 -24.00 22.19 3.07
CA GLU B 806 -24.20 23.57 2.68
C GLU B 806 -23.07 24.45 3.19
N VAL B 807 -22.58 25.33 2.33
CA VAL B 807 -21.51 26.27 2.68
C VAL B 807 -21.91 27.65 2.22
N GLY B 808 -21.87 28.62 3.12
CA GLY B 808 -22.08 30.01 2.77
C GLY B 808 -20.77 30.76 2.68
N PHE B 809 -20.77 31.80 1.85
CA PHE B 809 -19.58 32.61 1.60
C PHE B 809 -18.42 31.73 1.14
N LEU B 810 -18.72 30.88 0.17
CA LEU B 810 -17.78 29.88 -0.33
C LEU B 810 -16.51 30.53 -0.84
N SER B 811 -15.36 30.15 -0.27
CA SER B 811 -14.08 30.66 -0.73
C SER B 811 -13.63 29.93 -1.98
N PRO B 812 -13.06 30.64 -2.95
CA PRO B 812 -12.63 30.01 -4.19
C PRO B 812 -11.56 28.96 -3.95
N ALA B 813 -11.44 28.06 -4.91
CA ALA B 813 -10.43 26.99 -4.89
C ALA B 813 -9.44 27.21 -6.02
N THR B 814 -8.43 26.35 -6.08
CA THR B 814 -7.35 26.50 -7.04
C THR B 814 -7.28 25.33 -8.01
N PHE B 815 -6.78 25.62 -9.20
CA PHE B 815 -6.55 24.66 -10.28
C PHE B 815 -5.11 24.81 -10.74
N THR B 816 -4.29 23.81 -10.46
CA THR B 816 -2.86 23.87 -10.74
C THR B 816 -2.51 22.74 -11.69
N VAL B 817 -1.79 23.02 -12.77
CA VAL B 817 -1.23 21.95 -13.56
C VAL B 817 0.26 22.22 -13.72
N TYR B 818 1.05 21.15 -13.76
CA TYR B 818 2.49 21.31 -13.81
C TYR B 818 3.15 20.06 -14.35
N GLU B 819 4.38 20.20 -14.84
CA GLU B 819 5.13 19.04 -15.24
C GLU B 819 5.71 18.32 -14.02
N TYR B 820 5.48 17.01 -13.96
CA TYR B 820 5.89 16.23 -12.79
C TYR B 820 7.39 16.35 -12.53
N HIS B 821 8.18 16.26 -13.58
CA HIS B 821 9.63 16.40 -13.43
C HIS B 821 10.10 17.84 -13.60
N ARG B 822 9.20 18.79 -13.83
CA ARG B 822 9.55 20.20 -13.90
C ARG B 822 8.47 21.00 -13.20
N PRO B 823 8.41 20.91 -11.88
CA PRO B 823 7.38 21.67 -11.16
C PRO B 823 7.46 23.16 -11.38
N ASP B 824 8.58 23.69 -11.89
CA ASP B 824 8.69 25.10 -12.23
C ASP B 824 7.88 25.48 -13.45
N LYS B 825 7.57 24.54 -14.32
CA LYS B 825 6.66 24.77 -15.44
C LYS B 825 5.24 24.52 -14.96
N GLN B 826 4.55 25.57 -14.52
CA GLN B 826 3.28 25.41 -13.85
C GLN B 826 2.38 26.59 -14.20
N CYS B 827 1.15 26.53 -13.69
CA CYS B 827 0.20 27.62 -13.80
C CYS B 827 -0.88 27.36 -12.77
N THR B 828 -1.18 28.34 -11.93
CA THR B 828 -2.19 28.21 -10.89
C THR B 828 -3.28 29.23 -11.12
N MET B 829 -4.53 28.81 -11.05
CA MET B 829 -5.66 29.67 -11.33
C MET B 829 -6.74 29.44 -10.28
N PHE B 830 -7.41 30.52 -9.90
CA PHE B 830 -8.52 30.44 -8.95
C PHE B 830 -9.83 30.18 -9.67
N TYR B 831 -10.74 29.51 -8.99
CA TYR B 831 -12.08 29.29 -9.50
C TYR B 831 -13.00 29.03 -8.33
N SER B 832 -14.28 29.24 -8.55
CA SER B 832 -15.31 28.97 -7.57
C SER B 832 -16.40 28.15 -8.23
N THR B 833 -16.97 27.24 -7.47
CA THR B 833 -18.04 26.44 -8.00
C THR B 833 -19.40 27.12 -7.86
N SER B 834 -19.49 28.20 -7.10
CA SER B 834 -20.72 28.95 -6.92
C SER B 834 -20.67 30.28 -7.66
N ASN B 835 -21.75 30.60 -8.35
CA ASN B 835 -21.93 31.87 -9.05
C ASN B 835 -22.34 33.02 -8.13
N ILE B 836 -22.43 32.80 -6.82
CA ILE B 836 -23.34 33.58 -5.98
C ILE B 836 -22.86 35.02 -5.86
N LYS B 837 -23.68 35.93 -6.36
CA LYS B 837 -23.64 37.36 -6.09
C LYS B 837 -25.17 37.60 -6.02
N ILE B 838 -25.69 38.61 -5.31
CA ILE B 838 -24.99 39.74 -4.74
C ILE B 838 -24.68 39.55 -3.24
N GLN B 839 -23.92 40.49 -2.71
CA GLN B 839 -23.55 40.59 -1.31
C GLN B 839 -23.99 41.95 -0.75
N LYS B 840 -25.25 42.32 -0.97
CA LYS B 840 -25.72 43.67 -0.66
C LYS B 840 -25.76 43.94 0.84
N VAL B 841 -26.39 43.06 1.60
CA VAL B 841 -26.50 43.32 3.03
C VAL B 841 -26.86 42.01 3.73
N CYS B 842 -26.74 42.00 5.05
CA CYS B 842 -26.88 40.80 5.85
C CYS B 842 -28.12 40.83 6.73
N GLU B 843 -28.83 41.95 6.78
CA GLU B 843 -30.17 42.06 7.35
C GLU B 843 -30.26 41.67 8.83
N GLY B 844 -29.93 42.63 9.70
CA GLY B 844 -30.22 42.49 11.12
C GLY B 844 -29.38 41.52 11.92
N ALA B 845 -30.04 40.48 12.44
CA ALA B 845 -29.38 39.42 13.19
C ALA B 845 -29.04 38.28 12.23
N ALA B 846 -28.75 37.09 12.78
CA ALA B 846 -28.13 36.02 12.01
C ALA B 846 -26.96 36.59 11.20
N CYS B 847 -26.23 37.50 11.83
CA CYS B 847 -25.32 38.42 11.17
C CYS B 847 -24.03 38.64 11.93
N LYS B 848 -24.02 38.49 13.24
CA LYS B 848 -22.85 38.88 14.03
C LYS B 848 -21.62 38.07 13.66
N CYS B 849 -21.79 36.94 12.97
CA CYS B 849 -20.64 36.10 12.64
C CYS B 849 -19.97 36.57 11.36
N VAL B 850 -20.74 37.03 10.38
CA VAL B 850 -20.13 37.56 9.17
C VAL B 850 -19.45 38.89 9.43
N GLU B 851 -20.16 39.82 10.05
CA GLU B 851 -19.61 41.11 10.42
C GLU B 851 -18.80 41.07 11.70
N ALA B 852 -18.33 39.89 12.11
CA ALA B 852 -17.67 39.78 13.40
C ALA B 852 -16.33 40.49 13.40
N ASP B 853 -15.47 40.20 12.44
CA ASP B 853 -14.08 40.60 12.49
C ASP B 853 -13.73 41.65 11.45
N CYS B 854 -14.70 42.46 11.03
CA CYS B 854 -14.42 43.53 10.09
C CYS B 854 -15.13 44.80 10.56
N GLY B 855 -14.69 45.92 9.96
CA GLY B 855 -15.05 47.23 10.46
C GLY B 855 -16.47 47.62 10.13
N GLN B 856 -17.01 48.51 10.96
CA GLN B 856 -18.35 49.06 10.80
C GLN B 856 -18.22 50.56 10.64
N MET B 857 -18.71 51.07 9.52
CA MET B 857 -18.65 52.50 9.26
C MET B 857 -19.56 53.24 10.24
N GLN B 858 -19.10 54.39 10.70
CA GLN B 858 -19.88 55.21 11.60
C GLN B 858 -21.12 55.74 10.91
N GLU B 859 -22.08 56.19 11.73
CA GLU B 859 -23.28 56.78 11.17
C GLU B 859 -22.91 58.06 10.43
N GLU B 860 -23.47 58.22 9.24
CA GLU B 860 -23.10 59.33 8.37
C GLU B 860 -23.55 60.65 8.97
N LEU B 861 -22.61 61.56 9.18
CA LEU B 861 -22.89 62.88 9.76
C LEU B 861 -23.55 62.74 11.12
N ASP B 862 -23.04 61.82 11.93
CA ASP B 862 -23.60 61.56 13.25
C ASP B 862 -23.02 62.55 14.25
N LEU B 863 -23.87 63.43 14.77
CA LEU B 863 -23.44 64.50 15.63
C LEU B 863 -23.35 64.09 17.09
N THR B 864 -23.83 62.89 17.44
CA THR B 864 -23.77 62.44 18.83
C THR B 864 -22.38 61.97 19.25
N ILE B 865 -21.48 61.72 18.30
CA ILE B 865 -20.12 61.34 18.65
C ILE B 865 -19.46 62.53 19.32
N SER B 866 -18.95 62.32 20.54
CA SER B 866 -18.80 63.40 21.51
C SER B 866 -17.36 63.93 21.60
N ALA B 867 -16.60 63.88 20.50
CA ALA B 867 -15.29 64.52 20.39
C ALA B 867 -14.27 64.01 21.40
N GLU B 868 -14.70 63.74 22.64
CA GLU B 868 -13.82 63.13 23.62
C GLU B 868 -13.78 61.61 23.47
N THR B 869 -14.90 61.00 23.09
CA THR B 869 -14.89 59.60 22.73
C THR B 869 -14.15 59.35 21.42
N ARG B 870 -14.05 60.36 20.56
CA ARG B 870 -13.23 60.27 19.35
C ARG B 870 -11.75 60.43 19.65
N LYS B 871 -11.40 61.07 20.76
CA LYS B 871 -10.01 61.23 21.18
C LYS B 871 -9.54 60.09 22.04
N GLN B 872 -10.36 59.65 23.00
CA GLN B 872 -9.99 58.53 23.83
C GLN B 872 -9.85 57.26 22.99
N THR B 873 -10.66 57.13 21.94
CA THR B 873 -10.49 56.00 21.03
C THR B 873 -9.20 56.13 20.24
N ALA B 874 -8.79 57.35 19.93
CA ALA B 874 -7.55 57.55 19.19
C ALA B 874 -6.33 57.33 20.09
N CYS B 875 -6.39 57.86 21.31
CA CYS B 875 -5.29 57.72 22.26
C CYS B 875 -5.21 56.34 22.88
N LYS B 876 -6.04 55.41 22.46
CA LYS B 876 -5.99 54.06 23.01
C LYS B 876 -4.64 53.44 22.68
N PRO B 877 -3.94 52.87 23.66
CA PRO B 877 -2.64 52.23 23.38
C PRO B 877 -2.73 51.08 22.40
N GLU B 878 -3.90 50.48 22.26
CA GLU B 878 -4.09 49.40 21.29
C GLU B 878 -4.06 49.94 19.86
N ILE B 879 -4.62 51.13 19.64
CA ILE B 879 -4.73 51.70 18.30
C ILE B 879 -3.35 52.16 17.85
N ALA B 880 -2.78 51.49 16.85
CA ALA B 880 -1.44 51.85 16.38
C ALA B 880 -1.47 53.14 15.56
N TYR B 881 -2.22 53.16 14.47
CA TYR B 881 -2.27 54.32 13.59
C TYR B 881 -3.65 54.96 13.65
N ALA B 882 -3.70 56.23 13.25
CA ALA B 882 -4.95 56.99 13.24
C ALA B 882 -4.78 58.30 12.46
N TYR B 883 -5.42 58.40 11.30
CA TYR B 883 -5.33 59.63 10.51
C TYR B 883 -6.46 59.71 9.49
N LYS B 884 -6.49 60.83 8.77
CA LYS B 884 -7.56 61.18 7.84
C LYS B 884 -7.09 61.07 6.40
N VAL B 885 -7.87 60.38 5.57
CA VAL B 885 -7.49 60.09 4.19
C VAL B 885 -8.63 60.43 3.25
N SER B 886 -8.32 60.34 1.95
CA SER B 886 -9.28 60.53 0.87
C SER B 886 -9.11 59.40 -0.13
N ILE B 887 -10.21 58.71 -0.42
CA ILE B 887 -10.16 57.53 -1.26
C ILE B 887 -10.03 57.93 -2.72
N THR B 888 -9.16 57.25 -3.44
CA THR B 888 -8.91 57.53 -4.84
C THR B 888 -9.43 56.46 -5.79
N SER B 889 -9.40 55.18 -5.40
CA SER B 889 -9.81 54.13 -6.31
C SER B 889 -10.35 52.93 -5.54
N ILE B 890 -11.28 52.22 -6.19
CA ILE B 890 -11.85 50.98 -5.65
C ILE B 890 -11.36 49.84 -6.53
N THR B 891 -11.13 48.69 -5.90
CA THR B 891 -10.70 47.51 -6.65
C THR B 891 -11.19 46.27 -5.93
N VAL B 892 -11.58 45.27 -6.71
CA VAL B 892 -12.05 44.00 -6.16
C VAL B 892 -11.09 42.92 -6.63
N GLU B 893 -10.35 42.33 -5.71
CA GLU B 893 -9.35 41.31 -6.03
C GLU B 893 -9.73 40.02 -5.31
N ASN B 894 -10.23 39.05 -6.07
CA ASN B 894 -10.54 37.72 -5.56
C ASN B 894 -11.58 37.79 -4.44
N VAL B 895 -11.10 37.68 -3.20
CA VAL B 895 -11.96 37.64 -2.02
C VAL B 895 -11.87 38.91 -1.20
N PHE B 896 -11.11 39.90 -1.65
CA PHE B 896 -10.89 41.11 -0.88
C PHE B 896 -11.16 42.33 -1.72
N VAL B 897 -11.29 43.47 -1.05
CA VAL B 897 -11.49 44.76 -1.70
C VAL B 897 -10.36 45.68 -1.26
N LYS B 898 -9.69 46.28 -2.24
CA LYS B 898 -8.60 47.22 -2.00
C LYS B 898 -9.07 48.63 -2.33
N TYR B 899 -8.78 49.56 -1.43
CA TYR B 899 -9.11 50.98 -1.59
C TYR B 899 -7.82 51.77 -1.67
N LYS B 900 -7.56 52.38 -2.83
CA LYS B 900 -6.45 53.32 -2.96
C LYS B 900 -6.87 54.69 -2.42
N ALA B 901 -6.16 55.18 -1.43
CA ALA B 901 -6.46 56.45 -0.79
C ALA B 901 -5.21 57.30 -0.69
N THR B 902 -5.43 58.60 -0.45
CA THR B 902 -4.37 59.59 -0.26
C THR B 902 -4.25 59.94 1.22
N LEU B 903 -3.03 59.92 1.74
CA LEU B 903 -2.79 60.26 3.14
C LEU B 903 -2.80 61.78 3.30
N LEU B 904 -3.82 62.32 3.97
CA LEU B 904 -3.94 63.76 4.06
C LEU B 904 -3.22 64.30 5.29
N ASP B 905 -3.85 64.18 6.46
CA ASP B 905 -3.28 64.65 7.72
C ASP B 905 -3.04 63.49 8.67
N ILE B 906 -1.80 63.35 9.15
CA ILE B 906 -1.43 62.29 10.09
C ILE B 906 -1.72 62.76 11.51
N TYR B 907 -2.43 61.92 12.27
CA TYR B 907 -2.74 62.24 13.65
C TYR B 907 -2.06 61.33 14.67
N LYS B 908 -1.63 60.14 14.26
CA LYS B 908 -0.95 59.23 15.17
C LYS B 908 -0.10 58.25 14.37
N THR B 909 1.03 57.88 14.96
CA THR B 909 1.94 56.90 14.34
C THR B 909 2.67 56.20 15.47
N GLY B 910 2.28 54.96 15.74
CA GLY B 910 2.88 54.17 16.79
C GLY B 910 4.06 53.40 16.23
N GLU B 911 3.89 52.87 15.02
CA GLU B 911 4.88 51.98 14.42
C GLU B 911 5.57 52.73 13.29
N ALA B 912 5.80 52.07 12.16
CA ALA B 912 6.43 52.75 11.04
C ALA B 912 5.59 53.94 10.59
N VAL B 913 6.24 54.88 9.91
CA VAL B 913 5.59 56.10 9.48
C VAL B 913 5.31 56.03 7.98
N ALA B 914 4.28 56.74 7.55
CA ALA B 914 3.97 56.92 6.15
C ALA B 914 3.95 58.42 5.83
N GLU B 915 4.29 58.76 4.59
CA GLU B 915 4.44 60.16 4.21
C GLU B 915 3.09 60.81 3.95
N LYS B 916 3.03 62.12 4.19
CA LYS B 916 1.83 62.88 3.90
C LYS B 916 1.65 63.00 2.39
N ASP B 917 0.40 62.89 1.94
CA ASP B 917 0.04 62.93 0.53
C ASP B 917 0.70 61.81 -0.27
N SER B 918 1.09 60.73 0.40
CA SER B 918 1.54 59.51 -0.25
C SER B 918 0.37 58.55 -0.41
N GLU B 919 0.55 57.57 -1.31
CA GLU B 919 -0.52 56.61 -1.58
C GLU B 919 -0.57 55.52 -0.52
N ILE B 920 -1.76 55.31 0.04
CA ILE B 920 -1.98 54.33 1.09
C ILE B 920 -3.07 53.38 0.62
N THR B 921 -2.89 52.09 0.86
CA THR B 921 -3.84 51.05 0.46
C THR B 921 -4.59 50.54 1.67
N PHE B 922 -5.90 50.34 1.51
CA PHE B 922 -6.73 49.70 2.51
C PHE B 922 -7.30 48.41 1.95
N ILE B 923 -7.59 47.46 2.83
CA ILE B 923 -8.10 46.15 2.44
C ILE B 923 -9.20 45.74 3.41
N LYS B 924 -10.34 45.31 2.85
CA LYS B 924 -11.36 44.68 3.68
C LYS B 924 -11.81 43.40 3.02
N LYS B 925 -12.13 42.42 3.85
CA LYS B 925 -12.79 41.21 3.37
C LYS B 925 -13.98 41.59 2.52
N VAL B 926 -14.10 40.95 1.35
CA VAL B 926 -15.23 41.27 0.48
C VAL B 926 -16.55 40.99 1.20
N THR B 927 -16.60 39.96 2.04
CA THR B 927 -17.81 39.60 2.75
C THR B 927 -18.05 40.53 3.93
N CYS B 928 -17.97 41.84 3.73
CA CYS B 928 -18.28 42.82 4.76
C CYS B 928 -18.95 44.00 4.09
N THR B 929 -20.19 44.27 4.49
CA THR B 929 -21.01 45.24 3.80
C THR B 929 -21.08 46.59 4.47
N ASN B 930 -21.16 46.63 5.80
CA ASN B 930 -21.38 47.90 6.47
C ASN B 930 -20.16 48.79 6.48
N ALA B 931 -19.08 48.39 5.82
CA ALA B 931 -17.90 49.24 5.68
C ALA B 931 -17.74 49.70 4.24
N GLU B 932 -18.87 49.97 3.59
CA GLU B 932 -18.85 50.33 2.19
C GLU B 932 -18.30 51.74 2.02
N LEU B 933 -17.21 51.85 1.28
CA LEU B 933 -16.53 53.13 1.07
C LEU B 933 -16.76 53.61 -0.36
N VAL B 934 -16.99 54.92 -0.49
CA VAL B 934 -17.29 55.54 -1.77
C VAL B 934 -16.04 56.24 -2.29
N LYS B 935 -15.72 56.00 -3.56
CA LYS B 935 -14.55 56.62 -4.17
C LYS B 935 -14.70 58.13 -4.20
N GLY B 936 -13.64 58.84 -3.81
CA GLY B 936 -13.61 60.28 -3.83
C GLY B 936 -13.97 60.94 -2.52
N ARG B 937 -14.56 60.23 -1.58
CA ARG B 937 -14.95 60.82 -0.31
C ARG B 937 -13.82 60.68 0.70
N GLN B 938 -13.80 61.60 1.66
CA GLN B 938 -12.81 61.56 2.74
C GLN B 938 -13.34 60.78 3.92
N TYR B 939 -12.42 60.20 4.68
CA TYR B 939 -12.78 59.38 5.84
C TYR B 939 -11.69 59.52 6.88
N LEU B 940 -12.09 59.51 8.15
CA LEU B 940 -11.18 59.37 9.27
C LEU B 940 -11.07 57.89 9.62
N ILE B 941 -9.85 57.36 9.57
CA ILE B 941 -9.60 55.94 9.76
C ILE B 941 -8.55 55.77 10.85
N MET B 942 -8.85 54.93 11.84
CA MET B 942 -7.96 54.65 12.94
C MET B 942 -7.98 53.14 13.16
N GLY B 943 -6.82 52.54 13.34
CA GLY B 943 -6.79 51.11 13.49
C GLY B 943 -5.45 50.58 13.98
N LYS B 944 -5.36 49.25 13.97
CA LYS B 944 -4.19 48.53 14.43
C LYS B 944 -3.39 48.01 13.25
N GLU B 945 -2.07 48.05 13.39
CA GLU B 945 -1.14 47.33 12.53
C GLU B 945 -1.19 47.78 11.07
N ALA B 946 -0.29 47.21 10.27
CA ALA B 946 -0.19 47.49 8.85
C ALA B 946 0.78 46.47 8.25
N LEU B 947 0.93 46.51 6.94
CA LEU B 947 1.89 45.68 6.24
C LEU B 947 2.82 46.57 5.44
N GLN B 948 4.13 46.34 5.60
CA GLN B 948 5.17 47.09 4.92
C GLN B 948 5.73 46.22 3.81
N ILE B 949 5.43 46.59 2.56
CA ILE B 949 5.86 45.84 1.38
C ILE B 949 6.90 46.66 0.63
N LYS B 950 7.79 45.96 -0.06
CA LYS B 950 8.77 46.61 -0.94
C LYS B 950 8.30 46.41 -2.38
N TYR B 951 7.68 47.43 -2.95
CA TYR B 951 7.19 47.39 -4.33
C TYR B 951 8.06 48.28 -5.20
N ASN B 952 8.34 47.79 -6.42
CA ASN B 952 9.31 48.43 -7.29
C ASN B 952 10.64 48.58 -6.58
N PHE B 953 10.88 49.78 -6.05
CA PHE B 953 12.10 50.04 -5.28
C PHE B 953 11.80 50.81 -4.01
N SER B 954 10.53 50.97 -3.65
CA SER B 954 10.13 51.79 -2.52
C SER B 954 9.19 51.03 -1.62
N PHE B 955 8.91 51.62 -0.47
CA PHE B 955 8.00 51.04 0.50
C PHE B 955 6.56 51.29 0.09
N ARG B 956 5.67 50.50 0.68
CA ARG B 956 4.24 50.65 0.51
C ARG B 956 3.60 50.09 1.77
N TYR B 957 2.53 50.73 2.21
CA TYR B 957 1.85 50.34 3.44
C TYR B 957 0.42 49.98 3.10
N ILE B 958 -0.04 48.86 3.65
CA ILE B 958 -1.40 48.38 3.42
C ILE B 958 -2.04 48.13 4.77
N TYR B 959 -3.27 48.62 4.96
CA TYR B 959 -3.93 48.64 6.26
C TYR B 959 -5.23 47.84 6.20
N PRO B 960 -5.34 46.75 6.95
CA PRO B 960 -6.58 45.98 6.94
C PRO B 960 -7.69 46.65 7.73
N LEU B 961 -8.91 46.40 7.29
CA LEU B 961 -10.11 46.94 7.90
C LEU B 961 -10.80 45.84 8.68
N ASP B 962 -10.60 45.83 9.99
CA ASP B 962 -11.18 44.79 10.82
C ASP B 962 -12.00 45.43 11.94
N SER B 963 -12.37 44.64 12.93
CA SER B 963 -13.03 45.18 14.11
C SER B 963 -12.07 46.10 14.87
N LEU B 964 -12.65 46.98 15.66
CA LEU B 964 -11.91 48.01 16.40
C LEU B 964 -11.16 48.97 15.46
N THR B 965 -11.57 49.02 14.20
CA THR B 965 -11.07 50.00 13.25
C THR B 965 -12.14 51.06 13.09
N TRP B 966 -11.89 52.23 13.65
CA TRP B 966 -12.87 53.33 13.70
C TRP B 966 -12.77 54.14 12.42
N ILE B 967 -13.82 54.12 11.62
CA ILE B 967 -13.87 54.86 10.35
C ILE B 967 -15.13 55.73 10.36
N GLU B 968 -15.00 56.93 9.79
CA GLU B 968 -16.12 57.87 9.73
C GLU B 968 -16.04 58.73 8.47
N TYR B 969 -17.18 58.90 7.83
CA TYR B 969 -17.30 59.76 6.66
C TYR B 969 -17.05 61.21 7.05
N TRP B 970 -16.32 61.94 6.21
CA TRP B 970 -15.85 63.28 6.55
C TRP B 970 -16.00 64.16 5.31
N PRO B 971 -17.11 64.91 5.19
CA PRO B 971 -17.22 65.88 4.09
C PRO B 971 -16.24 67.03 4.25
N ARG B 972 -15.84 67.59 3.11
CA ARG B 972 -14.87 68.66 3.09
C ARG B 972 -15.51 70.03 3.22
N ASP B 973 -16.68 70.25 2.61
CA ASP B 973 -17.32 71.57 2.67
C ASP B 973 -18.08 71.72 3.98
N THR B 974 -19.05 72.64 4.00
CA THR B 974 -19.83 72.88 5.20
C THR B 974 -21.29 73.14 4.84
N THR B 975 -21.73 72.73 3.64
CA THR B 975 -23.12 72.88 3.26
C THR B 975 -23.94 71.64 3.56
N CYS B 976 -23.57 70.89 4.60
CA CYS B 976 -24.27 69.66 4.97
C CYS B 976 -25.35 69.92 5.99
N SER B 977 -25.94 71.12 5.94
CA SER B 977 -26.94 71.60 6.91
C SER B 977 -26.32 71.54 8.30
N SER B 978 -26.85 70.73 9.22
CA SER B 978 -26.34 70.76 10.58
C SER B 978 -24.99 70.09 10.71
N CYS B 979 -24.45 69.53 9.62
CA CYS B 979 -23.15 68.94 9.81
C CYS B 979 -22.08 69.99 9.84
N GLN B 980 -22.45 71.26 9.61
CA GLN B 980 -21.52 72.33 9.94
C GLN B 980 -21.02 72.16 11.37
N ALA B 981 -21.95 71.89 12.29
CA ALA B 981 -21.55 71.64 13.67
C ALA B 981 -20.79 70.33 13.79
N PHE B 982 -21.18 69.35 12.99
CA PHE B 982 -20.47 68.08 12.97
C PHE B 982 -18.99 68.31 12.70
N LEU B 983 -18.68 68.99 11.58
CA LEU B 983 -17.26 69.24 11.33
C LEU B 983 -16.62 70.12 12.39
N ALA B 984 -17.40 70.96 13.07
CA ALA B 984 -16.83 71.74 14.16
C ALA B 984 -16.23 70.83 15.21
N ASN B 985 -17.01 69.88 15.73
CA ASN B 985 -16.44 69.04 16.76
C ASN B 985 -15.40 68.11 16.18
N LEU B 986 -15.57 67.72 14.91
CA LEU B 986 -14.55 66.89 14.28
C LEU B 986 -13.23 67.62 14.24
N ASP B 987 -13.26 68.89 13.78
CA ASP B 987 -12.04 69.68 13.78
C ASP B 987 -11.62 70.07 15.18
N GLU B 988 -12.52 69.98 16.15
CA GLU B 988 -12.08 70.13 17.54
C GLU B 988 -11.16 68.99 17.94
N PHE B 989 -11.61 67.74 17.72
CA PHE B 989 -10.74 66.59 18.03
C PHE B 989 -9.46 66.64 17.22
N ALA B 990 -9.59 66.88 15.92
CA ALA B 990 -8.42 66.92 15.06
C ALA B 990 -7.44 67.98 15.52
N GLU B 991 -7.95 69.07 16.11
CA GLU B 991 -7.03 70.09 16.61
C GLU B 991 -6.39 69.69 17.93
N ASP B 992 -7.14 68.99 18.80
CA ASP B 992 -6.63 68.65 20.13
C ASP B 992 -5.64 67.48 20.14
N ILE B 993 -5.67 66.60 19.14
CA ILE B 993 -4.87 65.39 19.22
C ILE B 993 -3.39 65.70 19.10
N PHE B 994 -3.01 66.55 18.15
CA PHE B 994 -1.58 66.75 17.88
C PHE B 994 -0.94 67.79 18.79
N LEU B 995 -1.72 68.61 19.48
CA LEU B 995 -1.17 69.60 20.39
C LEU B 995 -0.93 69.05 21.78
N ASN B 996 -1.26 67.79 22.03
CA ASN B 996 -1.10 67.20 23.35
C ASN B 996 -0.06 66.09 23.38
N GLY B 997 -0.21 65.06 22.55
CA GLY B 997 0.68 63.92 22.64
C GLY B 997 0.35 63.08 23.87
N CYS B 998 -0.84 62.48 23.88
CA CYS B 998 -1.29 61.69 25.02
C CYS B 998 -0.36 60.54 25.36
N GLU C 18 42.06 29.36 -20.91
CA GLU C 18 41.84 28.95 -22.28
C GLU C 18 40.91 29.93 -23.00
N SER C 19 40.64 29.65 -24.27
CA SER C 19 39.88 30.54 -25.14
C SER C 19 40.54 31.91 -25.24
N ASP C 20 39.84 32.87 -25.83
CA ASP C 20 40.32 34.24 -25.88
C ASP C 20 39.40 35.09 -25.01
N CYS C 21 39.99 35.95 -24.19
CA CYS C 21 39.26 36.70 -23.19
C CYS C 21 38.77 38.04 -23.72
N THR C 22 38.96 38.28 -25.01
CA THR C 22 38.43 39.49 -25.60
C THR C 22 36.91 39.41 -25.63
N GLY C 23 36.27 40.36 -24.96
CA GLY C 23 34.81 40.35 -24.88
C GLY C 23 34.26 41.76 -24.77
N SER C 24 33.09 41.96 -25.35
CA SER C 24 32.38 43.24 -25.30
C SER C 24 33.24 44.41 -25.74
N GLU C 25 33.35 44.61 -27.03
CA GLU C 25 34.04 45.78 -27.56
C GLU C 25 33.07 46.53 -28.47
N PRO C 26 32.86 47.82 -28.20
CA PRO C 26 33.46 48.61 -27.11
C PRO C 26 32.79 48.38 -25.78
N VAL C 27 33.38 48.88 -24.71
CA VAL C 27 32.83 48.68 -23.37
C VAL C 27 31.77 49.74 -23.11
N ASP C 28 30.55 49.30 -22.83
CA ASP C 28 29.49 50.20 -22.40
C ASP C 28 29.12 49.87 -20.96
N ALA C 29 29.12 50.88 -20.10
CA ALA C 29 28.86 50.64 -18.69
C ALA C 29 27.45 50.12 -18.48
N PHE C 30 26.46 50.73 -19.13
CA PHE C 30 25.09 50.28 -18.96
C PHE C 30 24.93 48.84 -19.39
N GLN C 31 25.58 48.45 -20.48
CA GLN C 31 25.57 47.04 -20.87
C GLN C 31 26.29 46.20 -19.84
N ALA C 32 27.40 46.70 -19.31
CA ALA C 32 28.13 45.97 -18.29
C ALA C 32 27.33 45.82 -17.02
N PHE C 33 26.36 46.70 -16.78
CA PHE C 33 25.49 46.57 -15.62
C PHE C 33 24.20 45.80 -15.92
N SER C 34 24.20 45.03 -17.01
CA SER C 34 23.03 44.27 -17.42
C SER C 34 21.82 45.17 -17.61
N GLU C 35 22.06 46.39 -18.06
CA GLU C 35 21.02 47.39 -18.30
C GLU C 35 20.21 47.67 -17.06
N GLY C 36 20.82 47.52 -15.90
CA GLY C 36 20.16 47.83 -14.64
C GLY C 36 19.10 46.83 -14.25
N LYS C 37 19.23 45.58 -14.70
CA LYS C 37 18.28 44.54 -14.38
C LYS C 37 18.82 43.52 -13.39
N GLU C 38 20.10 43.55 -13.07
CA GLU C 38 20.71 42.55 -12.22
C GLU C 38 21.56 43.23 -11.18
N ALA C 39 21.88 42.47 -10.13
CA ALA C 39 22.73 42.95 -9.06
C ALA C 39 24.12 42.35 -9.21
N TYR C 40 25.13 43.12 -8.86
CA TYR C 40 26.53 42.70 -8.97
C TYR C 40 27.22 42.79 -7.62
N VAL C 41 28.16 41.87 -7.40
CA VAL C 41 28.89 41.76 -6.13
C VAL C 41 30.36 41.97 -6.40
N LEU C 42 31.04 42.64 -5.46
CA LEU C 42 32.46 42.89 -5.55
C LEU C 42 33.21 41.65 -5.08
N VAL C 43 34.04 41.07 -5.95
CA VAL C 43 34.76 39.86 -5.60
C VAL C 43 36.26 40.08 -5.46
N ARG C 44 36.82 41.09 -6.13
CA ARG C 44 38.25 41.41 -6.00
C ARG C 44 38.42 42.91 -6.03
N SER C 45 39.35 43.41 -5.22
CA SER C 45 39.62 44.84 -5.19
C SER C 45 41.00 45.08 -4.60
N THR C 46 41.71 46.03 -5.22
CA THR C 46 43.00 46.46 -4.69
C THR C 46 42.84 47.52 -3.60
N ASP C 47 41.63 48.01 -3.37
CA ASP C 47 41.38 48.98 -2.30
C ASP C 47 41.49 48.30 -0.94
N PRO C 48 42.44 48.69 -0.08
CA PRO C 48 42.53 48.07 1.24
C PRO C 48 41.33 48.35 2.13
N LYS C 49 40.54 49.37 1.83
CA LYS C 49 39.36 49.68 2.63
C LYS C 49 38.08 49.17 1.99
N ALA C 50 38.19 48.19 1.10
CA ALA C 50 37.02 47.69 0.40
C ALA C 50 36.00 47.12 1.39
N ARG C 51 34.76 47.54 1.23
CA ARG C 51 33.70 47.14 2.14
C ARG C 51 33.41 45.64 2.04
N ASP C 52 33.26 44.98 3.18
CA ASP C 52 32.97 43.55 3.17
C ASP C 52 31.59 43.30 2.58
N CYS C 53 31.52 42.29 1.72
CA CYS C 53 30.25 41.82 1.16
C CYS C 53 29.55 42.92 0.39
N LEU C 54 30.32 43.69 -0.37
CA LEU C 54 29.75 44.82 -1.09
C LEU C 54 28.96 44.31 -2.28
N LYS C 55 27.68 44.68 -2.34
CA LYS C 55 26.78 44.32 -3.41
C LYS C 55 26.04 45.56 -3.88
N GLY C 56 26.01 45.77 -5.19
CA GLY C 56 25.28 46.87 -5.78
C GLY C 56 24.09 46.35 -6.56
N GLU C 57 22.92 46.91 -6.28
CA GLU C 57 21.73 46.50 -7.00
C GLU C 57 20.97 47.73 -7.45
N PRO C 58 20.29 47.65 -8.59
CA PRO C 58 19.54 48.80 -9.08
C PRO C 58 18.43 49.18 -8.11
N ALA C 59 18.35 50.48 -7.79
CA ALA C 59 17.36 51.02 -6.89
C ALA C 59 16.30 51.85 -7.61
N GLY C 60 16.23 51.75 -8.93
CA GLY C 60 15.25 52.52 -9.68
C GLY C 60 15.42 52.32 -11.16
N GLU C 61 14.59 53.03 -11.92
CA GLU C 61 14.59 52.96 -13.37
C GLU C 61 15.65 53.90 -13.95
N LYS C 62 15.93 53.69 -15.24
CA LYS C 62 16.88 54.52 -15.99
C LYS C 62 16.20 55.82 -16.41
N GLN C 63 16.51 56.90 -15.73
CA GLN C 63 16.00 58.22 -16.08
C GLN C 63 17.16 59.06 -16.61
N ASP C 64 17.07 59.48 -17.86
CA ASP C 64 18.13 60.26 -18.52
C ASP C 64 19.41 59.42 -18.45
N ASN C 65 20.57 60.04 -18.25
CA ASN C 65 21.82 59.32 -18.14
C ASN C 65 22.11 58.85 -16.73
N THR C 66 21.24 59.14 -15.77
CA THR C 66 21.47 58.73 -14.40
C THR C 66 20.65 57.49 -14.05
N LEU C 67 21.00 56.88 -12.92
CA LEU C 67 20.48 55.58 -12.50
C LEU C 67 20.67 55.35 -11.01
N PRO C 68 19.59 55.14 -10.25
CA PRO C 68 19.73 54.90 -8.80
C PRO C 68 20.30 53.52 -8.51
N VAL C 69 21.28 53.47 -7.62
CA VAL C 69 21.99 52.24 -7.27
C VAL C 69 22.07 52.15 -5.76
N MET C 70 21.49 51.10 -5.20
CA MET C 70 21.56 50.81 -3.77
C MET C 70 22.76 49.92 -3.48
N MET C 71 23.58 50.31 -2.51
CA MET C 71 24.78 49.59 -2.15
C MET C 71 24.62 48.98 -0.77
N THR C 72 24.67 47.66 -0.69
CA THR C 72 24.61 46.94 0.58
C THR C 72 25.99 46.43 0.92
N PHE C 73 26.34 46.45 2.19
CA PHE C 73 27.65 45.96 2.62
C PHE C 73 27.54 45.64 4.10
N LYS C 74 28.62 45.13 4.67
CA LYS C 74 28.60 44.70 6.06
C LYS C 74 29.79 45.27 6.80
N GLN C 75 29.52 45.86 7.96
CA GLN C 75 30.53 46.35 8.88
C GLN C 75 30.44 45.49 10.13
N GLY C 76 31.48 44.72 10.40
CA GLY C 76 31.43 43.78 11.50
C GLY C 76 30.34 42.75 11.24
N THR C 77 29.39 42.65 12.16
CA THR C 77 28.23 41.78 12.01
C THR C 77 26.96 42.55 11.70
N ASP C 78 27.07 43.82 11.31
CA ASP C 78 25.92 44.65 11.03
C ASP C 78 25.83 44.93 9.54
N TRP C 79 24.65 44.68 8.97
CA TRP C 79 24.42 44.97 7.57
C TRP C 79 23.97 46.41 7.43
N ALA C 80 24.48 47.08 6.39
CA ALA C 80 24.17 48.46 6.12
C ALA C 80 23.88 48.64 4.64
N SER C 81 23.12 49.68 4.33
CA SER C 81 22.78 50.00 2.96
C SER C 81 22.81 51.51 2.77
N THR C 82 23.47 51.97 1.71
CA THR C 82 23.55 53.38 1.38
C THR C 82 23.06 53.55 -0.04
N ASP C 83 22.30 54.62 -0.26
CA ASP C 83 21.78 54.93 -1.59
C ASP C 83 22.76 55.80 -2.37
N TRP C 84 22.92 55.48 -3.65
CA TRP C 84 23.82 56.19 -4.54
C TRP C 84 23.11 56.47 -5.86
N THR C 85 23.70 57.38 -6.62
CA THR C 85 23.24 57.69 -7.96
C THR C 85 24.40 57.60 -8.93
N PHE C 86 24.20 56.89 -10.03
CA PHE C 86 25.23 56.70 -11.05
C PHE C 86 24.89 57.55 -12.26
N THR C 87 25.88 58.27 -12.77
CA THR C 87 25.74 59.05 -13.99
C THR C 87 26.58 58.37 -15.06
N LEU C 88 25.93 57.73 -16.01
CA LEU C 88 26.61 56.90 -16.99
C LEU C 88 26.89 57.68 -18.27
N ASP C 89 28.14 57.66 -18.72
CA ASP C 89 28.54 58.28 -19.97
C ASP C 89 29.43 57.27 -20.69
N GLY C 90 28.84 56.49 -21.60
CA GLY C 90 29.57 55.47 -22.32
C GLY C 90 30.17 54.42 -21.40
N ALA C 91 31.49 54.40 -21.30
CA ALA C 91 32.17 53.49 -20.40
C ALA C 91 32.43 54.08 -19.03
N LYS C 92 32.33 55.40 -18.89
CA LYS C 92 32.60 56.08 -17.65
C LYS C 92 31.35 56.15 -16.79
N VAL C 93 31.55 56.10 -15.47
CA VAL C 93 30.48 56.19 -14.50
C VAL C 93 30.90 57.20 -13.44
N THR C 94 30.05 58.20 -13.21
CA THR C 94 30.28 59.18 -12.16
C THR C 94 29.27 58.88 -11.08
N ALA C 95 29.71 58.14 -10.06
CA ALA C 95 28.87 57.80 -8.93
C ALA C 95 28.91 58.90 -7.89
N THR C 96 27.79 59.09 -7.21
CA THR C 96 27.76 60.12 -6.19
C THR C 96 26.69 59.82 -5.15
N LEU C 97 26.98 60.22 -3.91
CA LEU C 97 26.02 60.18 -2.81
C LEU C 97 26.17 61.48 -2.03
N GLY C 98 25.11 62.28 -2.00
CA GLY C 98 25.14 63.57 -1.35
C GLY C 98 26.23 64.47 -1.89
N GLN C 99 27.29 64.67 -1.11
CA GLN C 99 28.41 65.47 -1.56
C GLN C 99 29.59 64.63 -2.02
N LEU C 100 29.65 63.36 -1.62
CA LEU C 100 30.77 62.51 -2.00
C LEU C 100 30.62 62.07 -3.45
N THR C 101 31.67 62.24 -4.23
CA THR C 101 31.69 61.83 -5.62
C THR C 101 32.83 60.84 -5.85
N GLN C 102 32.64 59.97 -6.83
CA GLN C 102 33.59 58.93 -7.17
C GLN C 102 33.53 58.66 -8.66
N ASN C 103 34.69 58.74 -9.31
CA ASN C 103 34.81 58.53 -10.75
C ASN C 103 35.31 57.12 -11.03
N ARG C 104 34.61 56.43 -11.93
CA ARG C 104 34.97 55.07 -12.31
C ARG C 104 34.93 54.93 -13.82
N GLU C 105 35.64 53.93 -14.32
CA GLU C 105 35.57 53.58 -15.73
C GLU C 105 35.66 52.06 -15.88
N VAL C 106 34.63 51.47 -16.47
CA VAL C 106 34.65 50.04 -16.78
C VAL C 106 35.66 49.81 -17.89
N VAL C 107 36.77 49.16 -17.57
CA VAL C 107 37.83 48.93 -18.55
C VAL C 107 37.74 47.58 -19.22
N TYR C 108 36.87 46.70 -18.76
CA TYR C 108 36.69 45.39 -19.39
C TYR C 108 35.34 44.84 -19.01
N ASP C 109 34.68 44.17 -19.94
CA ASP C 109 33.37 43.57 -19.70
C ASP C 109 33.31 42.23 -20.42
N SER C 110 32.92 41.19 -19.70
CA SER C 110 32.88 39.87 -20.28
C SER C 110 31.88 39.82 -21.42
N GLN C 111 31.98 38.77 -22.23
CA GLN C 111 31.15 38.69 -23.42
C GLN C 111 29.67 38.62 -23.11
N SER C 112 29.29 38.01 -21.99
CA SER C 112 27.89 37.90 -21.63
C SER C 112 27.49 38.88 -20.55
N HIS C 113 28.35 39.83 -20.23
CA HIS C 113 28.08 40.84 -19.20
C HIS C 113 27.84 40.18 -17.85
N HIS C 114 28.57 39.10 -17.58
CA HIS C 114 28.51 38.41 -16.30
C HIS C 114 29.48 38.98 -15.29
N CYS C 115 30.57 39.58 -15.77
CA CYS C 115 31.54 40.22 -14.88
C CYS C 115 32.20 41.35 -15.65
N HIS C 116 32.72 42.31 -14.90
CA HIS C 116 33.40 43.44 -15.48
C HIS C 116 34.48 43.93 -14.53
N VAL C 117 35.43 44.66 -15.07
CA VAL C 117 36.55 45.20 -14.30
C VAL C 117 36.47 46.71 -14.30
N ASP C 118 36.34 47.30 -13.13
CA ASP C 118 36.30 48.75 -12.97
C ASP C 118 37.67 49.31 -12.62
N LYS C 119 37.87 50.57 -13.01
CA LYS C 119 39.06 51.34 -12.65
C LYS C 119 38.57 52.58 -11.93
N VAL C 120 38.86 52.68 -10.64
CA VAL C 120 38.48 53.86 -9.87
C VAL C 120 39.67 54.80 -9.81
N GLU C 121 39.38 56.09 -9.99
CA GLU C 121 40.37 57.15 -10.16
C GLU C 121 40.69 57.82 -8.83
N LYS C 122 41.97 57.97 -8.56
CA LYS C 122 42.50 58.71 -7.42
C LYS C 122 44.01 58.84 -7.65
N GLU C 123 44.73 59.23 -6.59
CA GLU C 123 46.17 59.36 -6.73
C GLU C 123 46.80 58.01 -7.05
N VAL C 124 46.36 56.97 -6.37
CA VAL C 124 46.73 55.60 -6.68
C VAL C 124 45.47 54.89 -7.17
N PRO C 125 45.23 54.85 -8.48
CA PRO C 125 43.96 54.32 -9.00
C PRO C 125 43.80 52.85 -8.67
N ASP C 126 42.68 52.50 -8.03
CA ASP C 126 42.41 51.11 -7.71
C ASP C 126 41.62 50.40 -8.82
N TYR C 127 41.72 49.08 -8.85
CA TYR C 127 41.01 48.28 -9.83
C TYR C 127 40.14 47.25 -9.12
N GLU C 128 38.91 47.09 -9.61
CA GLU C 128 37.94 46.22 -8.98
C GLU C 128 37.37 45.25 -10.01
N MET C 129 36.90 44.10 -9.52
CA MET C 129 36.22 43.10 -10.33
C MET C 129 34.83 42.88 -9.76
N TRP C 130 33.80 43.04 -10.59
CA TRP C 130 32.43 42.79 -10.21
C TRP C 130 31.85 41.66 -11.04
N MET C 131 30.89 40.93 -10.45
CA MET C 131 30.25 39.82 -11.15
C MET C 131 28.82 39.68 -10.66
N LEU C 132 27.98 39.09 -11.52
CA LEU C 132 26.58 38.87 -11.20
C LEU C 132 26.42 38.16 -9.87
N ASP C 133 25.60 38.73 -8.99
CA ASP C 133 25.31 38.06 -7.73
C ASP C 133 24.74 36.69 -8.01
N ALA C 134 23.97 36.55 -9.07
CA ALA C 134 23.42 35.26 -9.46
C ALA C 134 24.48 34.28 -9.93
N GLY C 135 25.68 34.73 -10.22
CA GLY C 135 26.69 33.85 -10.75
C GLY C 135 26.99 34.15 -12.21
N GLY C 136 28.14 33.64 -12.66
CA GLY C 136 28.54 33.87 -14.04
C GLY C 136 29.17 32.63 -14.62
N LEU C 137 29.26 32.64 -15.95
CA LEU C 137 29.93 31.56 -16.64
C LEU C 137 31.40 31.53 -16.24
N GLU C 138 31.88 30.35 -15.84
CA GLU C 138 33.17 30.30 -15.18
C GLU C 138 34.30 30.76 -16.09
N VAL C 139 34.21 30.48 -17.39
CA VAL C 139 35.30 30.93 -18.26
C VAL C 139 35.33 32.45 -18.33
N GLU C 140 34.17 33.10 -18.38
CA GLU C 140 34.16 34.55 -18.42
C GLU C 140 34.59 35.13 -17.08
N VAL C 141 34.15 34.54 -15.98
CA VAL C 141 34.61 35.01 -14.67
C VAL C 141 36.13 34.92 -14.60
N GLU C 142 36.68 33.83 -15.13
CA GLU C 142 38.13 33.69 -15.13
C GLU C 142 38.79 34.74 -16.03
N CYS C 143 38.14 35.12 -17.13
CA CYS C 143 38.70 36.17 -17.97
C CYS C 143 38.73 37.49 -17.24
N CYS C 144 37.63 37.88 -16.59
CA CYS C 144 37.67 39.08 -15.78
C CYS C 144 38.77 38.99 -14.73
N ARG C 145 38.97 37.82 -14.14
CA ARG C 145 40.04 37.69 -13.15
C ARG C 145 41.41 37.93 -13.77
N GLN C 146 41.66 37.42 -14.98
CA GLN C 146 42.93 37.70 -15.62
C GLN C 146 43.12 39.19 -15.84
N LYS C 147 42.08 39.87 -16.32
CA LYS C 147 42.21 41.30 -16.53
C LYS C 147 42.55 42.01 -15.23
N LEU C 148 41.86 41.66 -14.15
CA LEU C 148 42.15 42.33 -12.88
C LEU C 148 43.58 42.04 -12.42
N GLU C 149 44.06 40.81 -12.59
CA GLU C 149 45.42 40.54 -12.19
C GLU C 149 46.43 41.29 -13.04
N GLU C 150 46.09 41.52 -14.31
CA GLU C 150 46.98 42.30 -15.15
C GLU C 150 47.02 43.74 -14.69
N LEU C 151 45.85 44.34 -14.45
CA LEU C 151 45.83 45.74 -14.03
C LEU C 151 46.46 45.92 -12.65
N ALA C 152 46.19 45.01 -11.73
CA ALA C 152 46.73 45.20 -10.39
C ALA C 152 48.24 45.12 -10.39
N SER C 153 48.80 44.26 -11.23
CA SER C 153 50.24 44.16 -11.43
C SER C 153 50.97 43.98 -10.10
N GLY C 154 50.61 42.92 -9.39
CA GLY C 154 51.31 42.54 -8.19
C GLY C 154 50.80 43.17 -6.92
N ARG C 155 49.78 44.02 -6.99
CA ARG C 155 49.29 44.65 -5.78
C ARG C 155 48.43 43.66 -4.97
N ASN C 156 48.34 43.92 -3.67
CA ASN C 156 47.55 43.06 -2.79
C ASN C 156 46.07 43.18 -3.13
N GLN C 157 45.40 42.04 -3.27
CA GLN C 157 43.99 42.02 -3.61
C GLN C 157 43.15 41.69 -2.37
N MET C 158 42.02 42.36 -2.26
CA MET C 158 41.03 42.05 -1.24
C MET C 158 39.91 41.22 -1.88
N TYR C 159 39.28 40.37 -1.09
CA TYR C 159 38.19 39.50 -1.55
C TYR C 159 36.96 39.81 -0.70
N PRO C 160 36.18 40.83 -1.04
CA PRO C 160 35.10 41.26 -0.16
C PRO C 160 34.00 40.24 0.01
N HIS C 161 33.87 39.27 -0.90
CA HIS C 161 32.81 38.27 -0.80
C HIS C 161 33.16 37.11 0.10
N LEU C 162 34.43 36.96 0.48
CA LEU C 162 34.84 35.91 1.39
C LEU C 162 34.81 36.34 2.83
N LYS C 163 34.02 37.35 3.16
CA LYS C 163 33.97 37.87 4.53
C LYS C 163 32.76 37.38 5.29
N ASP C 164 32.41 36.10 5.12
CA ASP C 164 31.26 35.49 5.77
C ASP C 164 29.99 36.31 5.47
N CYS C 165 29.60 36.27 4.21
CA CYS C 165 28.48 37.05 3.71
C CYS C 165 27.17 36.27 3.74
N ASP D 15 30.82 -18.67 -27.55
CA ASP D 15 30.13 -19.95 -27.66
C ASP D 15 30.29 -20.77 -26.39
N GLN D 16 29.19 -21.42 -26.01
CA GLN D 16 29.11 -22.61 -25.16
C GLN D 16 27.67 -22.73 -24.71
N CYS D 17 27.30 -21.97 -23.68
CA CYS D 17 25.91 -21.79 -23.32
C CYS D 17 25.28 -20.82 -24.29
N ALA D 18 25.22 -21.22 -25.55
CA ALA D 18 24.60 -20.38 -26.53
C ALA D 18 23.08 -20.59 -26.54
N ASN D 19 22.65 -21.85 -26.56
CA ASN D 19 21.23 -22.10 -26.76
C ASN D 19 20.74 -23.35 -26.04
N VAL D 20 21.41 -23.79 -24.99
CA VAL D 20 20.99 -25.01 -24.31
C VAL D 20 19.97 -24.64 -23.24
N THR D 21 18.82 -25.29 -23.28
CA THR D 21 17.84 -25.07 -22.24
C THR D 21 18.40 -25.50 -20.89
N CYS D 22 17.86 -24.89 -19.83
CA CYS D 22 18.13 -25.31 -18.47
C CYS D 22 16.79 -25.54 -17.80
N ARG D 23 16.85 -26.12 -16.60
CA ARG D 23 15.65 -26.68 -16.01
C ARG D 23 15.82 -26.70 -14.50
N ARG D 24 14.73 -26.45 -13.80
CA ARG D 24 14.69 -26.47 -12.35
C ARG D 24 13.61 -27.44 -11.90
N THR D 25 13.97 -28.29 -10.95
CA THR D 25 13.21 -29.47 -10.59
C THR D 25 13.25 -29.64 -9.08
N VAL D 26 12.57 -30.68 -8.60
CA VAL D 26 12.38 -30.93 -7.17
C VAL D 26 12.67 -32.40 -6.86
N ASP D 27 13.63 -32.64 -5.99
CA ASP D 27 13.85 -34.02 -5.56
C ASP D 27 12.88 -34.34 -4.43
N ASN D 28 12.75 -35.63 -4.13
CA ASN D 28 11.79 -36.11 -3.13
C ASN D 28 11.95 -35.44 -1.77
N ARG D 29 12.99 -34.65 -1.57
CA ARG D 29 13.18 -33.97 -0.30
C ARG D 29 12.63 -32.56 -0.31
N GLY D 30 12.21 -32.06 -1.47
CA GLY D 30 11.72 -30.71 -1.59
C GLY D 30 12.72 -29.70 -2.06
N LYS D 31 13.98 -30.09 -2.26
CA LYS D 31 14.96 -29.13 -2.72
C LYS D 31 14.72 -28.79 -4.18
N ARG D 32 15.23 -27.65 -4.59
CA ARG D 32 15.20 -27.23 -5.97
C ARG D 32 16.58 -27.46 -6.55
N HIS D 33 16.64 -27.98 -7.76
CA HIS D 33 17.92 -28.18 -8.41
C HIS D 33 17.83 -27.72 -9.85
N ILE D 34 18.94 -27.21 -10.36
CA ILE D 34 19.01 -26.72 -11.72
C ILE D 34 20.02 -27.57 -12.48
N ASP D 35 19.67 -27.94 -13.70
CA ASP D 35 20.57 -28.69 -14.55
C ASP D 35 20.27 -28.33 -15.99
N GLY D 36 20.95 -29.00 -16.91
CA GLY D 36 20.94 -28.62 -18.30
C GLY D 36 21.94 -27.56 -18.67
N CYS D 37 22.55 -26.91 -17.69
CA CYS D 37 23.41 -25.76 -17.92
C CYS D 37 24.86 -26.18 -17.83
N PRO D 38 25.64 -26.06 -18.89
CA PRO D 38 27.06 -26.42 -18.83
C PRO D 38 27.78 -25.55 -17.81
N PRO D 39 29.03 -25.85 -17.47
CA PRO D 39 29.72 -25.08 -16.44
C PRO D 39 30.02 -23.67 -16.93
N GLY D 40 30.28 -22.80 -15.98
CA GLY D 40 30.58 -21.41 -16.27
C GLY D 40 29.44 -20.63 -16.87
N CYS D 41 28.20 -20.93 -16.49
CA CYS D 41 27.06 -20.25 -17.06
C CYS D 41 25.97 -20.15 -16.02
N LEU D 42 24.92 -19.39 -16.36
CA LEU D 42 23.84 -19.17 -15.42
C LEU D 42 22.52 -19.53 -16.09
N CYS D 43 21.61 -20.08 -15.30
CA CYS D 43 20.28 -20.41 -15.78
C CYS D 43 19.31 -19.27 -15.53
N VAL D 44 18.58 -18.87 -16.57
CA VAL D 44 17.55 -17.85 -16.45
C VAL D 44 16.22 -18.51 -16.73
N LEU D 45 15.35 -18.48 -15.72
CA LEU D 45 14.11 -19.24 -15.69
C LEU D 45 12.94 -18.29 -15.84
N LYS D 46 12.08 -18.55 -16.82
CA LYS D 46 10.90 -17.72 -17.02
C LYS D 46 9.72 -18.31 -16.26
N GLY D 47 8.74 -17.46 -15.98
CA GLY D 47 7.49 -17.91 -15.44
C GLY D 47 7.44 -17.72 -13.95
N PRO D 48 6.24 -17.83 -13.38
CA PRO D 48 6.04 -17.53 -11.96
C PRO D 48 6.99 -18.31 -11.06
N ASP D 49 7.76 -17.57 -10.25
CA ASP D 49 8.82 -18.16 -9.45
C ASP D 49 8.35 -19.17 -8.43
N SER D 50 7.04 -19.37 -8.26
CA SER D 50 6.56 -20.25 -7.21
C SER D 50 6.32 -21.68 -7.68
N LYS D 51 6.01 -21.87 -8.96
CA LYS D 51 6.07 -23.19 -9.54
C LYS D 51 7.44 -23.80 -9.29
N ASP D 52 7.45 -25.02 -8.75
CA ASP D 52 8.71 -25.69 -8.52
C ASP D 52 9.40 -26.04 -9.84
N ASN D 53 8.64 -26.55 -10.81
CA ASN D 53 9.23 -26.97 -12.08
C ASN D 53 9.26 -25.80 -13.03
N LEU D 54 10.46 -25.33 -13.34
CA LEU D 54 10.61 -24.19 -14.23
C LEU D 54 11.61 -24.56 -15.30
N ASP D 55 11.47 -23.95 -16.47
CA ASP D 55 12.45 -24.18 -17.52
C ASP D 55 12.87 -22.84 -18.09
N GLY D 56 14.12 -22.75 -18.49
CA GLY D 56 14.64 -21.51 -19.03
C GLY D 56 15.78 -21.84 -19.96
N THR D 57 16.67 -20.88 -20.15
CA THR D 57 17.82 -21.12 -21.00
C THR D 57 19.06 -20.61 -20.29
N CYS D 58 20.23 -20.97 -20.82
CA CYS D 58 21.48 -20.67 -20.18
C CYS D 58 22.10 -19.43 -20.82
N TYR D 59 22.74 -18.61 -20.00
CA TYR D 59 23.39 -17.41 -20.46
C TYR D 59 24.85 -17.45 -20.05
N LEU D 60 25.70 -16.94 -20.94
CA LEU D 60 27.10 -17.36 -20.99
C LEU D 60 27.92 -16.89 -19.81
N LEU D 61 27.50 -15.82 -19.13
CA LEU D 61 28.17 -15.34 -17.93
C LEU D 61 29.58 -14.85 -18.23
N ALA D 62 30.11 -13.98 -17.36
CA ALA D 62 31.32 -13.25 -17.69
C ALA D 62 32.36 -13.33 -16.57
N THR D 63 33.42 -12.54 -16.71
CA THR D 63 34.49 -12.48 -15.72
C THR D 63 34.97 -11.04 -15.52
C1 NAG E . -14.11 18.88 25.04
C2 NAG E . -13.72 20.04 25.96
C3 NAG E . -12.37 19.78 26.62
C4 NAG E . -12.34 18.40 27.28
C5 NAG E . -12.74 17.34 26.26
C6 NAG E . -12.82 15.96 26.86
C7 NAG E . -14.63 22.22 25.33
C8 NAG E . -14.46 23.43 24.46
N2 NAG E . -13.69 21.28 25.22
O3 NAG E . -12.17 20.78 27.60
O4 NAG E . -11.00 18.12 27.68
O5 NAG E . -14.05 17.65 25.76
O6 NAG E . -13.70 15.95 27.97
O7 NAG E . -15.57 22.10 26.10
C1 NAG E . -10.89 18.03 29.11
C2 NAG E . -9.49 17.57 29.48
C3 NAG E . -9.33 17.53 31.00
C4 NAG E . -9.71 18.87 31.60
C5 NAG E . -11.11 19.26 31.15
C6 NAG E . -11.51 20.64 31.61
C7 NAG E . -8.45 16.08 27.83
C8 NAG E . -8.26 14.65 27.40
N2 NAG E . -9.20 16.26 28.92
O3 NAG E . -7.99 17.21 31.34
O4 NAG E . -9.70 18.79 33.03
O5 NAG E . -11.17 19.28 29.71
O6 NAG E . -12.68 21.09 30.92
O7 NAG E . -7.95 17.02 27.23
N CYS F . -17.07 2.98 -16.60
CA CYS F . -18.36 2.40 -16.93
C CYS F . -18.46 0.97 -16.44
O CYS F . -17.55 0.18 -16.67
CB CYS F . -18.58 2.46 -18.43
SG CYS F . -17.09 2.16 -19.39
#